data_9JQV
#
_entry.id   9JQV
#
_cell.length_a   96.064
_cell.length_b   82.342
_cell.length_c   125.293
_cell.angle_alpha   90.000
_cell.angle_beta   104.310
_cell.angle_gamma   90.000
#
_symmetry.space_group_name_H-M   'P 1 21 1'
#
loop_
_entity.id
_entity.type
_entity.pdbx_description
1 polymer 'Envelopment polyprotein'
2 polymer 'SD12 heavy chain'
3 polymer 'SD12 light chain'
4 branched 2-acetamido-2-deoxy-beta-D-glucopyranose-(1-4)-2-acetamido-2-deoxy-beta-D-glucopyranose
5 branched beta-D-mannopyranose-(1-4)-2-acetamido-2-deoxy-beta-D-glucopyranose-(1-4)-2-acetamido-2-deoxy-beta-D-glucopyranose
6 non-polymer 2-acetamido-2-deoxy-beta-D-glucopyranose
7 water water
#
loop_
_entity_poly.entity_id
_entity_poly.type
_entity_poly.pdbx_seq_one_letter_code
_entity_poly.pdbx_strand_id
1 'polypeptide(L)'
;GDSGPIICAGPIHSNKSAGIPHLLGYSEKICQIDRLIHVSSWLRNHSQFQGYVGQRGGRSQVSYYPAENSYSRWSGLLSP
CDADWLGMLVVKKARESDMIVPGPSYKGKVFFERPTFDGYVGWGCGSGKSRTESGELCSSDSGTSSGLLPSDRVLWIGDV
ACQLMTPIPEETFLELKSFSQSEFPDICKIDGIVFNQCEGESLPQPFDVAWMDVGHSHKIIMREHKTKWVQESSSKDFVC
YKEGTGPCSESEEKACKTSGSCRGDMQFCKVAGCEHGEETSEAKCRCSLVHKPGEVVVSYGGMRVRPKCYGFSRMMATLH
HHHHH
;
A,B
2 'polypeptide(L)'
;EVQLLESGGGLVQPGGSLRLSCAASGFIFSSYAMSWVRQAPGKGLEWVSAISGSGGSTYYADSVKGRFTISRDNSKNTLY
LQMNSLRDEDTAVYYCAKDRSYVSSGFFDDWGQGTLVTVSSASTKGPSVFPLAPSSKSTSGGTAALGCLVKDYFPEPVTV
SWNSGALTSGVHTFPAVLQSSGLYSLSSVVTVPSSSLGTQTYICNVNHKPSNTKVDKRVEPKS
;
H,C
3 'polypeptide(L)'
;DIQMTQSPSSLSASVGDRVTITCQASQDISNYLNWYQQRPGKAPKLLIFEASNLETGVPSRFSGSGSGTDFTFTISSLQP
EDIATYYCQQYENLLYTFGQGTKLEIKRTVAAPSVFIFPPSDEQLKSGTASVVCLLNNFYPREAKVQWKVDNALQSGNSQ
ESVTEQDSKDSTYSLSSTLTLSKADYEKHKVYACEVTHQGLSSPVTKSFNRGEC
;
L,D
#
# COMPACT_ATOMS: atom_id res chain seq x y z
N ASP A 2 -14.91 -6.78 12.34
CA ASP A 2 -15.99 -6.72 13.32
C ASP A 2 -17.33 -6.42 12.65
N SER A 3 -18.16 -7.45 12.53
CA SER A 3 -19.52 -7.36 12.00
C SER A 3 -19.59 -6.66 10.66
N GLY A 4 -19.57 -5.33 10.66
CA GLY A 4 -19.75 -4.55 9.46
C GLY A 4 -21.13 -3.91 9.43
N PRO A 5 -21.34 -2.97 8.51
CA PRO A 5 -22.64 -2.30 8.43
C PRO A 5 -23.63 -3.03 7.53
N ILE A 6 -24.91 -2.74 7.77
CA ILE A 6 -25.96 -3.34 6.95
C ILE A 6 -25.99 -2.72 5.56
N ILE A 7 -26.10 -1.40 5.48
CA ILE A 7 -26.03 -0.71 4.19
C ILE A 7 -25.02 0.42 4.20
N CYS A 8 -25.03 1.24 5.25
CA CYS A 8 -24.32 2.52 5.26
C CYS A 8 -23.08 2.44 6.15
N ALA A 9 -21.95 2.86 5.60
CA ALA A 9 -20.71 2.97 6.38
C ALA A 9 -20.85 4.07 7.44
N GLY A 10 -20.01 3.95 8.48
CA GLY A 10 -20.05 4.85 9.61
C GLY A 10 -20.05 6.31 9.20
N PRO A 11 -20.74 7.13 9.97
CA PRO A 11 -20.90 8.54 9.57
C PRO A 11 -19.63 9.33 9.82
N ILE A 12 -19.45 10.35 8.99
CA ILE A 12 -18.48 11.42 9.26
C ILE A 12 -19.30 12.70 9.30
N HIS A 13 -19.79 13.04 10.49
CA HIS A 13 -20.64 14.21 10.64
C HIS A 13 -19.83 15.49 10.52
N SER A 14 -20.45 16.51 9.93
CA SER A 14 -19.80 17.79 9.71
C SER A 14 -20.35 18.89 10.61
N ASN A 15 -21.43 18.63 11.35
CA ASN A 15 -22.07 19.68 12.14
C ASN A 15 -22.86 19.04 13.27
N LYS A 16 -22.43 19.28 14.50
CA LYS A 16 -23.14 18.76 15.67
C LYS A 16 -24.54 19.33 15.79
N SER A 17 -24.82 20.46 15.14
CA SER A 17 -26.12 21.12 15.22
C SER A 17 -27.07 20.71 14.09
N ALA A 18 -26.67 19.77 13.25
CA ALA A 18 -27.53 19.34 12.15
C ALA A 18 -28.75 18.60 12.66
N GLY A 19 -29.87 18.80 11.97
CA GLY A 19 -31.10 18.12 12.34
C GLY A 19 -31.14 16.68 11.86
N ILE A 20 -31.89 15.86 12.60
CA ILE A 20 -32.06 14.45 12.30
C ILE A 20 -33.34 14.28 11.50
N PRO A 21 -33.30 13.80 10.26
CA PRO A 21 -34.50 13.77 9.42
C PRO A 21 -35.33 12.52 9.71
N HIS A 22 -36.64 12.71 9.84
CA HIS A 22 -37.55 11.58 10.03
C HIS A 22 -37.77 10.90 8.68
N LEU A 23 -37.17 9.74 8.49
CA LEU A 23 -37.21 9.04 7.22
C LEU A 23 -38.26 7.94 7.26
N LEU A 24 -38.91 7.73 6.12
CA LEU A 24 -40.01 6.78 6.00
C LEU A 24 -39.61 5.44 5.39
N GLY A 25 -38.63 5.44 4.48
CA GLY A 25 -38.20 4.20 3.88
C GLY A 25 -37.59 3.24 4.89
N TYR A 26 -37.83 1.95 4.68
CA TYR A 26 -37.26 0.94 5.56
C TYR A 26 -35.73 0.98 5.51
N SER A 27 -35.16 0.91 4.31
CA SER A 27 -33.71 0.99 4.17
C SER A 27 -33.18 2.35 4.59
N GLU A 28 -33.99 3.41 4.45
CA GLU A 28 -33.60 4.71 4.97
C GLU A 28 -33.42 4.67 6.48
N LYS A 29 -34.37 4.03 7.19
CA LYS A 29 -34.24 3.88 8.63
C LYS A 29 -33.06 3.00 8.99
N ILE A 30 -32.84 1.92 8.25
CA ILE A 30 -31.71 1.03 8.51
C ILE A 30 -30.40 1.79 8.41
N CYS A 31 -30.29 2.67 7.40
CA CYS A 31 -29.08 3.47 7.23
C CYS A 31 -28.81 4.31 8.47
N GLN A 32 -29.84 4.96 9.00
CA GLN A 32 -29.70 5.72 10.23
C GLN A 32 -29.28 4.84 11.39
N ILE A 33 -29.69 3.57 11.38
CA ILE A 33 -29.31 2.64 12.45
C ILE A 33 -27.83 2.28 12.35
N ASP A 34 -27.32 2.08 11.12
CA ASP A 34 -25.91 1.80 10.93
C ASP A 34 -25.04 2.93 11.46
N ARG A 35 -25.52 4.16 11.39
CA ARG A 35 -24.72 5.33 11.73
C ARG A 35 -25.04 5.87 13.11
N LEU A 36 -25.77 5.11 13.93
CA LEU A 36 -26.11 5.51 15.30
C LEU A 36 -26.89 6.82 15.36
N ILE A 37 -27.58 7.17 14.28
CA ILE A 37 -28.43 8.37 14.28
C ILE A 37 -29.53 8.24 15.32
N HIS A 38 -29.97 7.01 15.62
CA HIS A 38 -31.06 6.82 16.57
C HIS A 38 -30.61 7.04 18.00
N VAL A 39 -29.42 6.58 18.37
CA VAL A 39 -28.91 6.83 19.71
C VAL A 39 -28.63 8.31 19.92
N SER A 40 -28.12 8.97 18.88
CA SER A 40 -27.93 10.42 18.96
C SER A 40 -29.27 11.13 19.14
N SER A 41 -30.29 10.70 18.40
CA SER A 41 -31.63 11.26 18.58
C SER A 41 -32.13 11.03 19.99
N TRP A 42 -31.91 9.82 20.52
CA TRP A 42 -32.28 9.52 21.89
C TRP A 42 -31.53 10.44 22.87
N LEU A 43 -30.23 10.66 22.61
CA LEU A 43 -29.43 11.52 23.48
C LEU A 43 -29.93 12.96 23.44
N ARG A 44 -30.25 13.48 22.25
CA ARG A 44 -30.73 14.85 22.15
C ARG A 44 -32.06 15.02 22.86
N ASN A 45 -32.94 14.03 22.75
CA ASN A 45 -34.28 14.14 23.33
C ASN A 45 -34.24 14.12 24.85
N HIS A 46 -33.73 13.03 25.42
CA HIS A 46 -33.91 12.75 26.84
C HIS A 46 -32.83 13.35 27.72
N SER A 47 -31.75 13.90 27.15
CA SER A 47 -30.60 14.28 27.96
C SER A 47 -30.02 15.65 27.63
N GLN A 48 -30.59 16.35 26.65
CA GLN A 48 -30.12 17.68 26.23
C GLN A 48 -28.64 17.62 25.86
N PHE A 49 -28.34 16.76 24.89
CA PHE A 49 -27.00 16.51 24.38
C PHE A 49 -26.92 17.03 22.96
N GLN A 50 -25.82 17.69 22.63
CA GLN A 50 -25.61 18.25 21.29
C GLN A 50 -24.75 17.31 20.47
N GLY A 51 -25.17 17.06 19.23
CA GLY A 51 -24.32 16.36 18.29
C GLY A 51 -24.65 14.90 18.07
N TYR A 52 -23.62 14.09 17.83
CA TYR A 52 -23.80 12.68 17.50
C TYR A 52 -22.78 11.85 18.26
N VAL A 53 -23.11 10.58 18.41
CA VAL A 53 -22.17 9.56 18.81
C VAL A 53 -21.98 8.61 17.63
N GLY A 54 -20.81 8.00 17.56
CA GLY A 54 -20.52 7.06 16.48
C GLY A 54 -19.73 7.61 15.31
N GLN A 55 -19.06 8.75 15.48
CA GLN A 55 -18.26 9.35 14.42
C GLN A 55 -17.27 8.33 13.86
N ARG A 56 -17.44 8.00 12.57
CA ARG A 56 -16.56 7.16 11.78
C ARG A 56 -16.67 5.69 12.17
N GLY A 57 -17.31 5.40 13.30
CA GLY A 57 -17.37 4.04 13.78
C GLY A 57 -18.66 3.36 13.39
N GLY A 58 -19.77 4.06 13.61
CA GLY A 58 -21.06 3.50 13.33
C GLY A 58 -21.49 2.47 14.36
N ARG A 59 -22.58 1.79 14.03
CA ARG A 59 -23.20 0.85 14.95
C ARG A 59 -22.30 -0.33 15.26
N SER A 60 -21.44 -0.73 14.32
CA SER A 60 -20.63 -1.93 14.52
C SER A 60 -19.57 -1.76 15.59
N GLN A 61 -19.17 -0.53 15.93
CA GLN A 61 -18.14 -0.29 16.92
C GLN A 61 -18.70 0.07 18.29
N VAL A 62 -20.00 -0.15 18.51
CA VAL A 62 -20.59 -0.02 19.84
C VAL A 62 -19.95 -1.03 20.81
N SER A 63 -19.85 -0.63 22.07
CA SER A 63 -19.34 -1.53 23.12
C SER A 63 -20.49 -2.25 23.81
N TYR A 64 -20.21 -3.46 24.30
CA TYR A 64 -21.22 -4.35 24.84
C TYR A 64 -20.82 -4.86 26.22
N TYR A 65 -21.82 -5.22 27.02
CA TYR A 65 -21.59 -5.98 28.25
C TYR A 65 -22.52 -7.19 28.26
N PRO A 66 -21.99 -8.42 28.31
CA PRO A 66 -20.56 -8.77 28.32
C PRO A 66 -19.90 -8.48 26.96
N ALA A 67 -18.58 -8.28 26.97
CA ALA A 67 -17.90 -7.78 25.78
C ALA A 67 -17.98 -8.77 24.63
N GLU A 68 -17.89 -10.06 24.92
CA GLU A 68 -17.98 -11.09 23.88
C GLU A 68 -19.45 -11.40 23.64
N ASN A 69 -19.94 -11.04 22.46
CA ASN A 69 -21.37 -10.93 22.17
C ASN A 69 -21.67 -11.69 20.89
N SER A 70 -22.54 -12.70 20.98
CA SER A 70 -22.86 -13.51 19.80
C SER A 70 -23.60 -12.69 18.76
N TYR A 71 -24.74 -12.12 19.13
CA TYR A 71 -25.57 -11.39 18.18
C TYR A 71 -24.91 -10.13 17.64
N SER A 72 -23.82 -9.68 18.28
CA SER A 72 -23.06 -8.57 17.72
C SER A 72 -22.46 -8.94 16.37
N ARG A 73 -22.09 -10.21 16.18
CA ARG A 73 -21.42 -10.63 14.94
C ARG A 73 -22.35 -10.64 13.74
N TRP A 74 -23.66 -10.66 13.96
CA TRP A 74 -24.64 -10.58 12.87
C TRP A 74 -25.14 -9.14 12.80
N SER A 75 -24.68 -8.40 11.79
CA SER A 75 -25.05 -7.00 11.68
C SER A 75 -26.56 -6.82 11.55
N GLY A 76 -27.26 -7.82 11.03
CA GLY A 76 -28.69 -7.72 10.82
C GLY A 76 -29.57 -7.98 12.03
N LEU A 77 -29.03 -8.56 13.10
CA LEU A 77 -29.82 -8.73 14.30
C LEU A 77 -29.98 -7.39 15.01
N LEU A 78 -31.18 -7.14 15.52
CA LEU A 78 -31.56 -5.83 16.01
C LEU A 78 -31.43 -5.75 17.53
N SER A 79 -30.67 -4.75 17.98
CA SER A 79 -30.62 -4.40 19.39
C SER A 79 -31.92 -3.70 19.81
N PRO A 80 -32.16 -3.57 21.11
CA PRO A 80 -33.36 -2.83 21.55
C PRO A 80 -33.41 -1.41 21.00
N CYS A 81 -32.28 -0.71 20.94
CA CYS A 81 -32.27 0.62 20.34
C CYS A 81 -32.69 0.58 18.88
N ASP A 82 -32.19 -0.40 18.13
CA ASP A 82 -32.53 -0.50 16.72
C ASP A 82 -34.02 -0.72 16.53
N ALA A 83 -34.60 -1.64 17.30
CA ALA A 83 -36.03 -1.90 17.20
C ALA A 83 -36.86 -0.70 17.63
N ASP A 84 -36.36 0.06 18.61
CA ASP A 84 -37.03 1.29 19.01
C ASP A 84 -37.14 2.27 17.85
N TRP A 85 -36.06 2.44 17.10
CA TRP A 85 -36.09 3.35 15.94
C TRP A 85 -37.10 2.86 14.91
N LEU A 86 -37.20 1.55 14.73
CA LEU A 86 -38.20 0.97 13.85
C LEU A 86 -39.59 0.91 14.46
N GLY A 87 -39.77 1.45 15.67
CA GLY A 87 -41.09 1.53 16.26
C GLY A 87 -41.64 0.24 16.80
N MET A 88 -40.81 -0.80 16.96
CA MET A 88 -41.27 -2.07 17.50
C MET A 88 -41.36 -2.07 19.03
N LEU A 89 -40.64 -1.16 19.70
CA LEU A 89 -40.71 -1.03 21.15
C LEU A 89 -40.17 0.34 21.52
N VAL A 90 -40.17 0.63 22.81
CA VAL A 90 -39.70 1.91 23.34
C VAL A 90 -38.61 1.64 24.36
N VAL A 91 -37.47 2.31 24.19
CA VAL A 91 -36.43 2.35 25.21
C VAL A 91 -36.69 3.62 26.03
N LYS A 92 -37.19 3.45 27.25
CA LYS A 92 -37.59 4.57 28.08
C LYS A 92 -36.39 5.24 28.73
N LYS A 93 -36.51 6.54 28.97
CA LYS A 93 -35.52 7.24 29.77
C LYS A 93 -35.54 6.71 31.19
N ALA A 94 -34.34 6.56 31.78
CA ALA A 94 -34.24 6.01 33.12
C ALA A 94 -34.84 6.96 34.15
N ARG A 95 -35.31 6.37 35.25
CA ARG A 95 -35.72 7.10 36.43
C ARG A 95 -34.82 6.65 37.59
N GLU A 96 -34.88 7.41 38.70
CA GLU A 96 -34.03 7.09 39.84
C GLU A 96 -34.25 5.69 40.36
N SER A 97 -35.48 5.17 40.22
CA SER A 97 -35.80 3.84 40.72
C SER A 97 -35.15 2.74 39.89
N ASP A 98 -34.95 2.98 38.59
CA ASP A 98 -34.36 1.96 37.73
C ASP A 98 -32.94 1.64 38.18
N MET A 99 -32.70 0.37 38.48
CA MET A 99 -31.43 -0.04 39.07
C MET A 99 -30.34 -0.15 38.01
N ILE A 100 -29.27 0.62 38.20
CA ILE A 100 -28.08 0.47 37.37
C ILE A 100 -27.32 -0.77 37.83
N VAL A 101 -27.01 -1.67 36.90
CA VAL A 101 -26.46 -2.97 37.25
C VAL A 101 -24.95 -2.89 37.38
N PRO A 102 -24.34 -3.66 38.28
CA PRO A 102 -22.88 -3.71 38.36
C PRO A 102 -22.31 -4.65 37.32
N GLY A 103 -21.06 -4.39 36.93
CA GLY A 103 -20.37 -5.22 35.97
C GLY A 103 -19.92 -4.52 34.69
N PRO A 104 -20.79 -3.72 34.07
CA PRO A 104 -20.34 -2.95 32.91
C PRO A 104 -19.32 -1.88 33.30
N SER A 105 -18.46 -1.55 32.34
CA SER A 105 -17.48 -0.47 32.50
C SER A 105 -18.14 0.82 32.00
N TYR A 106 -18.76 1.55 32.92
CA TYR A 106 -19.55 2.72 32.57
C TYR A 106 -18.72 3.98 32.34
N LYS A 107 -17.46 3.98 32.76
CA LYS A 107 -16.67 5.21 32.76
C LYS A 107 -16.52 5.77 31.34
N GLY A 108 -16.76 7.06 31.18
CA GLY A 108 -16.62 7.67 29.88
C GLY A 108 -17.72 7.34 28.88
N LYS A 109 -18.75 6.61 29.31
CA LYS A 109 -19.87 6.29 28.43
C LYS A 109 -20.88 7.44 28.45
N VAL A 110 -21.46 7.71 27.29
CA VAL A 110 -22.40 8.83 27.17
C VAL A 110 -23.82 8.26 27.16
N PHE A 111 -23.97 7.04 26.66
CA PHE A 111 -25.26 6.35 26.65
C PHE A 111 -25.05 4.88 26.95
N PHE A 112 -25.92 4.32 27.79
CA PHE A 112 -25.99 2.87 27.92
C PHE A 112 -27.44 2.44 28.10
N GLU A 113 -27.71 1.21 27.67
CA GLU A 113 -29.06 0.68 27.58
C GLU A 113 -29.11 -0.70 28.21
N ARG A 114 -30.20 -1.00 28.90
CA ARG A 114 -30.38 -2.26 29.59
C ARG A 114 -31.82 -2.76 29.43
N PRO A 115 -32.01 -3.99 28.98
CA PRO A 115 -33.35 -4.59 29.03
C PRO A 115 -33.75 -4.88 30.46
N THR A 116 -34.92 -4.39 30.86
CA THR A 116 -35.45 -4.64 32.19
C THR A 116 -36.55 -5.69 32.13
N PHE A 117 -37.06 -6.08 33.29
CA PHE A 117 -38.08 -7.13 33.34
C PHE A 117 -39.36 -6.69 32.64
N ASP A 118 -39.73 -5.42 32.76
CA ASP A 118 -40.98 -4.90 32.19
C ASP A 118 -40.74 -4.00 30.97
N GLY A 119 -39.51 -3.93 30.47
CA GLY A 119 -39.26 -3.03 29.34
C GLY A 119 -37.78 -2.87 29.07
N TYR A 120 -37.43 -1.72 28.48
CA TYR A 120 -36.08 -1.42 28.06
C TYR A 120 -35.76 0.02 28.46
N VAL A 121 -34.61 0.21 29.09
CA VAL A 121 -34.27 1.48 29.75
C VAL A 121 -32.91 1.96 29.28
N GLY A 122 -32.82 3.27 29.01
CA GLY A 122 -31.57 3.88 28.61
C GLY A 122 -31.19 5.02 29.54
N TRP A 123 -29.87 5.17 29.74
CA TRP A 123 -29.30 6.25 30.55
C TRP A 123 -28.43 7.14 29.67
N GLY A 124 -28.65 8.47 29.75
CA GLY A 124 -27.95 9.42 28.93
C GLY A 124 -27.10 10.39 29.74
N CYS A 125 -26.26 11.14 29.03
CA CYS A 125 -25.51 12.25 29.59
C CYS A 125 -25.60 13.44 28.65
N GLY A 126 -25.55 14.64 29.22
CA GLY A 126 -25.63 15.86 28.44
C GLY A 126 -24.30 16.26 27.84
N SER A 127 -24.31 17.41 27.18
CA SER A 127 -23.09 17.92 26.53
C SER A 127 -22.01 18.15 27.56
N GLY A 128 -20.78 17.80 27.19
CA GLY A 128 -19.61 18.02 28.01
C GLY A 128 -19.40 17.03 29.13
N LYS A 129 -20.20 15.98 29.23
CA LYS A 129 -20.13 15.08 30.37
C LYS A 129 -20.21 13.63 29.92
N SER A 130 -19.73 12.74 30.79
CA SER A 130 -19.85 11.30 30.61
C SER A 130 -20.00 10.66 31.98
N ARG A 131 -20.29 9.35 31.97
CA ARG A 131 -20.64 8.64 33.19
C ARG A 131 -19.41 8.37 34.06
N THR A 132 -19.63 8.42 35.37
CA THR A 132 -18.59 8.05 36.31
C THR A 132 -18.41 6.52 36.34
N GLU A 133 -17.45 6.07 37.14
CA GLU A 133 -17.10 4.65 37.18
C GLU A 133 -18.31 3.78 37.53
N SER A 134 -19.16 4.27 38.42
CA SER A 134 -20.32 3.53 38.88
C SER A 134 -21.56 3.68 37.98
N GLY A 135 -21.52 4.62 37.04
CA GLY A 135 -22.68 4.88 36.19
C GLY A 135 -23.76 5.72 36.82
N GLU A 136 -23.63 6.09 38.10
CA GLU A 136 -24.70 6.79 38.77
C GLU A 136 -24.81 8.24 38.33
N LEU A 137 -23.71 8.84 37.86
CA LEU A 137 -23.67 10.26 37.59
C LEU A 137 -22.94 10.53 36.29
N CYS A 138 -23.21 11.71 35.72
CA CYS A 138 -22.44 12.25 34.62
C CYS A 138 -21.51 13.33 35.15
N SER A 139 -20.25 13.29 34.71
CA SER A 139 -19.25 14.25 35.14
C SER A 139 -18.53 14.83 33.94
N SER A 140 -17.96 16.02 34.13
CA SER A 140 -17.32 16.74 33.04
C SER A 140 -16.23 15.89 32.38
N ASP A 141 -16.26 15.83 31.06
CA ASP A 141 -15.34 15.03 30.26
C ASP A 141 -14.70 15.94 29.22
N SER A 142 -13.40 16.22 29.41
CA SER A 142 -12.73 17.20 28.57
C SER A 142 -12.52 16.72 27.15
N GLY A 143 -12.85 15.47 26.83
CA GLY A 143 -12.77 14.97 25.48
C GLY A 143 -14.07 14.93 24.70
N THR A 144 -15.19 15.40 25.28
CA THR A 144 -16.50 15.21 24.67
C THR A 144 -17.10 16.49 24.08
N SER A 145 -16.42 17.64 24.22
CA SER A 145 -17.04 18.91 23.87
C SER A 145 -17.21 19.12 22.37
N SER A 146 -16.59 18.28 21.52
CA SER A 146 -16.80 18.45 20.09
C SER A 146 -18.23 18.10 19.67
N GLY A 147 -18.93 17.31 20.45
CA GLY A 147 -20.23 16.81 20.06
C GLY A 147 -20.20 15.76 18.97
N LEU A 148 -19.01 15.36 18.52
CA LEU A 148 -18.84 14.34 17.50
C LEU A 148 -17.93 13.26 18.12
N LEU A 149 -18.56 12.30 18.78
CA LEU A 149 -17.92 11.34 19.67
C LEU A 149 -17.86 9.95 19.05
N PRO A 150 -16.90 9.13 19.43
CA PRO A 150 -16.77 7.79 18.82
C PRO A 150 -17.87 6.84 19.30
N SER A 151 -17.93 5.68 18.60
CA SER A 151 -19.00 4.72 18.82
C SER A 151 -18.93 4.08 20.20
N ASP A 152 -17.73 3.80 20.70
CA ASP A 152 -17.64 3.02 21.94
C ASP A 152 -18.16 3.79 23.14
N ARG A 153 -18.51 5.07 22.98
CA ARG A 153 -19.23 5.80 24.02
C ARG A 153 -20.65 5.29 24.20
N VAL A 154 -21.12 4.44 23.30
CA VAL A 154 -22.43 3.79 23.41
C VAL A 154 -22.22 2.39 23.96
N LEU A 155 -22.99 2.04 24.98
CA LEU A 155 -22.90 0.72 25.62
C LEU A 155 -24.26 0.05 25.55
N TRP A 156 -24.29 -1.16 24.99
CA TRP A 156 -25.51 -1.96 24.93
C TRP A 156 -25.30 -3.19 25.81
N ILE A 157 -26.14 -3.32 26.83
CA ILE A 157 -25.97 -4.36 27.85
C ILE A 157 -26.83 -5.54 27.47
N GLY A 158 -26.20 -6.70 27.34
CA GLY A 158 -26.90 -7.93 27.04
C GLY A 158 -26.57 -8.46 25.65
N ASP A 159 -26.88 -9.73 25.47
CA ASP A 159 -26.71 -10.43 24.20
C ASP A 159 -28.12 -10.63 23.65
N VAL A 160 -28.59 -9.67 22.86
CA VAL A 160 -30.00 -9.49 22.58
C VAL A 160 -30.26 -9.51 21.08
N ALA A 161 -31.39 -10.10 20.69
CA ALA A 161 -31.87 -10.04 19.30
C ALA A 161 -33.35 -9.71 19.32
N CYS A 162 -33.75 -8.68 18.57
CA CYS A 162 -35.14 -8.28 18.47
C CYS A 162 -35.62 -8.42 17.02
N GLN A 163 -36.91 -8.62 16.87
CA GLN A 163 -37.49 -9.03 15.59
C GLN A 163 -39.00 -8.78 15.63
N LEU A 164 -39.64 -8.99 14.49
CA LEU A 164 -41.09 -8.93 14.44
C LEU A 164 -41.67 -10.18 15.11
N MET A 165 -42.51 -9.98 16.11
CA MET A 165 -43.08 -11.09 16.85
C MET A 165 -44.36 -11.58 16.21
N THR A 166 -44.68 -12.85 16.43
CA THR A 166 -46.01 -13.36 16.20
C THR A 166 -46.81 -13.16 17.47
N PRO A 167 -47.79 -12.25 17.50
CA PRO A 167 -48.54 -12.01 18.74
C PRO A 167 -49.22 -13.27 19.25
N ILE A 168 -49.24 -13.42 20.56
CA ILE A 168 -49.82 -14.59 21.20
C ILE A 168 -51.01 -14.17 22.05
N PRO A 169 -52.00 -15.05 22.27
CA PRO A 169 -53.15 -14.67 23.10
C PRO A 169 -52.78 -14.64 24.57
N GLU A 170 -53.69 -14.05 25.36
CA GLU A 170 -53.45 -13.89 26.79
C GLU A 170 -53.28 -15.24 27.48
N GLU A 171 -54.07 -16.24 27.07
CA GLU A 171 -53.95 -17.57 27.67
C GLU A 171 -52.54 -18.12 27.54
N THR A 172 -51.92 -17.92 26.37
CA THR A 172 -50.55 -18.35 26.17
C THR A 172 -49.59 -17.64 27.13
N PHE A 173 -49.77 -16.32 27.30
CA PHE A 173 -48.88 -15.56 28.16
C PHE A 173 -49.02 -15.99 29.61
N LEU A 174 -50.26 -16.13 30.09
CA LEU A 174 -50.48 -16.52 31.48
C LEU A 174 -49.90 -17.90 31.76
N GLU A 175 -50.07 -18.84 30.84
CA GLU A 175 -49.44 -20.15 30.99
C GLU A 175 -47.92 -20.03 30.98
N LEU A 176 -47.39 -19.21 30.07
CA LEU A 176 -45.96 -18.94 30.07
C LEU A 176 -45.54 -18.22 31.34
N LYS A 177 -46.39 -17.33 31.86
CA LYS A 177 -46.09 -16.66 33.14
C LYS A 177 -45.94 -17.68 34.27
N SER A 178 -46.89 -18.62 34.37
CA SER A 178 -46.89 -19.53 35.50
C SER A 178 -45.73 -20.52 35.44
N PHE A 179 -45.33 -20.92 34.23
CA PHE A 179 -44.19 -21.83 34.11
C PHE A 179 -42.90 -21.18 34.58
N SER A 180 -42.72 -19.89 34.29
CA SER A 180 -41.52 -19.18 34.75
C SER A 180 -41.51 -19.07 36.26
N GLN A 181 -42.68 -18.83 36.87
CA GLN A 181 -42.77 -18.79 38.32
C GLN A 181 -42.36 -20.13 38.92
N SER A 182 -42.76 -21.24 38.28
CA SER A 182 -42.40 -22.56 38.78
C SER A 182 -40.91 -22.83 38.65
N GLU A 183 -40.28 -22.33 37.58
CA GLU A 183 -38.84 -22.54 37.40
C GLU A 183 -38.00 -21.66 38.31
N PHE A 184 -38.55 -20.56 38.81
CA PHE A 184 -37.82 -19.65 39.70
C PHE A 184 -38.67 -19.39 40.95
N PRO A 185 -38.86 -20.41 41.80
CA PRO A 185 -39.63 -20.18 43.03
C PRO A 185 -38.94 -19.26 44.01
N ASP A 186 -37.61 -19.17 43.97
CA ASP A 186 -36.87 -18.38 44.95
C ASP A 186 -37.00 -16.88 44.71
N ILE A 187 -37.23 -16.47 43.47
CA ILE A 187 -37.22 -15.05 43.14
C ILE A 187 -38.49 -14.37 43.66
N CYS A 188 -38.34 -13.11 44.10
CA CYS A 188 -39.46 -12.29 44.56
C CYS A 188 -39.78 -11.16 43.59
N LYS A 189 -38.81 -10.28 43.33
CA LYS A 189 -38.99 -9.15 42.43
C LYS A 189 -37.80 -9.08 41.48
N ILE A 190 -38.08 -8.67 40.24
CA ILE A 190 -37.06 -8.43 39.23
C ILE A 190 -37.21 -6.99 38.77
N ASP A 191 -36.15 -6.21 38.93
CA ASP A 191 -36.16 -4.79 38.57
C ASP A 191 -37.33 -4.07 39.25
N GLY A 192 -37.56 -4.41 40.52
CA GLY A 192 -38.61 -3.78 41.29
C GLY A 192 -40.02 -4.17 40.94
N ILE A 193 -40.20 -5.23 40.15
CA ILE A 193 -41.52 -5.66 39.68
C ILE A 193 -41.83 -7.02 40.29
N VAL A 194 -43.06 -7.16 40.80
CA VAL A 194 -43.43 -8.40 41.48
C VAL A 194 -43.36 -9.57 40.52
N PHE A 195 -42.59 -10.59 40.91
CA PHE A 195 -42.50 -11.85 40.19
C PHE A 195 -43.25 -12.97 40.89
N ASN A 196 -42.96 -13.19 42.17
CA ASN A 196 -43.78 -13.95 43.10
C ASN A 196 -44.11 -13.07 44.30
N GLN A 197 -44.95 -13.58 45.19
CA GLN A 197 -45.23 -12.93 46.47
C GLN A 197 -44.29 -13.49 47.53
N CYS A 198 -43.59 -12.61 48.25
CA CYS A 198 -42.63 -13.06 49.24
C CYS A 198 -42.87 -12.53 50.65
N GLU A 199 -42.88 -11.21 50.82
CA GLU A 199 -42.77 -10.46 52.08
C GLU A 199 -41.37 -10.58 52.67
N GLY A 200 -40.71 -11.68 52.37
CA GLY A 200 -39.40 -12.03 52.89
C GLY A 200 -38.25 -11.87 51.91
N GLU A 201 -37.95 -10.67 51.46
CA GLU A 201 -36.99 -10.53 50.37
C GLU A 201 -35.59 -10.21 50.86
N SER A 202 -34.62 -10.47 49.99
CA SER A 202 -33.23 -10.07 50.16
C SER A 202 -32.99 -8.76 49.39
N LEU A 203 -31.80 -8.21 49.56
CA LEU A 203 -31.45 -6.98 48.86
C LEU A 203 -31.31 -7.26 47.37
N PRO A 204 -31.45 -6.23 46.52
CA PRO A 204 -31.27 -6.46 45.09
C PRO A 204 -29.89 -7.03 44.77
N GLN A 205 -29.86 -7.94 43.80
CA GLN A 205 -28.68 -8.75 43.53
C GLN A 205 -28.59 -8.98 42.02
N PRO A 206 -27.38 -8.90 41.44
CA PRO A 206 -27.25 -9.10 39.99
C PRO A 206 -27.75 -10.47 39.56
N PHE A 207 -28.41 -10.51 38.41
CA PHE A 207 -29.12 -11.71 37.96
C PHE A 207 -28.98 -11.81 36.43
N ASP A 208 -28.12 -12.73 35.99
CA ASP A 208 -27.93 -13.01 34.57
C ASP A 208 -28.92 -14.11 34.17
N VAL A 209 -29.90 -13.78 33.33
CA VAL A 209 -31.00 -14.68 33.03
C VAL A 209 -31.35 -14.61 31.55
N ALA A 210 -31.82 -15.74 31.02
CA ALA A 210 -32.38 -15.80 29.68
C ALA A 210 -33.86 -15.45 29.74
N TRP A 211 -34.30 -14.62 28.79
CA TRP A 211 -35.67 -14.10 28.80
C TRP A 211 -36.15 -13.95 27.37
N MET A 212 -37.42 -13.54 27.23
CA MET A 212 -37.97 -13.22 25.94
C MET A 212 -39.14 -12.26 26.11
N ASP A 213 -39.28 -11.36 25.14
CA ASP A 213 -40.39 -10.41 25.09
C ASP A 213 -41.45 -10.98 24.17
N VAL A 214 -42.66 -11.18 24.71
CA VAL A 214 -43.78 -11.68 23.91
C VAL A 214 -44.88 -10.63 23.89
N GLY A 215 -44.49 -9.36 24.05
CA GLY A 215 -45.39 -8.24 23.84
C GLY A 215 -46.55 -8.17 24.81
N HIS A 216 -46.35 -8.59 26.05
CA HIS A 216 -47.37 -8.49 27.08
C HIS A 216 -46.82 -7.67 28.25
N SER A 217 -47.53 -7.71 29.37
CA SER A 217 -47.21 -6.95 30.58
C SER A 217 -45.73 -6.96 30.93
N HIS A 218 -45.09 -8.14 30.86
CA HIS A 218 -43.69 -8.25 31.25
C HIS A 218 -43.07 -9.44 30.52
N LYS A 219 -41.75 -9.57 30.66
CA LYS A 219 -40.99 -10.61 29.98
C LYS A 219 -41.21 -11.96 30.65
N ILE A 220 -40.58 -12.98 30.09
CA ILE A 220 -40.70 -14.35 30.57
C ILE A 220 -39.30 -14.94 30.63
N ILE A 221 -38.81 -15.17 31.84
CA ILE A 221 -37.46 -15.66 32.08
C ILE A 221 -37.48 -17.18 32.08
N MET A 222 -36.35 -17.79 31.67
CA MET A 222 -36.29 -19.21 31.39
C MET A 222 -34.97 -19.80 31.86
N ARG A 223 -34.99 -21.07 32.26
CA ARG A 223 -33.77 -21.82 32.53
C ARG A 223 -33.50 -22.87 31.46
N GLU A 224 -34.44 -23.78 31.23
CA GLU A 224 -34.33 -24.76 30.17
C GLU A 224 -35.26 -24.37 29.04
N HIS A 225 -34.70 -24.15 27.87
CA HIS A 225 -35.47 -23.80 26.69
C HIS A 225 -34.68 -24.24 25.47
N LYS A 226 -35.38 -24.33 24.34
CA LYS A 226 -34.77 -24.60 23.05
C LYS A 226 -34.97 -23.40 22.15
N THR A 227 -33.92 -23.04 21.40
CA THR A 227 -34.00 -21.99 20.40
C THR A 227 -33.70 -22.58 19.03
N LYS A 228 -34.46 -22.13 18.03
CA LYS A 228 -34.26 -22.52 16.64
C LYS A 228 -34.37 -21.27 15.78
N TRP A 229 -33.54 -21.17 14.76
CA TRP A 229 -33.58 -20.06 13.82
C TRP A 229 -34.26 -20.54 12.54
N VAL A 230 -35.34 -19.87 12.15
CA VAL A 230 -36.09 -20.21 10.95
C VAL A 230 -35.96 -19.07 9.95
N GLN A 231 -35.91 -19.44 8.67
CA GLN A 231 -35.81 -18.48 7.59
C GLN A 231 -37.19 -18.18 7.03
N GLU A 232 -37.48 -16.91 6.76
CA GLU A 232 -38.81 -16.50 6.38
C GLU A 232 -38.87 -15.68 5.10
N SER A 233 -37.78 -15.09 4.63
CA SER A 233 -37.71 -14.44 3.33
C SER A 233 -38.88 -13.48 3.10
N SER A 234 -39.18 -12.68 4.11
CA SER A 234 -40.09 -11.57 3.96
C SER A 234 -39.32 -10.36 3.44
N SER A 235 -40.06 -9.34 2.98
CA SER A 235 -39.42 -8.16 2.41
C SER A 235 -38.58 -7.42 3.44
N LYS A 236 -38.93 -7.52 4.73
CA LYS A 236 -38.13 -6.88 5.76
C LYS A 236 -36.73 -7.49 5.87
N ASP A 237 -36.50 -8.66 5.29
CA ASP A 237 -35.19 -9.30 5.31
C ASP A 237 -34.24 -8.71 4.26
N PHE A 238 -34.67 -7.73 3.48
CA PHE A 238 -33.88 -7.19 2.39
C PHE A 238 -33.75 -5.67 2.55
N VAL A 239 -32.55 -5.17 2.28
CA VAL A 239 -32.29 -3.74 2.23
C VAL A 239 -31.91 -3.36 0.81
N CYS A 240 -32.32 -2.17 0.39
CA CYS A 240 -32.13 -1.70 -0.97
C CYS A 240 -31.28 -0.44 -0.96
N TYR A 241 -30.28 -0.41 -1.84
CA TYR A 241 -29.36 0.72 -1.93
C TYR A 241 -29.08 1.04 -3.39
N LYS A 242 -28.76 2.29 -3.65
CA LYS A 242 -28.16 2.69 -4.91
C LYS A 242 -26.64 2.71 -4.75
N GLU A 243 -25.93 2.29 -5.78
CA GLU A 243 -24.48 2.46 -5.78
C GLU A 243 -24.16 3.92 -6.05
N GLY A 244 -23.46 4.56 -5.11
CA GLY A 244 -23.26 6.00 -5.14
C GLY A 244 -24.23 6.78 -4.26
N THR A 245 -25.53 6.69 -4.56
CA THR A 245 -26.51 7.50 -3.82
C THR A 245 -26.64 7.05 -2.36
N GLY A 246 -26.72 5.75 -2.12
CA GLY A 246 -26.96 5.24 -0.79
C GLY A 246 -28.28 4.51 -0.68
N PRO A 247 -28.93 4.60 0.48
CA PRO A 247 -30.21 3.89 0.66
C PRO A 247 -31.27 4.39 -0.30
N CYS A 248 -32.05 3.46 -0.84
CA CYS A 248 -33.12 3.82 -1.76
C CYS A 248 -34.24 4.53 -1.00
N SER A 249 -35.00 5.34 -1.75
CA SER A 249 -36.13 6.03 -1.17
C SER A 249 -37.25 5.03 -0.86
N GLU A 250 -38.28 5.51 -0.16
CA GLU A 250 -39.39 4.65 0.21
C GLU A 250 -40.09 4.09 -1.03
N SER A 251 -40.26 4.93 -2.06
CA SER A 251 -40.97 4.51 -3.26
C SER A 251 -40.13 3.56 -4.12
N GLU A 252 -38.83 3.83 -4.25
CA GLU A 252 -37.99 2.91 -5.01
C GLU A 252 -37.90 1.54 -4.35
N GLU A 253 -37.84 1.52 -3.01
CA GLU A 253 -37.79 0.25 -2.29
C GLU A 253 -39.07 -0.54 -2.48
N LYS A 254 -40.23 0.13 -2.39
CA LYS A 254 -41.51 -0.55 -2.62
C LYS A 254 -41.57 -1.12 -4.03
N ALA A 255 -41.11 -0.37 -5.02
CA ALA A 255 -41.14 -0.85 -6.40
C ALA A 255 -40.28 -2.09 -6.57
N CYS A 256 -39.09 -2.10 -5.96
CA CYS A 256 -38.21 -3.26 -6.06
C CYS A 256 -38.86 -4.50 -5.46
N LYS A 257 -39.47 -4.36 -4.29
CA LYS A 257 -39.95 -5.51 -3.53
C LYS A 257 -41.33 -5.99 -3.99
N THR A 258 -41.98 -5.27 -4.90
CA THR A 258 -43.31 -5.65 -5.36
C THR A 258 -43.40 -5.85 -6.87
N SER A 259 -42.35 -5.54 -7.64
CA SER A 259 -42.48 -5.52 -9.09
C SER A 259 -41.33 -6.17 -9.84
N GLY A 260 -40.45 -6.92 -9.16
CA GLY A 260 -39.36 -7.62 -9.80
C GLY A 260 -38.55 -6.83 -10.83
N SER A 261 -38.43 -5.52 -10.60
CA SER A 261 -37.85 -4.62 -11.59
C SER A 261 -36.44 -4.17 -11.24
N CYS A 262 -35.91 -4.55 -10.09
CA CYS A 262 -34.58 -4.13 -9.65
C CYS A 262 -33.62 -5.32 -9.70
N ARG A 263 -32.38 -5.08 -9.30
CA ARG A 263 -31.36 -6.12 -9.25
C ARG A 263 -31.12 -6.52 -7.80
N GLY A 264 -30.45 -7.65 -7.62
CA GLY A 264 -30.20 -8.15 -6.29
C GLY A 264 -29.30 -9.36 -6.31
N ASP A 265 -29.13 -9.96 -5.15
CA ASP A 265 -28.29 -11.14 -5.00
C ASP A 265 -29.13 -12.39 -5.27
N MET A 266 -28.52 -13.56 -5.02
CA MET A 266 -29.18 -14.84 -5.26
C MET A 266 -30.54 -14.91 -4.58
N GLN A 267 -30.60 -14.53 -3.30
CA GLN A 267 -31.83 -14.71 -2.55
C GLN A 267 -32.92 -13.74 -3.01
N PHE A 268 -32.57 -12.46 -3.23
CA PHE A 268 -33.60 -11.47 -3.54
C PHE A 268 -34.31 -11.78 -4.85
N CYS A 269 -33.57 -12.23 -5.87
CA CYS A 269 -34.19 -12.53 -7.15
C CYS A 269 -35.13 -13.73 -7.06
N LYS A 270 -34.83 -14.69 -6.19
CA LYS A 270 -35.75 -15.80 -5.98
C LYS A 270 -37.05 -15.32 -5.33
N VAL A 271 -36.97 -14.37 -4.41
CA VAL A 271 -38.16 -13.95 -3.65
C VAL A 271 -39.00 -12.98 -4.46
N ALA A 272 -38.43 -11.81 -4.80
CA ALA A 272 -39.21 -10.76 -5.43
C ALA A 272 -38.94 -10.63 -6.93
N GLY A 273 -37.85 -11.19 -7.42
CA GLY A 273 -37.56 -11.17 -8.83
C GLY A 273 -36.66 -10.02 -9.23
N CYS A 274 -35.85 -10.25 -10.27
CA CYS A 274 -34.92 -9.24 -10.73
C CYS A 274 -35.01 -9.04 -12.24
N GLU A 275 -34.13 -8.21 -12.79
CA GLU A 275 -34.03 -8.07 -14.24
C GLU A 275 -32.64 -7.59 -14.62
N HIS A 276 -31.91 -8.41 -15.38
CA HIS A 276 -30.60 -8.07 -15.93
C HIS A 276 -30.71 -8.00 -17.45
N GLY A 277 -29.57 -7.78 -18.12
CA GLY A 277 -29.56 -7.56 -19.55
C GLY A 277 -29.97 -6.17 -19.98
N GLU A 278 -30.31 -5.30 -19.04
CA GLU A 278 -30.67 -3.92 -19.32
C GLU A 278 -29.67 -2.92 -18.78
N GLU A 279 -28.99 -3.23 -17.67
CA GLU A 279 -28.21 -2.23 -16.95
C GLU A 279 -27.11 -1.65 -17.82
N THR A 280 -27.32 -0.40 -18.24
CA THR A 280 -26.33 0.42 -18.94
C THR A 280 -25.38 0.99 -17.92
N SER A 281 -24.66 2.05 -18.27
CA SER A 281 -23.81 2.74 -17.29
C SER A 281 -24.58 2.96 -16.00
N GLU A 282 -25.61 3.83 -16.05
CA GLU A 282 -26.62 4.14 -15.02
C GLU A 282 -26.32 3.77 -13.57
N ALA A 283 -27.35 3.81 -12.72
CA ALA A 283 -27.35 3.10 -11.44
C ALA A 283 -28.77 3.04 -10.86
N LYS A 284 -29.39 1.87 -10.85
CA LYS A 284 -30.68 1.70 -10.20
C LYS A 284 -30.48 1.07 -8.82
N CYS A 285 -31.58 0.66 -8.19
CA CYS A 285 -31.55 0.12 -6.85
C CYS A 285 -31.24 -1.38 -6.87
N ARG A 286 -30.34 -1.79 -5.99
CA ARG A 286 -30.06 -3.20 -5.73
C ARG A 286 -30.47 -3.55 -4.30
N CYS A 287 -31.09 -4.71 -4.13
CA CYS A 287 -31.53 -5.17 -2.82
C CYS A 287 -30.83 -6.47 -2.47
N SER A 288 -30.27 -6.54 -1.27
CA SER A 288 -29.51 -7.70 -0.83
C SER A 288 -30.02 -8.18 0.52
N LEU A 289 -29.72 -9.44 0.81
CA LEU A 289 -30.17 -10.07 2.04
C LEU A 289 -29.47 -9.48 3.26
N VAL A 290 -30.23 -9.31 4.35
CA VAL A 290 -29.68 -8.85 5.61
C VAL A 290 -29.04 -10.02 6.33
N HIS A 291 -27.84 -9.81 6.87
CA HIS A 291 -27.03 -10.89 7.45
CA HIS A 291 -27.03 -10.87 7.46
C HIS A 291 -27.56 -11.21 8.85
N LYS A 292 -28.28 -12.32 8.96
CA LYS A 292 -28.84 -12.79 10.22
C LYS A 292 -29.02 -14.29 10.13
N PRO A 293 -29.13 -14.99 11.26
CA PRO A 293 -29.45 -16.43 11.20
C PRO A 293 -30.87 -16.71 10.77
N GLY A 294 -31.77 -15.72 10.80
CA GLY A 294 -33.18 -15.91 10.54
C GLY A 294 -34.02 -15.32 11.66
N GLU A 295 -35.23 -15.81 11.88
CA GLU A 295 -36.00 -15.43 13.05
C GLU A 295 -35.82 -16.49 14.13
N VAL A 296 -35.69 -16.04 15.36
CA VAL A 296 -35.54 -16.96 16.48
C VAL A 296 -36.91 -17.42 16.94
N VAL A 297 -37.05 -18.72 17.14
CA VAL A 297 -38.27 -19.35 17.64
C VAL A 297 -37.88 -20.12 18.90
N VAL A 298 -38.64 -19.95 19.97
CA VAL A 298 -38.25 -20.40 21.30
C VAL A 298 -39.28 -21.41 21.80
N SER A 299 -38.79 -22.60 22.19
CA SER A 299 -39.62 -23.60 22.85
C SER A 299 -39.46 -23.45 24.35
N TYR A 300 -40.59 -23.41 25.07
CA TYR A 300 -40.55 -23.23 26.52
C TYR A 300 -41.88 -23.62 27.12
N GLY A 301 -41.84 -24.54 28.09
CA GLY A 301 -43.03 -24.92 28.83
C GLY A 301 -44.12 -25.56 27.99
N GLY A 302 -43.73 -26.42 27.05
CA GLY A 302 -44.72 -27.04 26.18
C GLY A 302 -45.26 -26.15 25.09
N MET A 303 -44.67 -24.97 24.88
CA MET A 303 -45.13 -24.04 23.87
C MET A 303 -43.96 -23.64 22.98
N ARG A 304 -44.28 -22.89 21.93
CA ARG A 304 -43.30 -22.47 20.93
C ARG A 304 -43.76 -21.15 20.35
N VAL A 305 -42.96 -20.09 20.54
CA VAL A 305 -43.38 -18.75 20.20
C VAL A 305 -42.32 -18.08 19.33
N ARG A 306 -42.76 -17.08 18.56
CA ARG A 306 -41.88 -16.17 17.85
C ARG A 306 -41.89 -14.86 18.63
N PRO A 307 -40.87 -14.57 19.43
CA PRO A 307 -40.94 -13.43 20.35
C PRO A 307 -40.45 -12.13 19.71
N LYS A 308 -40.86 -11.02 20.34
CA LYS A 308 -40.39 -9.72 19.91
C LYS A 308 -38.89 -9.56 20.15
N CYS A 309 -38.41 -9.97 21.31
CA CYS A 309 -36.98 -9.93 21.62
C CYS A 309 -36.62 -11.20 22.40
N TYR A 310 -35.34 -11.53 22.36
CA TYR A 310 -34.82 -12.67 23.10
C TYR A 310 -33.35 -12.44 23.38
N GLY A 311 -32.89 -12.85 24.56
CA GLY A 311 -31.48 -12.74 24.86
C GLY A 311 -31.18 -13.05 26.31
N PHE A 312 -29.89 -13.00 26.62
CA PHE A 312 -29.33 -13.28 27.93
C PHE A 312 -28.69 -11.99 28.44
N SER A 313 -29.23 -11.43 29.52
CA SER A 313 -28.79 -10.13 29.99
C SER A 313 -28.92 -10.04 31.50
N ARG A 314 -28.27 -9.01 32.06
CA ARG A 314 -28.20 -8.83 33.51
C ARG A 314 -29.35 -7.96 34.00
N MET A 315 -30.18 -8.53 34.87
CA MET A 315 -31.19 -7.78 35.59
C MET A 315 -30.95 -7.91 37.09
N MET A 316 -31.75 -7.18 37.87
CA MET A 316 -31.62 -7.18 39.32
C MET A 316 -32.78 -7.94 39.94
N ALA A 317 -32.46 -8.80 40.92
CA ALA A 317 -33.45 -9.69 41.51
C ALA A 317 -33.33 -9.72 43.03
N THR A 318 -34.47 -9.82 43.69
CA THR A 318 -34.55 -10.04 45.13
C THR A 318 -35.03 -11.47 45.39
N LEU A 319 -34.38 -12.14 46.33
CA LEU A 319 -34.58 -13.57 46.57
C LEU A 319 -35.40 -13.81 47.82
N HIS A 320 -35.77 -15.07 48.01
CA HIS A 320 -36.49 -15.51 49.20
C HIS A 320 -35.55 -15.53 50.39
N HIS A 321 -35.98 -14.93 51.50
CA HIS A 321 -35.22 -15.00 52.74
C HIS A 321 -35.45 -16.35 53.42
N HIS A 322 -34.38 -16.90 54.00
CA HIS A 322 -34.47 -18.18 54.69
C HIS A 322 -33.78 -18.11 56.05
N GLU B 1 -10.09 33.96 18.31
CA GLU B 1 -10.10 33.23 19.59
C GLU B 1 -9.28 31.95 19.42
N VAL B 2 -9.65 31.10 18.47
CA VAL B 2 -8.82 29.94 18.20
C VAL B 2 -7.54 30.39 17.51
N GLN B 3 -6.40 30.00 18.08
CA GLN B 3 -5.09 30.33 17.52
C GLN B 3 -4.15 29.15 17.67
N LEU B 4 -3.32 28.92 16.65
CA LEU B 4 -2.30 27.88 16.67
C LEU B 4 -0.96 28.51 16.28
N LEU B 5 0.07 28.24 17.08
CA LEU B 5 1.37 28.89 16.95
C LEU B 5 2.44 27.82 16.83
N GLU B 6 2.98 27.64 15.63
CA GLU B 6 4.05 26.66 15.43
C GLU B 6 5.40 27.25 15.81
N SER B 7 6.33 26.35 16.14
CA SER B 7 7.70 26.72 16.43
C SER B 7 8.56 25.48 16.27
N GLY B 8 9.87 25.68 16.17
CA GLY B 8 10.82 24.59 16.12
C GLY B 8 11.40 24.27 14.76
N GLY B 9 11.00 24.99 13.70
CA GLY B 9 11.61 24.77 12.40
C GLY B 9 12.98 25.41 12.29
N GLY B 10 13.73 24.97 11.30
CA GLY B 10 15.05 25.52 11.07
C GLY B 10 15.89 24.58 10.22
N LEU B 11 17.17 24.95 10.10
CA LEU B 11 18.12 24.14 9.35
C LEU B 11 18.39 22.82 10.06
N VAL B 12 18.49 21.74 9.27
CA VAL B 12 18.89 20.44 9.77
C VAL B 12 19.50 19.65 8.62
N GLN B 13 20.57 18.90 8.89
CA GLN B 13 21.22 18.14 7.85
C GLN B 13 20.55 16.78 7.66
N PRO B 14 20.73 16.16 6.50
CA PRO B 14 20.08 14.87 6.24
C PRO B 14 20.43 13.84 7.30
N GLY B 15 19.45 13.00 7.63
CA GLY B 15 19.57 12.07 8.72
C GLY B 15 19.32 12.67 10.08
N GLY B 16 19.19 13.99 10.16
CA GLY B 16 18.95 14.65 11.43
C GLY B 16 17.51 14.55 11.87
N SER B 17 17.25 15.07 13.06
CA SER B 17 15.93 14.99 13.68
C SER B 17 15.52 16.35 14.20
N LEU B 18 14.21 16.56 14.26
CA LEU B 18 13.64 17.81 14.76
C LEU B 18 12.35 17.50 15.48
N ARG B 19 12.01 18.35 16.45
CA ARG B 19 10.72 18.30 17.12
C ARG B 19 10.00 19.62 16.87
N LEU B 20 8.85 19.55 16.22
CA LEU B 20 8.00 20.72 16.02
C LEU B 20 6.97 20.80 17.14
N SER B 21 6.61 22.03 17.49
CA SER B 21 5.57 22.27 18.48
C SER B 21 4.51 23.19 17.89
N CYS B 22 3.29 23.02 18.38
CA CYS B 22 2.15 23.84 17.96
C CYS B 22 1.34 24.14 19.21
N ALA B 23 1.43 25.38 19.68
CA ALA B 23 0.74 25.81 20.89
C ALA B 23 -0.66 26.29 20.55
N ALA B 24 -1.66 25.74 21.23
CA ALA B 24 -3.06 26.04 20.97
C ALA B 24 -3.65 26.93 22.07
N SER B 25 -4.60 27.76 21.68
CA SER B 25 -5.29 28.62 22.63
C SER B 25 -6.69 28.91 22.10
N GLY B 26 -7.59 29.26 23.01
CA GLY B 26 -8.93 29.69 22.64
C GLY B 26 -9.94 28.59 22.39
N PHE B 27 -9.63 27.35 22.74
CA PHE B 27 -10.59 26.26 22.61
C PHE B 27 -10.19 25.12 23.52
N ILE B 28 -11.09 24.16 23.68
CA ILE B 28 -10.83 23.00 24.54
C ILE B 28 -9.97 22.01 23.76
N PHE B 29 -8.65 22.14 23.91
CA PHE B 29 -7.69 21.38 23.12
C PHE B 29 -7.99 19.87 23.18
N SER B 30 -8.28 19.36 24.37
CA SER B 30 -8.43 17.92 24.56
C SER B 30 -9.68 17.36 23.89
N SER B 31 -10.59 18.19 23.41
CA SER B 31 -11.82 17.70 22.79
C SER B 31 -11.71 17.57 21.27
N TYR B 32 -10.57 17.90 20.67
CA TYR B 32 -10.48 17.98 19.23
C TYR B 32 -9.23 17.29 18.72
N ALA B 33 -9.39 16.53 17.64
CA ALA B 33 -8.26 15.95 16.95
C ALA B 33 -7.45 17.04 16.24
N MET B 34 -6.16 16.79 16.09
CA MET B 34 -5.24 17.72 15.44
C MET B 34 -4.54 17.02 14.28
N SER B 35 -4.10 17.81 13.31
CA SER B 35 -3.42 17.30 12.13
C SER B 35 -2.21 18.16 11.81
N TRP B 36 -1.22 17.54 11.19
CA TRP B 36 -0.06 18.24 10.61
C TRP B 36 -0.14 18.13 9.10
N VAL B 37 -0.06 19.27 8.42
CA VAL B 37 -0.07 19.33 6.97
C VAL B 37 1.12 20.15 6.51
N ARG B 38 1.84 19.67 5.51
CA ARG B 38 3.07 20.31 5.08
C ARG B 38 2.96 20.73 3.61
N GLN B 39 3.89 21.59 3.21
CA GLN B 39 3.88 22.15 1.86
C GLN B 39 5.33 22.46 1.47
N ALA B 40 5.87 21.68 0.54
CA ALA B 40 7.20 21.96 0.03
C ALA B 40 7.19 23.27 -0.76
N PRO B 41 8.33 23.97 -0.82
CA PRO B 41 8.37 25.27 -1.52
C PRO B 41 7.90 25.14 -2.96
N GLY B 42 6.93 25.97 -3.33
CA GLY B 42 6.40 25.99 -4.68
C GLY B 42 5.50 24.83 -5.05
N LYS B 43 5.11 23.99 -4.09
CA LYS B 43 4.32 22.79 -4.35
C LYS B 43 3.00 22.85 -3.59
N GLY B 44 2.26 21.74 -3.62
CA GLY B 44 0.93 21.67 -3.04
C GLY B 44 0.94 21.24 -1.57
N LEU B 45 -0.26 20.95 -1.07
CA LEU B 45 -0.47 20.53 0.31
C LEU B 45 -0.38 19.02 0.43
N GLU B 46 0.28 18.55 1.49
CA GLU B 46 0.42 17.13 1.76
C GLU B 46 0.11 16.87 3.23
N TRP B 47 -0.97 16.15 3.49
CA TRP B 47 -1.28 15.73 4.86
C TRP B 47 -0.21 14.76 5.36
N VAL B 48 0.23 14.97 6.60
CA VAL B 48 1.34 14.25 7.19
C VAL B 48 0.88 13.29 8.28
N SER B 49 0.18 13.80 9.29
CA SER B 49 -0.16 12.98 10.45
C SER B 49 -1.38 13.57 11.14
N ALA B 50 -2.07 12.73 11.91
CA ALA B 50 -3.23 13.15 12.70
C ALA B 50 -3.23 12.40 14.02
N ILE B 51 -3.95 12.96 15.00
CA ILE B 51 -4.00 12.41 16.35
C ILE B 51 -5.36 12.75 16.95
N SER B 52 -5.94 11.79 17.67
CA SER B 52 -7.23 12.03 18.32
C SER B 52 -7.07 12.98 19.49
N GLY B 53 -8.21 13.41 20.04
CA GLY B 53 -8.19 14.42 21.09
C GLY B 53 -7.36 14.00 22.30
N SER B 54 -7.45 12.74 22.70
CA SER B 54 -6.70 12.27 23.86
C SER B 54 -5.30 11.80 23.51
N GLY B 55 -5.06 11.43 22.26
CA GLY B 55 -3.79 10.87 21.85
C GLY B 55 -3.77 9.36 21.70
N GLY B 56 -4.91 8.69 21.87
CA GLY B 56 -4.95 7.24 21.80
C GLY B 56 -4.95 6.67 20.40
N SER B 57 -5.16 7.50 19.38
CA SER B 57 -5.11 7.07 17.99
C SER B 57 -4.18 8.01 17.24
N THR B 58 -3.23 7.43 16.50
CA THR B 58 -2.34 8.20 15.65
C THR B 58 -2.43 7.67 14.22
N TYR B 59 -2.11 8.54 13.27
CA TYR B 59 -2.20 8.23 11.85
C TYR B 59 -1.07 8.94 11.12
N TYR B 60 -0.54 8.29 10.09
CA TYR B 60 0.59 8.82 9.34
C TYR B 60 0.43 8.52 7.86
N ALA B 61 0.92 9.44 7.03
CA ALA B 61 1.05 9.18 5.61
C ALA B 61 2.23 8.25 5.34
N ASP B 62 2.13 7.48 4.26
CA ASP B 62 3.16 6.49 3.96
C ASP B 62 4.51 7.15 3.71
N SER B 63 4.53 8.40 3.28
CA SER B 63 5.79 9.09 3.06
C SER B 63 6.57 9.34 4.34
N VAL B 64 5.91 9.30 5.50
CA VAL B 64 6.57 9.63 6.77
C VAL B 64 6.38 8.56 7.83
N LYS B 65 5.71 7.45 7.52
CA LYS B 65 5.48 6.44 8.54
C LYS B 65 6.79 5.81 9.00
N GLY B 66 6.91 5.60 10.31
CA GLY B 66 8.10 5.03 10.88
C GLY B 66 9.20 6.01 11.17
N ARG B 67 9.22 7.16 10.48
CA ARG B 67 10.18 8.21 10.76
C ARG B 67 9.63 9.35 11.63
N PHE B 68 8.33 9.62 11.54
CA PHE B 68 7.68 10.71 12.25
C PHE B 68 6.81 10.16 13.38
N THR B 69 6.69 10.94 14.45
CA THR B 69 5.80 10.59 15.57
C THR B 69 5.01 11.82 15.99
N ILE B 70 3.71 11.65 16.19
CA ILE B 70 2.82 12.73 16.59
C ILE B 70 2.37 12.47 18.02
N SER B 71 2.33 13.54 18.82
CA SER B 71 1.95 13.44 20.22
C SER B 71 1.36 14.77 20.65
N ARG B 72 0.74 14.77 21.83
CA ARG B 72 0.12 15.98 22.35
C ARG B 72 0.16 15.97 23.88
N ASP B 73 0.31 17.15 24.46
CA ASP B 73 0.19 17.37 25.90
C ASP B 73 -1.06 18.20 26.12
N ASN B 74 -2.12 17.57 26.64
CA ASN B 74 -3.41 18.25 26.80
C ASN B 74 -3.48 19.12 28.05
N SER B 75 -2.48 19.07 28.92
CA SER B 75 -2.39 20.06 29.99
C SER B 75 -1.67 21.33 29.52
N LYS B 76 -0.63 21.17 28.70
CA LYS B 76 0.06 22.31 28.10
C LYS B 76 -0.62 22.83 26.85
N ASN B 77 -1.60 22.10 26.30
CA ASN B 77 -2.32 22.50 25.10
C ASN B 77 -1.38 22.70 23.91
N THR B 78 -0.38 21.83 23.77
CA THR B 78 0.51 21.91 22.62
C THR B 78 0.57 20.55 21.91
N LEU B 79 0.73 20.63 20.59
CA LEU B 79 0.84 19.49 19.70
C LEU B 79 2.28 19.35 19.26
N TYR B 80 2.76 18.12 19.14
CA TYR B 80 4.15 17.87 18.76
C TYR B 80 4.23 17.02 17.49
N LEU B 81 5.33 17.18 16.76
CA LEU B 81 5.69 16.30 15.66
C LEU B 81 7.17 16.02 15.77
N GLN B 82 7.53 14.79 16.10
CA GLN B 82 8.92 14.37 16.15
C GLN B 82 9.30 13.79 14.79
N MET B 83 10.25 14.43 14.11
CA MET B 83 10.69 14.03 12.78
C MET B 83 12.12 13.52 12.87
N ASN B 84 12.32 12.25 12.56
CA ASN B 84 13.65 11.63 12.51
C ASN B 84 13.96 11.19 11.08
N SER B 85 15.22 10.87 10.84
CA SER B 85 15.69 10.33 9.57
C SER B 85 15.29 11.24 8.41
N LEU B 86 15.51 12.54 8.61
CA LEU B 86 15.01 13.54 7.66
C LEU B 86 15.76 13.48 6.33
N ARG B 87 15.03 13.79 5.26
CA ARG B 87 15.55 13.76 3.90
C ARG B 87 15.18 15.06 3.20
N ASP B 88 15.63 15.20 1.95
CA ASP B 88 15.35 16.42 1.20
C ASP B 88 13.87 16.54 0.84
N GLU B 89 13.17 15.42 0.65
CA GLU B 89 11.75 15.50 0.36
C GLU B 89 10.92 15.94 1.55
N ASP B 90 11.52 16.05 2.74
CA ASP B 90 10.85 16.56 3.94
C ASP B 90 10.93 18.07 4.07
N THR B 91 11.75 18.74 3.26
CA THR B 91 11.82 20.21 3.32
C THR B 91 10.47 20.80 2.92
N ALA B 92 9.88 21.58 3.82
CA ALA B 92 8.52 22.09 3.64
C ALA B 92 8.19 23.02 4.80
N VAL B 93 7.16 23.85 4.59
CA VAL B 93 6.50 24.52 5.69
C VAL B 93 5.51 23.56 6.33
N TYR B 94 5.54 23.44 7.65
CA TYR B 94 4.69 22.51 8.37
C TYR B 94 3.63 23.29 9.14
N TYR B 95 2.35 22.96 8.89
CA TYR B 95 1.23 23.57 9.57
C TYR B 95 0.56 22.57 10.50
N CYS B 96 0.09 23.03 11.65
CA CYS B 96 -0.87 22.28 12.44
C CYS B 96 -2.28 22.80 12.15
N ALA B 97 -3.27 21.93 12.37
CA ALA B 97 -4.64 22.29 12.05
C ALA B 97 -5.59 21.68 13.08
N LYS B 98 -6.62 22.45 13.43
CA LYS B 98 -7.67 21.98 14.34
C LYS B 98 -8.76 21.27 13.55
N ASP B 99 -9.11 20.06 13.99
CA ASP B 99 -10.20 19.32 13.39
C ASP B 99 -11.51 19.63 14.12
N ARG B 100 -12.60 19.04 13.65
CA ARG B 100 -13.94 19.34 14.14
C ARG B 100 -14.45 18.32 15.15
N SER B 101 -13.66 17.30 15.46
CA SER B 101 -14.16 16.19 16.26
C SER B 101 -13.03 15.61 17.10
N TYR B 102 -13.43 14.87 18.14
CA TYR B 102 -12.46 14.08 18.89
C TYR B 102 -11.79 13.06 17.99
N VAL B 103 -12.57 12.40 17.14
CA VAL B 103 -12.06 11.47 16.16
C VAL B 103 -11.51 12.26 14.98
N SER B 104 -10.36 11.83 14.47
CA SER B 104 -9.82 12.43 13.27
C SER B 104 -10.84 12.33 12.13
N SER B 105 -11.21 13.47 11.58
CA SER B 105 -12.28 13.52 10.58
C SER B 105 -11.85 14.16 9.26
N GLY B 106 -10.92 15.10 9.28
CA GLY B 106 -10.43 15.71 8.06
C GLY B 106 -10.94 17.11 7.75
N PHE B 107 -11.60 17.76 8.69
CA PHE B 107 -11.99 19.16 8.54
C PHE B 107 -10.90 20.03 9.16
N PHE B 108 -10.12 20.71 8.32
CA PHE B 108 -9.02 21.54 8.80
C PHE B 108 -9.54 22.97 8.97
N ASP B 109 -10.17 23.19 10.13
CA ASP B 109 -10.95 24.41 10.36
C ASP B 109 -10.10 25.59 10.80
N ASP B 110 -8.95 25.34 11.44
CA ASP B 110 -8.06 26.40 11.87
C ASP B 110 -6.62 25.97 11.63
N TRP B 111 -5.80 26.90 11.17
CA TRP B 111 -4.43 26.62 10.79
C TRP B 111 -3.45 27.51 11.56
N GLY B 112 -2.27 26.96 11.84
CA GLY B 112 -1.19 27.78 12.33
C GLY B 112 -0.62 28.64 11.23
N GLN B 113 0.38 29.44 11.59
CA GLN B 113 1.06 30.28 10.61
C GLN B 113 2.12 29.51 9.82
N GLY B 114 2.48 28.30 10.25
CA GLY B 114 3.49 27.51 9.58
C GLY B 114 4.88 27.75 10.13
N THR B 115 5.74 26.73 10.01
CA THR B 115 7.14 26.83 10.37
C THR B 115 7.98 26.06 9.35
N LEU B 116 9.09 26.65 8.94
CA LEU B 116 9.89 26.12 7.83
C LEU B 116 10.95 25.14 8.34
N VAL B 117 11.00 23.96 7.72
CA VAL B 117 12.06 22.98 7.94
C VAL B 117 12.81 22.81 6.64
N THR B 118 14.11 23.11 6.66
CA THR B 118 14.97 22.95 5.50
C THR B 118 16.00 21.86 5.79
N VAL B 119 16.05 20.85 4.91
CA VAL B 119 16.95 19.72 5.07
C VAL B 119 18.07 19.88 4.05
N SER B 120 19.25 20.27 4.52
CA SER B 120 20.42 20.37 3.66
C SER B 120 21.66 20.30 4.54
N SER B 121 22.77 19.87 3.93
CA SER B 121 24.04 19.81 4.63
C SER B 121 24.76 21.17 4.66
N ALA B 122 24.29 22.14 3.88
CA ALA B 122 24.94 23.44 3.81
C ALA B 122 24.80 24.19 5.13
N SER B 123 25.48 25.33 5.21
CA SER B 123 25.67 26.03 6.46
C SER B 123 24.99 27.40 6.44
N THR B 124 24.68 27.89 7.64
CA THR B 124 24.00 29.17 7.80
C THR B 124 24.94 30.34 7.54
N LYS B 125 24.35 31.45 7.07
CA LYS B 125 25.07 32.71 6.93
C LYS B 125 24.07 33.85 7.02
N GLY B 126 24.40 34.86 7.81
CA GLY B 126 23.58 36.05 7.93
C GLY B 126 23.65 36.89 6.66
N PRO B 127 22.63 37.71 6.44
CA PRO B 127 22.57 38.53 5.22
C PRO B 127 23.32 39.85 5.36
N SER B 128 23.60 40.44 4.20
CA SER B 128 24.09 41.81 4.11
C SER B 128 22.94 42.70 3.65
N VAL B 129 22.76 43.84 4.33
CA VAL B 129 21.61 44.71 4.11
C VAL B 129 22.14 46.06 3.62
N PHE B 130 22.11 46.27 2.31
CA PHE B 130 22.46 47.53 1.68
C PHE B 130 21.21 48.33 1.37
N PRO B 131 21.31 49.66 1.30
CA PRO B 131 20.14 50.48 0.97
C PRO B 131 19.96 50.62 -0.54
N LEU B 132 18.81 51.17 -0.91
CA LEU B 132 18.53 51.52 -2.29
C LEU B 132 17.93 52.93 -2.29
N ALA B 133 18.53 53.84 -3.07
CA ALA B 133 18.23 55.27 -3.03
C ALA B 133 16.74 55.58 -3.20
N THR B 143 6.17 61.06 -6.65
CA THR B 143 6.42 59.89 -5.80
C THR B 143 7.69 59.16 -6.21
N ALA B 144 8.53 58.86 -5.22
CA ALA B 144 9.78 58.16 -5.42
C ALA B 144 9.79 56.88 -4.61
N ALA B 145 10.66 55.94 -5.01
CA ALA B 145 10.75 54.65 -4.36
C ALA B 145 12.13 54.47 -3.73
N LEU B 146 12.17 53.66 -2.68
CA LEU B 146 13.40 53.33 -1.99
C LEU B 146 13.25 51.90 -1.46
N GLY B 147 14.32 51.37 -0.86
CA GLY B 147 14.23 50.05 -0.30
C GLY B 147 15.59 49.57 0.17
N CYS B 148 15.62 48.30 0.58
CA CYS B 148 16.82 47.66 1.09
C CYS B 148 17.10 46.39 0.32
N LEU B 149 18.38 46.05 0.21
CA LEU B 149 18.84 44.88 -0.54
C LEU B 149 19.40 43.87 0.46
N VAL B 150 18.66 42.78 0.68
CA VAL B 150 19.05 41.73 1.60
C VAL B 150 19.77 40.66 0.79
N LYS B 151 21.09 40.66 0.86
CA LYS B 151 21.92 39.83 -0.01
C LYS B 151 22.65 38.75 0.78
N ASP B 152 22.82 37.59 0.14
CA ASP B 152 23.78 36.56 0.55
C ASP B 152 23.48 36.03 1.96
N TYR B 153 22.34 35.36 2.07
CA TYR B 153 21.96 34.68 3.30
C TYR B 153 21.49 33.26 2.98
N PHE B 154 21.48 32.44 4.03
CA PHE B 154 20.99 31.07 3.98
C PHE B 154 20.78 30.56 5.40
N PRO B 155 19.69 29.85 5.68
CA PRO B 155 18.58 29.50 4.78
C PRO B 155 17.46 30.54 4.80
N GLU B 156 16.37 30.26 4.12
CA GLU B 156 15.15 31.03 4.28
C GLU B 156 14.60 30.80 5.68
N PRO B 157 13.75 31.71 6.18
CA PRO B 157 13.24 32.95 5.58
C PRO B 157 13.84 34.21 6.19
N VAL B 158 13.54 35.37 5.60
CA VAL B 158 13.82 36.65 6.23
C VAL B 158 12.54 37.49 6.21
N THR B 159 12.32 38.23 7.29
CA THR B 159 11.14 39.07 7.45
C THR B 159 11.60 40.53 7.48
N VAL B 160 11.05 41.34 6.58
CA VAL B 160 11.44 42.74 6.42
C VAL B 160 10.29 43.63 6.87
N SER B 161 10.53 44.44 7.88
CA SER B 161 9.59 45.44 8.35
C SER B 161 10.08 46.83 7.96
N TRP B 162 9.16 47.80 7.96
CA TRP B 162 9.49 49.18 7.65
C TRP B 162 9.03 50.07 8.79
N ASN B 163 9.96 50.81 9.38
CA ASN B 163 9.68 51.70 10.51
C ASN B 163 8.93 50.97 11.61
N SER B 164 9.42 49.78 11.97
CA SER B 164 8.86 48.95 13.03
C SER B 164 7.37 48.68 12.79
N GLY B 165 7.01 48.48 11.53
CA GLY B 165 5.63 48.18 11.16
C GLY B 165 4.75 49.40 10.94
N ALA B 166 5.27 50.60 11.19
CA ALA B 166 4.46 51.81 10.96
C ALA B 166 4.21 52.07 9.48
N LEU B 167 5.01 51.48 8.60
CA LEU B 167 4.90 51.70 7.16
C LEU B 167 4.38 50.41 6.53
N THR B 168 3.17 50.46 5.98
CA THR B 168 2.56 49.30 5.35
C THR B 168 2.12 49.55 3.91
N SER B 169 1.58 50.72 3.62
CA SER B 169 1.07 51.01 2.28
C SER B 169 2.23 51.12 1.29
N GLY B 170 2.10 50.42 0.15
CA GLY B 170 3.07 50.50 -0.92
C GLY B 170 4.28 49.60 -0.77
N VAL B 171 4.32 48.76 0.26
CA VAL B 171 5.48 47.91 0.50
C VAL B 171 5.37 46.65 -0.36
N HIS B 172 6.43 46.35 -1.11
CA HIS B 172 6.54 45.12 -1.87
C HIS B 172 7.84 44.42 -1.46
N THR B 173 7.72 43.28 -0.79
CA THR B 173 8.87 42.48 -0.41
C THR B 173 8.96 41.31 -1.37
N PHE B 174 9.97 41.34 -2.23
CA PHE B 174 10.05 40.38 -3.33
C PHE B 174 10.38 38.97 -2.82
N PRO B 175 9.97 37.94 -3.56
CA PRO B 175 10.47 36.59 -3.26
C PRO B 175 11.98 36.54 -3.44
N ALA B 176 12.64 35.77 -2.58
CA ALA B 176 14.08 35.61 -2.68
C ALA B 176 14.45 34.81 -3.92
N VAL B 177 15.62 35.10 -4.48
CA VAL B 177 16.16 34.32 -5.59
C VAL B 177 17.39 33.57 -5.09
N LEU B 178 17.57 32.37 -5.62
CA LEU B 178 18.73 31.55 -5.29
C LEU B 178 19.85 31.87 -6.26
N GLN B 179 20.99 32.31 -5.73
CA GLN B 179 22.12 32.70 -6.56
C GLN B 179 22.98 31.49 -6.92
N SER B 180 23.91 31.71 -7.86
CA SER B 180 24.88 30.68 -8.21
C SER B 180 25.74 30.29 -7.04
N SER B 181 25.92 31.17 -6.06
CA SER B 181 26.67 30.90 -4.84
C SER B 181 25.95 29.97 -3.90
N GLY B 182 24.70 29.60 -4.19
CA GLY B 182 23.90 28.82 -3.29
C GLY B 182 23.23 29.61 -2.18
N LEU B 183 23.38 30.93 -2.18
CA LEU B 183 22.79 31.80 -1.17
C LEU B 183 21.65 32.60 -1.78
N TYR B 184 20.79 33.12 -0.92
CA TYR B 184 19.59 33.85 -1.32
C TYR B 184 19.82 35.35 -1.32
N SER B 185 19.01 36.05 -2.10
CA SER B 185 19.09 37.50 -2.20
C SER B 185 17.73 38.04 -2.63
N LEU B 186 17.15 38.89 -1.80
CA LEU B 186 15.88 39.55 -2.14
C LEU B 186 16.01 41.04 -1.92
N SER B 187 14.99 41.77 -2.35
CA SER B 187 14.85 43.18 -2.09
C SER B 187 13.45 43.47 -1.55
N SER B 188 13.37 44.47 -0.68
CA SER B 188 12.11 45.05 -0.26
C SER B 188 12.11 46.52 -0.65
N VAL B 189 11.00 46.99 -1.22
CA VAL B 189 10.89 48.35 -1.70
C VAL B 189 9.58 48.96 -1.23
N VAL B 190 9.50 50.28 -1.32
CA VAL B 190 8.32 51.03 -0.91
C VAL B 190 8.33 52.36 -1.64
N THR B 191 7.14 52.84 -2.03
CA THR B 191 6.99 54.12 -2.69
C THR B 191 6.46 55.14 -1.70
N VAL B 192 7.09 56.32 -1.68
CA VAL B 192 6.77 57.38 -0.73
C VAL B 192 6.56 58.67 -1.52
N PRO B 193 5.75 59.64 -1.03
CA PRO B 193 5.31 60.73 -1.91
C PRO B 193 6.31 61.87 -2.13
N SER B 194 7.59 61.52 -2.22
CA SER B 194 8.67 62.33 -2.81
C SER B 194 8.92 63.66 -2.10
N SER B 195 7.99 64.08 -1.26
CA SER B 195 8.25 65.11 -0.26
C SER B 195 8.52 64.46 1.10
N SER B 196 9.40 63.46 1.08
CA SER B 196 9.80 62.69 2.25
C SER B 196 11.21 62.97 2.71
N LEU B 197 12.07 63.41 1.80
CA LEU B 197 13.38 63.92 2.17
C LEU B 197 13.23 64.92 3.30
N GLY B 198 13.85 64.61 4.44
CA GLY B 198 13.69 65.44 5.63
C GLY B 198 12.39 65.28 6.39
N THR B 199 11.26 65.40 5.68
CA THR B 199 9.95 65.36 6.33
C THR B 199 9.62 64.01 6.96
N GLN B 200 10.36 62.96 6.63
CA GLN B 200 10.10 61.64 7.18
C GLN B 200 11.39 60.84 7.25
N THR B 201 11.42 59.88 8.18
CA THR B 201 12.51 58.95 8.35
C THR B 201 12.05 57.56 7.96
N TYR B 202 12.90 56.82 7.23
CA TYR B 202 12.55 55.51 6.70
C TYR B 202 13.62 54.50 7.06
N ILE B 203 13.22 53.47 7.81
CA ILE B 203 14.12 52.44 8.30
C ILE B 203 13.52 51.08 7.97
N CYS B 204 14.33 50.20 7.39
CA CYS B 204 13.92 48.83 7.09
C CYS B 204 14.51 47.88 8.14
N ASN B 205 13.68 47.00 8.67
CA ASN B 205 14.07 46.07 9.72
C ASN B 205 14.16 44.68 9.11
N VAL B 206 15.38 44.17 8.97
CA VAL B 206 15.66 42.90 8.32
C VAL B 206 16.02 41.88 9.38
N ASN B 207 15.28 40.78 9.42
CA ASN B 207 15.49 39.74 10.43
C ASN B 207 15.79 38.40 9.75
N HIS B 208 16.79 37.69 10.27
CA HIS B 208 17.21 36.39 9.76
C HIS B 208 17.42 35.41 10.93
N LYS B 209 16.39 35.24 11.75
CA LYS B 209 16.36 34.40 12.95
C LYS B 209 17.21 33.14 12.86
N PRO B 210 17.24 32.40 11.74
CA PRO B 210 18.14 31.23 11.67
C PRO B 210 19.59 31.55 11.95
N SER B 211 20.04 32.78 11.71
CA SER B 211 21.38 33.21 12.10
C SER B 211 21.33 34.28 13.18
N ASN B 212 20.16 34.56 13.73
CA ASN B 212 19.93 35.60 14.75
C ASN B 212 20.29 37.01 14.26
N THR B 213 20.52 37.17 12.97
CA THR B 213 20.89 38.48 12.43
C THR B 213 19.67 39.40 12.40
N LYS B 214 19.80 40.55 13.07
CA LYS B 214 18.74 41.57 13.10
C LYS B 214 19.37 42.91 12.77
N VAL B 215 18.86 43.57 11.73
CA VAL B 215 19.47 44.77 11.18
C VAL B 215 18.41 45.84 10.97
N ASP B 216 18.74 47.08 11.31
CA ASP B 216 17.88 48.24 11.09
C ASP B 216 18.64 49.26 10.25
N LYS B 217 18.53 49.16 8.94
CA LYS B 217 19.21 50.07 8.04
C LYS B 217 18.37 51.32 7.80
N ARG B 218 19.05 52.45 7.61
CA ARG B 218 18.42 53.71 7.25
C ARG B 218 18.68 54.00 5.79
N VAL B 219 17.67 54.54 5.10
CA VAL B 219 17.74 54.85 3.68
C VAL B 219 17.50 56.34 3.52
N GLU B 220 18.37 57.01 2.75
CA GLU B 220 18.45 58.46 2.72
C GLU B 220 18.93 58.91 1.35
N PRO B 221 18.78 60.20 1.02
CA PRO B 221 18.98 60.62 -0.39
C PRO B 221 20.38 60.44 -0.93
N LYS B 222 21.41 60.93 -0.22
CA LYS B 222 22.81 61.09 -0.66
C LYS B 222 22.97 62.40 -1.42
N SER B 223 24.04 62.50 -2.22
CA SER B 223 24.29 63.71 -3.01
C SER B 223 24.37 63.39 -4.50
N ASP C 1 -3.67 5.97 -0.96
CA ASP C 1 -4.73 5.10 -1.46
C ASP C 1 -5.62 5.84 -2.44
N ILE C 2 -6.33 6.86 -1.95
CA ILE C 2 -7.25 7.63 -2.77
C ILE C 2 -6.51 8.81 -3.36
N GLN C 3 -6.47 8.88 -4.69
CA GLN C 3 -5.75 9.93 -5.40
C GLN C 3 -6.73 10.97 -5.91
N MET C 4 -6.37 12.25 -5.75
CA MET C 4 -7.21 13.36 -6.14
C MET C 4 -6.55 14.15 -7.26
N THR C 5 -7.33 14.44 -8.30
CA THR C 5 -6.85 15.19 -9.45
C THR C 5 -7.72 16.44 -9.63
N GLN C 6 -7.06 17.57 -9.88
CA GLN C 6 -7.74 18.84 -10.12
C GLN C 6 -7.47 19.29 -11.54
N SER C 7 -8.48 19.89 -12.16
CA SER C 7 -8.32 20.59 -13.42
C SER C 7 -9.18 21.84 -13.38
N PRO C 8 -8.72 22.94 -13.98
CA PRO C 8 -7.42 23.13 -14.63
C PRO C 8 -6.31 23.28 -13.61
N SER C 9 -5.04 23.14 -14.00
CA SER C 9 -3.95 23.46 -13.09
C SER C 9 -3.83 24.97 -12.88
N SER C 10 -4.15 25.75 -13.93
CA SER C 10 -4.05 27.19 -13.90
C SER C 10 -5.28 27.77 -14.60
N LEU C 11 -5.59 29.02 -14.27
CA LEU C 11 -6.83 29.62 -14.74
C LEU C 11 -6.75 31.13 -14.61
N SER C 12 -7.15 31.83 -15.67
CA SER C 12 -7.17 33.29 -15.70
C SER C 12 -8.59 33.75 -15.97
N ALA C 13 -9.09 34.67 -15.15
CA ALA C 13 -10.40 35.25 -15.36
C ALA C 13 -10.41 36.66 -14.78
N SER C 14 -11.33 37.48 -15.27
CA SER C 14 -11.43 38.87 -14.81
C SER C 14 -12.62 39.04 -13.87
N VAL C 15 -12.60 40.16 -13.15
CA VAL C 15 -13.57 40.38 -12.08
C VAL C 15 -14.98 40.43 -12.64
N GLY C 16 -15.91 39.73 -11.97
CA GLY C 16 -17.27 39.60 -12.41
C GLY C 16 -17.55 38.34 -13.20
N ASP C 17 -16.52 37.63 -13.64
CA ASP C 17 -16.70 36.41 -14.41
C ASP C 17 -16.99 35.23 -13.49
N ARG C 18 -17.41 34.13 -14.11
CA ARG C 18 -17.71 32.89 -13.41
C ARG C 18 -16.53 31.94 -13.54
N VAL C 19 -16.18 31.29 -12.44
CA VAL C 19 -15.03 30.40 -12.36
C VAL C 19 -15.49 29.04 -11.86
N THR C 20 -15.11 27.98 -12.56
CA THR C 20 -15.44 26.61 -12.16
C THR C 20 -14.18 25.75 -12.14
N ILE C 21 -13.98 25.05 -11.03
CA ILE C 21 -12.84 24.16 -10.81
C ILE C 21 -13.37 22.75 -10.58
N THR C 22 -12.72 21.76 -11.16
CA THR C 22 -13.15 20.38 -11.03
C THR C 22 -12.12 19.58 -10.26
N CYS C 23 -12.61 18.56 -9.56
CA CYS C 23 -11.77 17.70 -8.72
C CYS C 23 -12.34 16.29 -8.80
N GLN C 24 -11.48 15.31 -9.06
CA GLN C 24 -11.91 13.93 -9.19
C GLN C 24 -11.13 13.01 -8.25
N ALA C 25 -11.83 12.03 -7.69
CA ALA C 25 -11.25 11.02 -6.83
C ALA C 25 -11.16 9.69 -7.57
N SER C 26 -10.17 8.87 -7.19
CA SER C 26 -10.00 7.57 -7.81
C SER C 26 -11.04 6.54 -7.35
N GLN C 27 -11.70 6.80 -6.22
CA GLN C 27 -12.78 5.93 -5.75
C GLN C 27 -13.91 6.80 -5.23
N ASP C 28 -15.04 6.15 -4.94
CA ASP C 28 -16.16 6.82 -4.30
C ASP C 28 -15.72 7.40 -2.96
N ILE C 29 -16.07 8.66 -2.72
CA ILE C 29 -15.87 9.31 -1.44
C ILE C 29 -17.17 9.95 -0.99
N SER C 30 -18.29 9.44 -1.51
CA SER C 30 -19.59 10.08 -1.40
C SER C 30 -19.45 11.59 -1.54
N ASN C 31 -19.84 12.34 -0.51
CA ASN C 31 -19.70 13.80 -0.51
C ASN C 31 -18.62 14.26 0.45
N TYR C 32 -17.65 13.40 0.76
CA TYR C 32 -16.62 13.74 1.75
C TYR C 32 -15.46 14.47 1.09
N LEU C 33 -15.76 15.67 0.57
CA LEU C 33 -14.76 16.51 -0.08
C LEU C 33 -14.80 17.92 0.49
N ASN C 34 -13.62 18.48 0.73
CA ASN C 34 -13.47 19.84 1.23
C ASN C 34 -12.69 20.67 0.22
N TRP C 35 -12.88 21.99 0.28
CA TRP C 35 -12.19 22.92 -0.61
C TRP C 35 -11.50 23.99 0.22
N TYR C 36 -10.22 24.22 -0.07
CA TYR C 36 -9.41 25.17 0.65
C TYR C 36 -8.90 26.25 -0.29
N GLN C 37 -8.82 27.47 0.22
CA GLN C 37 -8.24 28.60 -0.49
C GLN C 37 -6.98 29.03 0.22
N GLN C 38 -5.87 29.11 -0.51
CA GLN C 38 -4.61 29.57 0.04
C GLN C 38 -4.21 30.84 -0.70
N ARG C 39 -4.40 31.98 -0.04
CA ARG C 39 -3.98 33.26 -0.58
C ARG C 39 -2.47 33.39 -0.51
N PRO C 40 -1.87 34.26 -1.33
CA PRO C 40 -0.42 34.44 -1.29
C PRO C 40 0.05 34.83 0.10
N GLY C 41 1.00 34.07 0.63
CA GLY C 41 1.61 34.36 1.91
C GLY C 41 0.82 33.92 3.13
N LYS C 42 -0.32 33.24 2.96
CA LYS C 42 -1.17 32.87 4.08
C LYS C 42 -1.42 31.37 4.10
N ALA C 43 -1.89 30.88 5.24
CA ALA C 43 -2.23 29.48 5.38
C ALA C 43 -3.53 29.19 4.63
N PRO C 44 -3.78 27.93 4.28
CA PRO C 44 -5.04 27.58 3.61
C PRO C 44 -6.24 27.88 4.49
N LYS C 45 -7.37 28.16 3.84
CA LYS C 45 -8.61 28.50 4.52
C LYS C 45 -9.74 27.65 3.96
N LEU C 46 -10.49 27.01 4.84
CA LEU C 46 -11.57 26.12 4.42
C LEU C 46 -12.77 26.95 3.95
N LEU C 47 -13.15 26.77 2.70
CA LEU C 47 -14.28 27.49 2.11
C LEU C 47 -15.55 26.67 2.06
N ILE C 48 -15.46 25.40 1.65
CA ILE C 48 -16.61 24.52 1.55
C ILE C 48 -16.24 23.15 2.11
N PHE C 49 -17.15 22.58 2.91
CA PHE C 49 -17.00 21.24 3.45
C PHE C 49 -18.20 20.38 3.05
N GLU C 50 -18.00 19.06 3.10
CA GLU C 50 -19.02 18.10 2.65
C GLU C 50 -19.50 18.43 1.25
N ALA C 51 -18.59 18.96 0.43
CA ALA C 51 -18.72 19.18 -1.00
C ALA C 51 -19.68 20.31 -1.37
N SER C 52 -20.52 20.75 -0.43
CA SER C 52 -21.51 21.78 -0.76
C SER C 52 -21.75 22.81 0.33
N ASN C 53 -21.29 22.61 1.56
CA ASN C 53 -21.65 23.49 2.66
C ASN C 53 -20.66 24.64 2.77
N LEU C 54 -21.18 25.86 2.83
CA LEU C 54 -20.33 27.02 3.02
C LEU C 54 -19.85 27.07 4.47
N GLU C 55 -18.54 27.26 4.65
CA GLU C 55 -18.03 27.52 5.98
C GLU C 55 -18.56 28.86 6.48
N THR C 56 -18.57 29.02 7.81
CA THR C 56 -19.09 30.23 8.41
C THR C 56 -18.33 31.46 7.91
N GLY C 57 -19.08 32.47 7.47
CA GLY C 57 -18.49 33.72 7.03
C GLY C 57 -18.01 33.75 5.60
N VAL C 58 -18.15 32.65 4.85
CA VAL C 58 -17.66 32.58 3.48
C VAL C 58 -18.72 33.17 2.55
N PRO C 59 -18.34 34.10 1.67
CA PRO C 59 -19.35 34.79 0.84
C PRO C 59 -20.13 33.83 -0.05
N SER C 60 -21.37 34.21 -0.33
CA SER C 60 -22.30 33.36 -1.07
C SER C 60 -21.88 33.14 -2.52
N ARG C 61 -20.91 33.89 -3.03
CA ARG C 61 -20.46 33.66 -4.40
C ARG C 61 -19.69 32.34 -4.52
N PHE C 62 -19.28 31.76 -3.40
CA PHE C 62 -18.63 30.45 -3.41
C PHE C 62 -19.68 29.35 -3.28
N SER C 63 -19.51 28.29 -4.06
CA SER C 63 -20.41 27.16 -4.04
C SER C 63 -19.66 25.92 -4.49
N GLY C 64 -20.24 24.76 -4.17
CA GLY C 64 -19.68 23.50 -4.60
C GLY C 64 -20.78 22.47 -4.78
N SER C 65 -20.47 21.44 -5.56
CA SER C 65 -21.39 20.34 -5.77
C SER C 65 -20.63 19.10 -6.21
N GLY C 66 -21.29 17.96 -6.11
CA GLY C 66 -20.71 16.69 -6.48
C GLY C 66 -20.98 15.62 -5.45
N SER C 67 -21.01 14.37 -5.91
CA SER C 67 -21.10 13.21 -5.02
C SER C 67 -20.53 12.01 -5.78
N GLY C 68 -19.74 11.20 -5.08
CA GLY C 68 -19.11 10.06 -5.72
C GLY C 68 -17.65 10.30 -6.05
N THR C 69 -17.36 10.57 -7.32
CA THR C 69 -15.98 10.81 -7.75
C THR C 69 -15.75 12.16 -8.41
N ASP C 70 -16.77 12.80 -8.96
CA ASP C 70 -16.63 14.05 -9.69
C ASP C 70 -17.23 15.20 -8.89
N PHE C 71 -16.44 16.28 -8.72
CA PHE C 71 -16.85 17.39 -7.87
C PHE C 71 -16.49 18.71 -8.53
N THR C 72 -17.15 19.77 -8.10
CA THR C 72 -17.00 21.10 -8.68
C THR C 72 -16.97 22.16 -7.59
N PHE C 73 -16.13 23.17 -7.80
CA PHE C 73 -16.06 24.35 -6.95
C PHE C 73 -16.24 25.57 -7.85
N THR C 74 -17.17 26.45 -7.49
CA THR C 74 -17.57 27.55 -8.36
C THR C 74 -17.48 28.88 -7.63
N ILE C 75 -16.96 29.89 -8.32
CA ILE C 75 -17.06 31.29 -7.89
C ILE C 75 -17.96 31.98 -8.89
N SER C 76 -19.16 32.36 -8.43
CA SER C 76 -20.17 32.89 -9.35
C SER C 76 -19.72 34.20 -9.97
N SER C 77 -19.12 35.09 -9.18
CA SER C 77 -18.71 36.41 -9.65
C SER C 77 -17.36 36.73 -9.03
N LEU C 78 -16.30 36.67 -9.82
CA LEU C 78 -14.94 36.82 -9.31
C LEU C 78 -14.73 38.19 -8.66
N GLN C 79 -13.98 38.19 -7.57
CA GLN C 79 -13.56 39.41 -6.90
C GLN C 79 -12.05 39.39 -6.74
N PRO C 80 -11.42 40.57 -6.68
CA PRO C 80 -9.94 40.61 -6.65
C PRO C 80 -9.32 39.84 -5.49
N GLU C 81 -9.98 39.78 -4.35
CA GLU C 81 -9.43 39.08 -3.19
C GLU C 81 -9.44 37.56 -3.36
N ASP C 82 -10.09 37.04 -4.41
CA ASP C 82 -10.11 35.61 -4.67
C ASP C 82 -8.80 35.08 -5.26
N ILE C 83 -7.84 35.97 -5.53
CA ILE C 83 -6.55 35.54 -6.07
C ILE C 83 -5.92 34.56 -5.09
N ALA C 84 -5.74 33.31 -5.52
CA ALA C 84 -5.26 32.26 -4.64
C ALA C 84 -5.02 31.00 -5.47
N THR C 85 -4.58 29.95 -4.77
CA THR C 85 -4.57 28.59 -5.27
C THR C 85 -5.56 27.76 -4.46
N TYR C 86 -6.39 26.99 -5.14
CA TYR C 86 -7.50 26.26 -4.52
C TYR C 86 -7.22 24.77 -4.52
N TYR C 87 -7.42 24.14 -3.36
CA TYR C 87 -7.14 22.72 -3.17
C TYR C 87 -8.41 22.00 -2.75
N CYS C 88 -8.67 20.84 -3.35
CA CYS C 88 -9.68 19.92 -2.85
C CYS C 88 -9.02 18.85 -1.98
N GLN C 89 -9.82 18.24 -1.12
CA GLN C 89 -9.30 17.26 -0.18
C GLN C 89 -10.39 16.27 0.19
N GLN C 90 -10.07 14.98 0.07
CA GLN C 90 -10.99 13.93 0.48
C GLN C 90 -10.74 13.57 1.94
N TYR C 91 -11.82 13.23 2.64
CA TYR C 91 -11.71 12.71 3.99
C TYR C 91 -12.57 11.48 4.20
N GLU C 92 -12.92 10.78 3.12
CA GLU C 92 -13.54 9.46 3.26
C GLU C 92 -12.62 8.50 4.00
N ASN C 93 -11.34 8.52 3.65
CA ASN C 93 -10.32 7.72 4.30
C ASN C 93 -9.57 8.58 5.31
N LEU C 94 -9.11 7.94 6.38
CA LEU C 94 -8.38 8.65 7.43
C LEU C 94 -7.06 9.22 6.91
N LEU C 95 -6.49 8.61 5.88
CA LEU C 95 -5.23 9.08 5.28
C LEU C 95 -5.59 10.11 4.23
N TYR C 96 -5.72 11.36 4.66
CA TYR C 96 -6.26 12.43 3.83
C TYR C 96 -5.32 12.79 2.70
N THR C 97 -5.90 13.11 1.54
CA THR C 97 -5.12 13.46 0.35
C THR C 97 -5.70 14.70 -0.29
N PHE C 98 -4.82 15.55 -0.80
CA PHE C 98 -5.19 16.80 -1.45
C PHE C 98 -5.08 16.65 -2.96
N GLY C 99 -5.87 17.46 -3.67
CA GLY C 99 -5.60 17.69 -5.07
C GLY C 99 -4.32 18.50 -5.24
N GLN C 100 -3.87 18.61 -6.49
CA GLN C 100 -2.63 19.31 -6.77
C GLN C 100 -2.78 20.82 -6.75
N GLY C 101 -3.98 21.33 -6.82
CA GLY C 101 -4.21 22.76 -6.72
C GLY C 101 -4.53 23.38 -8.07
N THR C 102 -5.30 24.47 -8.03
CA THR C 102 -5.62 25.28 -9.20
C THR C 102 -5.28 26.72 -8.88
N LYS C 103 -4.40 27.31 -9.69
CA LYS C 103 -3.96 28.68 -9.48
C LYS C 103 -4.87 29.63 -10.27
N LEU C 104 -5.43 30.62 -9.58
CA LEU C 104 -6.39 31.54 -10.17
C LEU C 104 -5.75 32.91 -10.33
N GLU C 105 -5.58 33.34 -11.59
CA GLU C 105 -5.15 34.69 -11.90
C GLU C 105 -6.37 35.58 -12.11
N ILE C 106 -6.20 36.86 -11.80
CA ILE C 106 -7.24 37.86 -12.01
C ILE C 106 -6.81 38.71 -13.20
N LYS C 107 -7.58 38.65 -14.27
CA LYS C 107 -7.36 39.54 -15.40
C LYS C 107 -7.91 40.92 -15.08
N ARG C 108 -7.27 41.94 -15.63
CA ARG C 108 -7.70 43.31 -15.39
C ARG C 108 -7.18 44.19 -16.52
N THR C 109 -7.40 45.50 -16.40
CA THR C 109 -6.92 46.45 -17.39
C THR C 109 -5.40 46.47 -17.40
N VAL C 110 -4.84 46.75 -18.58
CA VAL C 110 -3.40 46.91 -18.71
C VAL C 110 -2.95 48.09 -17.87
N ALA C 111 -1.80 47.94 -17.22
CA ALA C 111 -1.24 49.00 -16.38
C ALA C 111 0.26 49.08 -16.65
N ALA C 112 0.72 50.27 -17.03
CA ALA C 112 2.15 50.47 -17.24
C ALA C 112 2.88 50.38 -15.91
N PRO C 113 4.09 49.82 -15.89
CA PRO C 113 4.88 49.84 -14.65
C PRO C 113 5.54 51.18 -14.42
N SER C 114 5.49 51.64 -13.18
CA SER C 114 6.39 52.70 -12.75
C SER C 114 7.79 52.12 -12.61
N VAL C 115 8.76 52.72 -13.28
CA VAL C 115 10.10 52.16 -13.43
C VAL C 115 11.09 53.02 -12.66
N PHE C 116 11.94 52.37 -11.87
CA PHE C 116 12.98 53.03 -11.09
C PHE C 116 14.29 52.28 -11.27
N ILE C 117 15.40 52.97 -11.02
CA ILE C 117 16.72 52.36 -11.06
C ILE C 117 17.49 52.82 -9.82
N PHE C 118 18.23 51.89 -9.22
CA PHE C 118 19.00 52.17 -8.01
C PHE C 118 20.46 51.81 -8.25
N PRO C 119 21.41 52.71 -7.99
CA PRO C 119 22.80 52.37 -8.13
C PRO C 119 23.27 51.53 -6.96
N PRO C 120 24.40 50.84 -7.11
CA PRO C 120 24.99 50.16 -5.95
C PRO C 120 25.34 51.17 -4.86
N SER C 121 25.15 50.77 -3.62
CA SER C 121 25.54 51.63 -2.50
C SER C 121 27.06 51.66 -2.39
N ASP C 122 27.55 52.67 -1.67
CA ASP C 122 28.98 52.72 -1.38
C ASP C 122 29.37 51.63 -0.39
N GLU C 123 28.51 51.39 0.60
CA GLU C 123 28.78 50.34 1.58
C GLU C 123 28.94 48.97 0.94
N GLN C 124 28.21 48.72 -0.16
CA GLN C 124 28.36 47.46 -0.87
C GLN C 124 29.62 47.43 -1.72
N LEU C 125 30.01 48.57 -2.29
CA LEU C 125 31.13 48.62 -3.22
C LEU C 125 32.46 48.19 -2.60
N LYS C 126 32.57 48.23 -1.27
CA LYS C 126 33.82 47.87 -0.62
C LYS C 126 33.99 46.37 -0.43
N SER C 127 32.98 45.57 -0.78
CA SER C 127 33.09 44.11 -0.76
C SER C 127 33.48 43.54 -2.11
N GLY C 128 33.67 44.37 -3.12
CA GLY C 128 34.09 43.92 -4.43
C GLY C 128 32.99 43.45 -5.36
N THR C 129 31.72 43.72 -5.03
CA THR C 129 30.60 43.33 -5.87
C THR C 129 29.62 44.49 -5.96
N ALA C 130 29.12 44.75 -7.16
CA ALA C 130 28.13 45.79 -7.40
C ALA C 130 26.81 45.15 -7.82
N SER C 131 25.72 45.57 -7.18
CA SER C 131 24.38 45.13 -7.54
C SER C 131 23.55 46.34 -7.93
N VAL C 132 23.04 46.35 -9.15
CA VAL C 132 22.19 47.41 -9.66
C VAL C 132 20.77 46.87 -9.76
N VAL C 133 19.83 47.55 -9.11
CA VAL C 133 18.46 47.07 -8.95
C VAL C 133 17.53 47.97 -9.75
N CYS C 134 16.74 47.36 -10.63
CA CYS C 134 15.70 48.03 -11.41
C CYS C 134 14.33 47.51 -10.97
N LEU C 135 13.40 48.43 -10.72
CA LEU C 135 12.11 48.09 -10.14
C LEU C 135 10.98 48.46 -11.09
N LEU C 136 10.05 47.52 -11.30
CA LEU C 136 8.80 47.75 -12.00
C LEU C 136 7.69 47.63 -10.97
N ASN C 137 6.87 48.68 -10.82
CA ASN C 137 5.91 48.76 -9.73
C ASN C 137 4.49 48.82 -10.26
N ASN C 138 3.65 47.89 -9.81
CA ASN C 138 2.20 47.90 -10.02
C ASN C 138 1.84 47.94 -11.51
N PHE C 139 2.18 46.86 -12.19
CA PHE C 139 1.86 46.71 -13.60
C PHE C 139 1.05 45.44 -13.83
N TYR C 140 0.36 45.41 -14.97
CA TYR C 140 -0.38 44.25 -15.43
C TYR C 140 -0.45 44.36 -16.94
N PRO C 141 -0.30 43.25 -17.68
CA PRO C 141 -0.11 41.86 -17.22
C PRO C 141 1.31 41.59 -16.73
N ARG C 142 1.55 40.36 -16.27
CA ARG C 142 2.88 40.01 -15.76
C ARG C 142 3.94 40.10 -16.84
N GLU C 143 3.57 39.81 -18.08
CA GLU C 143 4.50 39.77 -19.21
C GLU C 143 5.16 41.12 -19.43
N ALA C 144 6.47 41.18 -19.23
CA ALA C 144 7.28 42.37 -19.41
C ALA C 144 8.75 41.96 -19.31
N LYS C 145 9.59 42.57 -20.13
CA LYS C 145 11.01 42.23 -20.13
C LYS C 145 11.86 43.46 -19.89
N VAL C 146 12.84 43.33 -18.99
CA VAL C 146 13.81 44.37 -18.70
C VAL C 146 15.10 44.04 -19.45
N GLN C 147 15.66 45.02 -20.15
CA GLN C 147 16.90 44.86 -20.91
C GLN C 147 17.96 45.81 -20.38
N TRP C 148 18.96 45.29 -19.67
CA TRP C 148 20.00 46.16 -19.14
C TRP C 148 20.92 46.65 -20.25
N LYS C 149 21.48 47.84 -20.06
CA LYS C 149 22.41 48.40 -21.03
C LYS C 149 23.52 49.15 -20.31
N VAL C 150 24.77 48.81 -20.65
CA VAL C 150 25.95 49.45 -20.10
C VAL C 150 26.69 50.05 -21.28
N ASP C 151 26.79 51.38 -21.31
CA ASP C 151 27.30 52.11 -22.47
C ASP C 151 26.59 51.66 -23.75
N ASN C 152 25.26 51.53 -23.64
CA ASN C 152 24.40 51.11 -24.73
C ASN C 152 24.85 49.77 -25.31
N ALA C 153 25.33 48.89 -24.43
CA ALA C 153 25.65 47.51 -24.77
C ALA C 153 24.76 46.58 -23.97
N LEU C 154 24.05 45.70 -24.67
CA LEU C 154 23.04 44.83 -24.04
C LEU C 154 23.71 43.85 -23.09
N GLN C 155 23.45 43.99 -21.80
CA GLN C 155 23.93 43.02 -20.83
C GLN C 155 23.17 41.71 -20.96
N SER C 156 23.89 40.59 -20.90
CA SER C 156 23.31 39.28 -21.10
C SER C 156 23.81 38.31 -20.05
N GLY C 157 22.88 37.51 -19.51
CA GLY C 157 23.25 36.44 -18.59
C GLY C 157 23.88 36.89 -17.30
N ASN C 158 23.72 38.15 -16.92
CA ASN C 158 24.27 38.64 -15.66
C ASN C 158 23.21 39.32 -14.79
N SER C 159 21.93 38.99 -15.02
CA SER C 159 20.84 39.59 -14.26
C SER C 159 19.91 38.49 -13.76
N GLN C 160 19.06 38.85 -12.79
CA GLN C 160 18.06 37.96 -12.25
C GLN C 160 16.80 38.75 -11.96
N GLU C 161 15.64 38.13 -12.20
CA GLU C 161 14.34 38.77 -12.01
C GLU C 161 13.56 38.07 -10.90
N SER C 162 12.81 38.86 -10.14
CA SER C 162 11.89 38.34 -9.13
C SER C 162 10.58 39.10 -9.23
N VAL C 163 9.46 38.36 -9.17
CA VAL C 163 8.12 38.92 -9.35
C VAL C 163 7.29 38.62 -8.12
N THR C 164 6.56 39.63 -7.65
CA THR C 164 5.65 39.44 -6.52
C THR C 164 4.37 38.74 -6.98
N GLU C 165 3.67 38.15 -6.02
CA GLU C 165 2.37 37.58 -6.30
C GLU C 165 1.36 38.68 -6.59
N GLN C 166 0.32 38.33 -7.34
CA GLN C 166 -0.70 39.29 -7.73
C GLN C 166 -1.35 39.92 -6.50
N ASP C 167 -1.49 41.24 -6.53
CA ASP C 167 -2.03 41.98 -5.39
C ASP C 167 -3.52 41.68 -5.20
N SER C 168 -3.94 41.65 -3.93
CA SER C 168 -5.31 41.28 -3.58
C SER C 168 -6.32 42.39 -3.81
N LYS C 169 -5.87 43.63 -4.04
CA LYS C 169 -6.74 44.74 -4.43
C LYS C 169 -6.39 45.28 -5.80
N ASP C 170 -5.11 45.59 -6.03
CA ASP C 170 -4.66 46.08 -7.34
C ASP C 170 -4.86 45.05 -8.43
N SER C 171 -4.63 43.78 -8.11
CA SER C 171 -4.41 42.71 -9.08
C SER C 171 -3.16 42.94 -9.93
N THR C 172 -2.25 43.80 -9.49
CA THR C 172 -1.04 44.10 -10.24
C THR C 172 0.13 43.23 -9.79
N TYR C 173 1.20 43.29 -10.58
CA TYR C 173 2.46 42.65 -10.25
C TYR C 173 3.52 43.72 -10.02
N SER C 174 4.56 43.34 -9.29
CA SER C 174 5.78 44.14 -9.18
C SER C 174 6.98 43.26 -9.49
N LEU C 175 7.98 43.86 -10.11
CA LEU C 175 9.14 43.12 -10.61
C LEU C 175 10.43 43.80 -10.20
N SER C 176 11.44 42.99 -9.92
CA SER C 176 12.79 43.45 -9.64
C SER C 176 13.76 42.73 -10.57
N SER C 177 14.72 43.47 -11.11
CA SER C 177 15.76 42.91 -11.98
C SER C 177 17.11 43.40 -11.46
N THR C 178 17.86 42.52 -10.81
CA THR C 178 19.14 42.87 -10.20
C THR C 178 20.27 42.52 -11.15
N LEU C 179 21.08 43.52 -11.49
CA LEU C 179 22.26 43.34 -12.32
C LEU C 179 23.47 43.25 -11.39
N THR C 180 24.18 42.13 -11.45
CA THR C 180 25.32 41.88 -10.57
C THR C 180 26.61 41.88 -11.38
N LEU C 181 27.51 42.80 -11.03
CA LEU C 181 28.82 42.94 -11.66
C LEU C 181 29.90 42.92 -10.58
N SER C 182 31.16 42.92 -11.01
CA SER C 182 32.27 43.14 -10.11
C SER C 182 32.54 44.63 -10.00
N LYS C 183 33.12 45.04 -8.86
CA LYS C 183 33.48 46.44 -8.67
C LYS C 183 34.43 46.91 -9.76
N ALA C 184 35.35 46.05 -10.18
CA ALA C 184 36.24 46.38 -11.29
C ALA C 184 35.46 46.55 -12.59
N ASP C 185 34.51 45.65 -12.85
CA ASP C 185 33.68 45.80 -14.05
C ASP C 185 32.73 46.99 -13.92
N TYR C 186 32.29 47.30 -12.69
CA TYR C 186 31.34 48.39 -12.49
C TYR C 186 31.99 49.74 -12.79
N GLU C 187 33.23 49.94 -12.35
CA GLU C 187 33.90 51.22 -12.50
C GLU C 187 34.69 51.33 -13.80
N LYS C 188 34.46 50.42 -14.74
CA LYS C 188 34.96 50.53 -16.10
C LYS C 188 34.04 51.31 -17.03
N HIS C 189 32.78 51.51 -16.64
CA HIS C 189 31.78 52.10 -17.53
C HIS C 189 30.98 53.15 -16.78
N LYS C 190 30.33 54.03 -17.56
CA LYS C 190 29.61 55.16 -17.01
C LYS C 190 28.10 54.98 -17.05
N VAL C 191 27.51 54.78 -18.22
CA VAL C 191 26.07 54.82 -18.35
C VAL C 191 25.49 53.44 -18.07
N TYR C 192 24.54 53.37 -17.14
CA TYR C 192 23.86 52.14 -16.74
C TYR C 192 22.37 52.32 -16.96
N ALA C 193 21.83 51.68 -18.00
CA ALA C 193 20.47 51.92 -18.44
C ALA C 193 19.59 50.70 -18.13
N CYS C 194 18.38 50.98 -17.64
CA CYS C 194 17.35 49.95 -17.49
C CYS C 194 16.21 50.25 -18.45
N GLU C 195 16.07 49.45 -19.50
CA GLU C 195 15.04 49.68 -20.53
C GLU C 195 13.90 48.69 -20.35
N VAL C 196 12.71 49.21 -20.08
CA VAL C 196 11.51 48.42 -19.88
C VAL C 196 10.58 48.61 -21.07
N THR C 197 10.18 47.51 -21.69
CA THR C 197 9.13 47.53 -22.70
C THR C 197 7.95 46.72 -22.17
N HIS C 198 6.75 47.27 -22.30
CA HIS C 198 5.56 46.67 -21.71
C HIS C 198 4.34 47.15 -22.47
N GLN C 199 3.30 46.31 -22.50
CA GLN C 199 2.12 46.58 -23.31
C GLN C 199 1.45 47.90 -22.92
N GLY C 200 1.55 48.29 -21.66
CA GLY C 200 0.95 49.52 -21.19
C GLY C 200 1.73 50.78 -21.49
N LEU C 201 2.78 50.67 -22.29
CA LEU C 201 3.56 51.82 -22.72
C LEU C 201 3.58 51.88 -24.24
N SER C 202 3.28 53.05 -24.79
CA SER C 202 3.34 53.23 -26.24
C SER C 202 4.76 53.07 -26.74
N SER C 203 5.74 53.49 -25.95
CA SER C 203 7.15 53.41 -26.30
C SER C 203 7.93 52.91 -25.09
N PRO C 204 9.02 52.15 -25.31
CA PRO C 204 9.80 51.64 -24.19
C PRO C 204 10.36 52.75 -23.32
N VAL C 205 10.44 52.46 -22.01
CA VAL C 205 10.97 53.38 -21.00
C VAL C 205 12.43 53.05 -20.77
N THR C 206 13.24 54.09 -20.50
CA THR C 206 14.60 53.92 -20.03
C THR C 206 14.83 54.79 -18.80
N LYS C 207 15.30 54.18 -17.72
CA LYS C 207 15.71 54.88 -16.51
C LYS C 207 17.16 54.52 -16.26
N SER C 208 18.05 55.51 -16.35
CA SER C 208 19.48 55.30 -16.27
C SER C 208 20.10 56.27 -15.26
N PHE C 209 21.38 56.03 -14.94
CA PHE C 209 22.15 56.92 -14.09
C PHE C 209 23.56 57.07 -14.63
N ASN C 210 24.19 58.18 -14.31
CA ASN C 210 25.63 58.36 -14.48
C ASN C 210 26.28 58.27 -13.10
N ARG C 211 27.33 57.46 -12.97
CA ARG C 211 28.03 57.28 -11.70
C ARG C 211 29.15 58.30 -11.56
N ASP D 2 -7.39 -22.76 8.57
CA ASP D 2 -7.44 -23.71 7.46
C ASP D 2 -6.58 -24.94 7.72
N SER D 3 -7.25 -26.04 8.12
CA SER D 3 -6.67 -27.36 8.31
C SER D 3 -5.25 -27.35 8.90
N GLY D 4 -4.28 -26.98 8.09
CA GLY D 4 -2.88 -27.09 8.47
C GLY D 4 -2.32 -28.43 8.06
N PRO D 5 -1.00 -28.56 8.05
CA PRO D 5 -0.36 -29.83 7.68
C PRO D 5 -0.25 -30.79 8.86
N ILE D 6 -0.03 -32.06 8.53
CA ILE D 6 0.21 -33.05 9.56
C ILE D 6 1.66 -33.00 10.03
N ILE D 7 2.61 -33.15 9.11
CA ILE D 7 4.02 -32.98 9.44
C ILE D 7 4.78 -32.11 8.45
N CYS D 8 4.33 -31.92 7.21
CA CYS D 8 5.18 -31.33 6.18
C CYS D 8 4.50 -30.14 5.54
N ALA D 9 5.21 -29.02 5.50
CA ALA D 9 4.71 -27.83 4.84
C ALA D 9 4.62 -28.06 3.33
N GLY D 10 3.74 -27.29 2.69
CA GLY D 10 3.49 -27.42 1.26
C GLY D 10 4.77 -27.39 0.47
N PRO D 11 4.79 -28.11 -0.65
CA PRO D 11 6.04 -28.27 -1.41
C PRO D 11 6.30 -27.10 -2.33
N ILE D 12 7.59 -26.78 -2.47
CA ILE D 12 8.04 -25.91 -3.56
C ILE D 12 8.89 -26.76 -4.49
N HIS D 13 8.25 -27.38 -5.48
CA HIS D 13 8.98 -28.20 -6.43
C HIS D 13 9.79 -27.32 -7.39
N SER D 14 10.94 -27.83 -7.79
CA SER D 14 11.85 -27.09 -8.67
C SER D 14 12.06 -27.73 -10.02
N ASN D 15 11.51 -28.91 -10.27
CA ASN D 15 11.68 -29.61 -11.55
C ASN D 15 10.45 -30.48 -11.77
N LYS D 16 9.71 -30.21 -12.86
CA LYS D 16 8.50 -30.99 -13.14
C LYS D 16 8.81 -32.44 -13.48
N SER D 17 10.04 -32.75 -13.87
CA SER D 17 10.42 -34.08 -14.31
C SER D 17 11.00 -34.94 -13.19
N ALA D 18 11.01 -34.46 -11.96
CA ALA D 18 11.60 -35.21 -10.86
C ALA D 18 10.81 -36.48 -10.58
N GLY D 19 11.51 -37.55 -10.23
CA GLY D 19 10.85 -38.80 -9.92
C GLY D 19 10.11 -38.75 -8.60
N ILE D 20 9.21 -39.71 -8.43
CA ILE D 20 8.42 -39.84 -7.21
C ILE D 20 8.92 -41.09 -6.48
N PRO D 21 9.67 -40.94 -5.38
CA PRO D 21 10.28 -42.10 -4.74
C PRO D 21 9.27 -42.95 -3.99
N HIS D 22 9.58 -44.24 -3.89
CA HIS D 22 8.76 -45.21 -3.17
C HIS D 22 9.30 -45.29 -1.74
N LEU D 23 8.66 -44.58 -0.83
CA LEU D 23 9.09 -44.54 0.56
C LEU D 23 8.35 -45.59 1.37
N LEU D 24 9.03 -46.10 2.40
CA LEU D 24 8.53 -47.23 3.16
C LEU D 24 7.94 -46.87 4.52
N GLY D 25 8.41 -45.77 5.13
CA GLY D 25 7.95 -45.43 6.46
C GLY D 25 6.58 -44.78 6.47
N TYR D 26 5.87 -44.95 7.58
CA TYR D 26 4.53 -44.38 7.72
C TYR D 26 4.58 -42.86 7.71
N SER D 27 5.44 -42.27 8.53
CA SER D 27 5.55 -40.81 8.57
C SER D 27 6.02 -40.24 7.23
N GLU D 28 6.91 -40.97 6.55
CA GLU D 28 7.32 -40.55 5.21
C GLU D 28 6.12 -40.48 4.27
N LYS D 29 5.24 -41.48 4.34
CA LYS D 29 4.04 -41.47 3.50
C LYS D 29 3.14 -40.29 3.84
N ILE D 30 2.96 -40.01 5.14
CA ILE D 30 2.16 -38.88 5.56
C ILE D 30 2.73 -37.59 4.97
N CYS D 31 4.06 -37.44 5.00
CA CYS D 31 4.68 -36.25 4.43
C CYS D 31 4.40 -36.14 2.95
N GLN D 32 4.49 -37.26 2.22
CA GLN D 32 4.13 -37.24 0.80
C GLN D 32 2.66 -36.88 0.62
N ILE D 33 1.80 -37.33 1.53
CA ILE D 33 0.39 -36.99 1.47
C ILE D 33 0.16 -35.51 1.73
N ASP D 34 0.90 -34.94 2.69
CA ASP D 34 0.78 -33.51 2.97
C ASP D 34 1.06 -32.66 1.74
N ARG D 35 1.94 -33.14 0.85
CA ARG D 35 2.41 -32.36 -0.28
C ARG D 35 1.77 -32.78 -1.59
N LEU D 36 0.66 -33.54 -1.53
CA LEU D 36 -0.08 -33.96 -2.72
C LEU D 36 0.80 -34.73 -3.70
N ILE D 37 1.83 -35.40 -3.18
CA ILE D 37 2.67 -36.25 -4.02
C ILE D 37 1.86 -37.42 -4.56
N HIS D 38 0.93 -37.94 -3.75
CA HIS D 38 0.13 -39.09 -4.17
C HIS D 38 -0.82 -38.73 -5.31
N VAL D 39 -1.44 -37.55 -5.26
CA VAL D 39 -2.28 -37.13 -6.38
C VAL D 39 -1.41 -36.86 -7.61
N SER D 40 -0.21 -36.31 -7.40
CA SER D 40 0.71 -36.14 -8.51
C SER D 40 1.12 -37.47 -9.12
N SER D 41 1.38 -38.48 -8.27
CA SER D 41 1.69 -39.80 -8.78
C SER D 41 0.51 -40.40 -9.52
N TRP D 42 -0.70 -40.22 -8.99
CA TRP D 42 -1.89 -40.74 -9.66
C TRP D 42 -2.03 -40.14 -11.06
N LEU D 43 -1.76 -38.83 -11.19
CA LEU D 43 -1.87 -38.17 -12.49
C LEU D 43 -0.84 -38.70 -13.47
N ARG D 44 0.39 -38.94 -13.02
CA ARG D 44 1.42 -39.41 -13.93
C ARG D 44 1.13 -40.83 -14.43
N ASN D 45 0.46 -41.64 -13.61
CA ASN D 45 0.17 -43.03 -13.97
C ASN D 45 -0.99 -43.12 -14.96
N HIS D 46 -2.17 -42.67 -14.54
CA HIS D 46 -3.41 -42.92 -15.26
C HIS D 46 -3.70 -41.87 -16.34
N SER D 47 -2.95 -40.78 -16.39
CA SER D 47 -3.37 -39.66 -17.22
C SER D 47 -2.24 -39.03 -18.03
N GLN D 48 -1.04 -39.61 -18.01
CA GLN D 48 0.09 -39.11 -18.81
C GLN D 48 0.34 -37.63 -18.54
N PHE D 49 0.45 -37.30 -17.26
CA PHE D 49 0.62 -35.94 -16.78
C PHE D 49 2.06 -35.74 -16.31
N GLN D 50 2.64 -34.60 -16.64
CA GLN D 50 3.99 -34.23 -16.25
C GLN D 50 3.95 -33.25 -15.08
N GLY D 51 4.74 -33.52 -14.06
CA GLY D 51 4.92 -32.55 -12.99
C GLY D 51 4.17 -32.87 -11.72
N TYR D 52 3.71 -31.82 -11.03
CA TYR D 52 3.07 -31.96 -9.74
C TYR D 52 1.85 -31.06 -9.63
N VAL D 53 0.97 -31.44 -8.72
CA VAL D 53 -0.12 -30.60 -8.28
C VAL D 53 0.11 -30.29 -6.80
N GLY D 54 -0.32 -29.10 -6.38
CA GLY D 54 -0.16 -28.66 -5.02
C GLY D 54 1.05 -27.80 -4.74
N GLN D 55 1.48 -26.98 -5.69
CA GLN D 55 2.65 -26.11 -5.49
C GLN D 55 2.37 -25.10 -4.37
N ARG D 56 3.15 -25.20 -3.29
CA ARG D 56 3.17 -24.30 -2.14
C ARG D 56 1.94 -24.45 -1.24
N GLY D 57 0.91 -25.15 -1.70
CA GLY D 57 -0.32 -25.20 -0.94
C GLY D 57 -0.47 -26.48 -0.16
N GLY D 58 -0.06 -27.58 -0.77
CA GLY D 58 -0.16 -28.86 -0.13
C GLY D 58 -1.59 -29.36 -0.10
N ARG D 59 -1.77 -30.43 0.65
CA ARG D 59 -3.06 -31.11 0.74
C ARG D 59 -4.12 -30.23 1.40
N SER D 60 -3.70 -29.30 2.26
CA SER D 60 -4.67 -28.48 2.98
C SER D 60 -5.37 -27.46 2.11
N GLN D 61 -4.89 -27.21 0.88
CA GLN D 61 -5.49 -26.23 -0.02
C GLN D 61 -6.27 -26.90 -1.15
N VAL D 62 -6.67 -28.15 -0.98
CA VAL D 62 -7.49 -28.82 -1.97
C VAL D 62 -8.92 -28.29 -1.90
N SER D 63 -9.58 -28.19 -3.05
CA SER D 63 -10.97 -27.78 -3.11
C SER D 63 -11.89 -28.98 -2.98
N TYR D 64 -13.01 -28.79 -2.29
CA TYR D 64 -13.97 -29.85 -2.01
C TYR D 64 -15.35 -29.48 -2.53
N TYR D 65 -16.08 -30.47 -3.02
CA TYR D 65 -17.52 -30.35 -3.25
C TYR D 65 -18.23 -31.35 -2.33
N PRO D 66 -19.06 -30.90 -1.38
CA PRO D 66 -19.43 -29.49 -1.10
C PRO D 66 -18.26 -28.70 -0.49
N ALA D 67 -18.27 -27.38 -0.66
CA ALA D 67 -17.12 -26.57 -0.24
C ALA D 67 -16.95 -26.59 1.28
N GLU D 68 -18.02 -26.35 2.03
CA GLU D 68 -17.95 -26.47 3.48
C GLU D 68 -17.82 -27.94 3.84
N ASN D 69 -16.68 -28.32 4.41
CA ASN D 69 -16.34 -29.72 4.63
C ASN D 69 -15.89 -29.90 6.07
N SER D 70 -16.62 -30.73 6.83
CA SER D 70 -16.33 -30.88 8.25
C SER D 70 -14.99 -31.58 8.47
N TYR D 71 -14.75 -32.68 7.77
CA TYR D 71 -13.56 -33.48 8.03
C TYR D 71 -12.30 -32.84 7.45
N SER D 72 -12.44 -31.87 6.54
CA SER D 72 -11.27 -31.14 6.04
C SER D 72 -10.60 -30.30 7.11
N ARG D 73 -11.33 -29.92 8.16
CA ARG D 73 -10.75 -29.11 9.23
C ARG D 73 -9.80 -29.92 10.11
N TRP D 74 -9.91 -31.24 10.11
CA TRP D 74 -8.98 -32.12 10.82
C TRP D 74 -7.96 -32.63 9.82
N SER D 75 -6.71 -32.16 9.94
CA SER D 75 -5.67 -32.55 9.00
C SER D 75 -5.42 -34.06 9.01
N GLY D 76 -5.70 -34.74 10.12
CA GLY D 76 -5.43 -36.16 10.28
C GLY D 76 -6.46 -37.11 9.70
N LEU D 77 -7.66 -36.64 9.38
CA LEU D 77 -8.63 -37.50 8.73
C LEU D 77 -8.22 -37.76 7.27
N LEU D 78 -8.35 -39.00 6.83
CA LEU D 78 -7.80 -39.44 5.56
C LEU D 78 -8.86 -39.41 4.47
N SER D 79 -8.55 -38.76 3.36
CA SER D 79 -9.38 -38.79 2.17
C SER D 79 -9.21 -40.12 1.46
N PRO D 80 -10.08 -40.46 0.50
CA PRO D 80 -9.85 -41.68 -0.28
C PRO D 80 -8.50 -41.68 -0.97
N CYS D 81 -8.05 -40.54 -1.49
CA CYS D 81 -6.72 -40.48 -2.09
C CYS D 81 -5.64 -40.77 -1.05
N ASP D 82 -5.79 -40.19 0.15
CA ASP D 82 -4.81 -40.45 1.20
C ASP D 82 -4.76 -41.92 1.58
N ALA D 83 -5.92 -42.56 1.73
CA ALA D 83 -5.96 -43.97 2.06
C ALA D 83 -5.42 -44.83 0.91
N ASP D 84 -5.56 -44.34 -0.32
CA ASP D 84 -4.98 -45.04 -1.46
C ASP D 84 -3.46 -45.13 -1.34
N TRP D 85 -2.81 -44.00 -1.02
CA TRP D 85 -1.36 -43.99 -0.86
C TRP D 85 -0.93 -44.89 0.28
N LEU D 86 -1.74 -44.97 1.34
CA LEU D 86 -1.48 -45.86 2.46
C LEU D 86 -1.88 -47.30 2.18
N GLY D 87 -2.36 -47.60 0.97
CA GLY D 87 -2.67 -48.96 0.59
C GLY D 87 -3.94 -49.55 1.15
N MET D 88 -4.81 -48.72 1.74
CA MET D 88 -6.04 -49.20 2.36
C MET D 88 -7.19 -49.34 1.37
N LEU D 89 -7.07 -48.78 0.18
CA LEU D 89 -8.08 -48.94 -0.88
C LEU D 89 -7.44 -48.48 -2.18
N VAL D 90 -8.20 -48.59 -3.27
CA VAL D 90 -7.72 -48.22 -4.59
C VAL D 90 -8.68 -47.18 -5.17
N VAL D 91 -8.13 -46.05 -5.60
CA VAL D 91 -8.86 -45.07 -6.39
C VAL D 91 -8.63 -45.43 -7.86
N LYS D 92 -9.65 -45.99 -8.50
CA LYS D 92 -9.51 -46.51 -9.85
C LYS D 92 -9.60 -45.38 -10.87
N LYS D 93 -8.90 -45.57 -11.99
CA LYS D 93 -9.06 -44.64 -13.10
C LYS D 93 -10.47 -44.73 -13.66
N ALA D 94 -11.03 -43.57 -14.01
CA ALA D 94 -12.39 -43.53 -14.51
C ALA D 94 -12.52 -44.24 -15.85
N ARG D 95 -13.64 -44.93 -16.03
CA ARG D 95 -14.04 -45.49 -17.31
C ARG D 95 -15.23 -44.71 -17.85
N GLU D 96 -15.57 -44.98 -19.11
CA GLU D 96 -16.69 -44.28 -19.73
C GLU D 96 -17.99 -44.54 -18.99
N SER D 97 -18.18 -45.77 -18.48
CA SER D 97 -19.38 -46.10 -17.74
C SER D 97 -19.49 -45.35 -16.42
N ASP D 98 -18.37 -44.89 -15.86
CA ASP D 98 -18.40 -44.15 -14.60
C ASP D 98 -19.08 -42.80 -14.80
N MET D 99 -20.04 -42.49 -13.92
CA MET D 99 -20.90 -41.34 -14.10
C MET D 99 -20.34 -40.12 -13.36
N ILE D 100 -20.07 -39.06 -14.10
CA ILE D 100 -19.60 -37.80 -13.54
C ILE D 100 -20.80 -37.05 -12.97
N VAL D 101 -20.72 -36.66 -11.70
CA VAL D 101 -21.87 -36.08 -11.01
C VAL D 101 -21.93 -34.59 -11.28
N PRO D 102 -23.05 -34.06 -11.76
CA PRO D 102 -23.25 -32.62 -11.78
C PRO D 102 -23.34 -32.03 -10.38
N GLY D 103 -22.97 -30.76 -10.29
CA GLY D 103 -22.93 -30.03 -9.04
C GLY D 103 -21.55 -29.50 -8.69
N PRO D 104 -20.52 -30.33 -8.79
CA PRO D 104 -19.16 -29.82 -8.60
C PRO D 104 -18.74 -28.88 -9.72
N SER D 105 -17.90 -27.91 -9.35
CA SER D 105 -17.37 -26.94 -10.29
C SER D 105 -16.06 -27.50 -10.87
N TYR D 106 -16.19 -28.26 -11.96
CA TYR D 106 -15.07 -28.99 -12.55
C TYR D 106 -14.13 -28.13 -13.39
N LYS D 107 -14.56 -26.94 -13.80
CA LYS D 107 -13.78 -26.17 -14.76
C LYS D 107 -12.39 -25.84 -14.21
N GLY D 108 -11.37 -26.13 -15.01
CA GLY D 108 -10.00 -25.86 -14.63
C GLY D 108 -9.35 -26.92 -13.75
N LYS D 109 -10.12 -27.88 -13.26
CA LYS D 109 -9.55 -28.93 -12.43
C LYS D 109 -8.73 -29.89 -13.28
N VAL D 110 -7.68 -30.44 -12.68
CA VAL D 110 -6.83 -31.41 -13.35
C VAL D 110 -7.16 -32.82 -12.84
N PHE D 111 -7.60 -32.91 -11.59
CA PHE D 111 -7.99 -34.18 -10.99
C PHE D 111 -9.22 -33.96 -10.12
N PHE D 112 -10.18 -34.90 -10.21
CA PHE D 112 -11.25 -34.94 -9.23
C PHE D 112 -11.59 -36.38 -8.90
N GLU D 113 -11.96 -36.60 -7.63
CA GLU D 113 -12.19 -37.92 -7.07
C GLU D 113 -13.62 -38.01 -6.55
N ARG D 114 -14.21 -39.19 -6.68
CA ARG D 114 -15.57 -39.42 -6.20
C ARG D 114 -15.72 -40.82 -5.61
N PRO D 115 -16.29 -40.94 -4.41
CA PRO D 115 -16.73 -42.26 -3.94
C PRO D 115 -17.90 -42.77 -4.78
N THR D 116 -17.81 -44.02 -5.20
CA THR D 116 -18.92 -44.68 -5.89
C THR D 116 -19.56 -45.70 -4.97
N PHE D 117 -20.63 -46.33 -5.46
CA PHE D 117 -21.36 -47.30 -4.65
C PHE D 117 -20.49 -48.50 -4.32
N ASP D 118 -19.64 -48.91 -5.26
CA ASP D 118 -18.79 -50.10 -5.07
C ASP D 118 -17.31 -49.77 -4.97
N GLY D 119 -16.93 -48.50 -5.00
CA GLY D 119 -15.53 -48.15 -4.94
C GLY D 119 -15.25 -46.66 -4.93
N TYR D 120 -14.12 -46.27 -5.54
CA TYR D 120 -13.66 -44.88 -5.56
C TYR D 120 -12.99 -44.62 -6.90
N VAL D 121 -13.43 -43.57 -7.59
CA VAL D 121 -13.05 -43.33 -8.98
C VAL D 121 -12.44 -41.94 -9.10
N GLY D 122 -11.32 -41.85 -9.79
CA GLY D 122 -10.67 -40.57 -10.06
C GLY D 122 -10.66 -40.27 -11.54
N TRP D 123 -10.84 -39.00 -11.88
CA TRP D 123 -10.73 -38.51 -13.25
C TRP D 123 -9.54 -37.57 -13.33
N GLY D 124 -8.72 -37.74 -14.38
CA GLY D 124 -7.53 -36.94 -14.54
C GLY D 124 -7.47 -36.30 -15.92
N CYS D 125 -6.49 -35.41 -16.08
CA CYS D 125 -6.20 -34.76 -17.35
C CYS D 125 -4.71 -34.79 -17.62
N GLY D 126 -4.36 -34.84 -18.91
CA GLY D 126 -2.97 -34.85 -19.31
C GLY D 126 -2.35 -33.46 -19.25
N SER D 127 -1.14 -33.37 -19.78
CA SER D 127 -0.40 -32.11 -19.75
C SER D 127 -1.12 -31.04 -20.55
N GLY D 128 -1.01 -29.80 -20.08
CA GLY D 128 -1.58 -28.67 -20.77
C GLY D 128 -3.09 -28.65 -20.86
N LYS D 129 -3.77 -29.45 -20.03
CA LYS D 129 -5.21 -29.59 -20.14
C LYS D 129 -5.86 -29.52 -18.77
N SER D 130 -7.14 -29.19 -18.78
CA SER D 130 -7.97 -29.17 -17.57
C SER D 130 -9.41 -29.46 -17.99
N ARG D 131 -10.25 -29.75 -17.00
CA ARG D 131 -11.59 -30.20 -17.28
C ARG D 131 -12.49 -29.05 -17.74
N THR D 132 -13.46 -29.37 -18.58
CA THR D 132 -14.43 -28.40 -19.06
C THR D 132 -15.43 -28.07 -17.95
N GLU D 133 -16.44 -27.27 -18.31
CA GLU D 133 -17.46 -26.89 -17.33
C GLU D 133 -18.23 -28.11 -16.84
N SER D 134 -18.59 -29.01 -17.74
CA SER D 134 -19.32 -30.21 -17.33
C SER D 134 -18.42 -31.22 -16.64
N GLY D 135 -17.13 -31.23 -16.94
CA GLY D 135 -16.21 -32.21 -16.42
C GLY D 135 -15.99 -33.41 -17.30
N GLU D 136 -16.70 -33.51 -18.44
CA GLU D 136 -16.63 -34.70 -19.27
C GLU D 136 -15.39 -34.74 -20.16
N LEU D 137 -14.76 -33.60 -20.42
CA LEU D 137 -13.64 -33.53 -21.35
C LEU D 137 -12.47 -32.76 -20.73
N CYS D 138 -11.26 -33.13 -21.16
CA CYS D 138 -10.05 -32.37 -20.84
C CYS D 138 -9.70 -31.53 -22.07
N SER D 139 -9.76 -30.21 -21.90
CA SER D 139 -9.50 -29.28 -22.99
C SER D 139 -8.20 -28.53 -22.75
N SER D 140 -7.63 -28.00 -23.83
CA SER D 140 -6.39 -27.24 -23.74
C SER D 140 -6.53 -26.11 -22.74
N ASP D 141 -5.60 -26.05 -21.79
CA ASP D 141 -5.55 -25.01 -20.78
C ASP D 141 -4.18 -24.36 -20.84
N SER D 142 -4.15 -23.07 -21.22
CA SER D 142 -2.90 -22.35 -21.39
C SER D 142 -2.25 -21.95 -20.07
N GLY D 143 -2.90 -22.18 -18.94
CA GLY D 143 -2.35 -21.88 -17.64
C GLY D 143 -1.72 -23.04 -16.91
N THR D 144 -1.75 -24.24 -17.47
CA THR D 144 -1.29 -25.45 -16.78
C THR D 144 0.00 -26.02 -17.35
N SER D 145 0.65 -25.32 -18.29
CA SER D 145 1.78 -25.89 -18.98
C SER D 145 3.05 -25.95 -18.13
N SER D 146 3.09 -25.26 -16.99
CA SER D 146 4.29 -25.30 -16.15
C SER D 146 4.50 -26.67 -15.53
N GLY D 147 3.43 -27.45 -15.36
CA GLY D 147 3.56 -28.70 -14.65
C GLY D 147 3.73 -28.58 -13.15
N LEU D 148 3.58 -27.37 -12.61
CA LEU D 148 3.71 -27.10 -11.19
C LEU D 148 2.49 -26.29 -10.79
N LEU D 149 1.42 -26.99 -10.44
CA LEU D 149 0.10 -26.40 -10.39
C LEU D 149 -0.38 -26.23 -8.96
N PRO D 150 -1.28 -25.28 -8.70
CA PRO D 150 -1.79 -25.07 -7.34
C PRO D 150 -2.62 -26.25 -6.86
N SER D 151 -2.88 -26.24 -5.55
CA SER D 151 -3.62 -27.34 -4.93
C SER D 151 -5.07 -27.36 -5.36
N ASP D 152 -5.71 -26.19 -5.50
CA ASP D 152 -7.14 -26.16 -5.80
C ASP D 152 -7.48 -26.66 -7.20
N ARG D 153 -6.48 -27.08 -7.97
CA ARG D 153 -6.72 -27.85 -9.19
C ARG D 153 -7.07 -29.31 -8.87
N VAL D 154 -7.08 -29.68 -7.60
CA VAL D 154 -7.51 -30.99 -7.13
C VAL D 154 -8.86 -30.82 -6.48
N LEU D 155 -9.85 -31.58 -6.96
CA LEU D 155 -11.20 -31.57 -6.38
C LEU D 155 -11.46 -32.91 -5.72
N TRP D 156 -11.87 -32.87 -4.45
CA TRP D 156 -12.24 -34.07 -3.72
C TRP D 156 -13.71 -33.98 -3.36
N ILE D 157 -14.51 -34.90 -3.90
CA ILE D 157 -15.96 -34.82 -3.79
C ILE D 157 -16.41 -35.59 -2.55
N GLY D 158 -17.10 -34.90 -1.66
CA GLY D 158 -17.72 -35.52 -0.50
C GLY D 158 -17.00 -35.17 0.78
N ASP D 159 -17.76 -35.21 1.87
CA ASP D 159 -17.22 -35.12 3.23
C ASP D 159 -16.92 -36.55 3.69
N VAL D 160 -15.67 -36.98 3.48
CA VAL D 160 -15.30 -38.38 3.61
C VAL D 160 -14.17 -38.52 4.62
N ALA D 161 -14.28 -39.52 5.49
CA ALA D 161 -13.23 -39.85 6.45
C ALA D 161 -12.93 -41.34 6.35
N CYS D 162 -11.67 -41.65 6.08
CA CYS D 162 -11.22 -43.04 5.94
C CYS D 162 -10.24 -43.39 7.05
N GLN D 163 -10.27 -44.65 7.46
CA GLN D 163 -9.54 -45.13 8.62
C GLN D 163 -9.33 -46.62 8.43
N LEU D 164 -8.55 -47.20 9.35
CA LEU D 164 -8.35 -48.65 9.37
C LEU D 164 -9.60 -49.29 9.95
N MET D 165 -10.15 -50.28 9.26
CA MET D 165 -11.42 -50.86 9.68
C MET D 165 -11.23 -52.10 10.54
N THR D 166 -12.23 -52.41 11.36
CA THR D 166 -12.36 -53.76 11.91
C THR D 166 -13.16 -54.60 10.93
N PRO D 167 -12.56 -55.63 10.33
CA PRO D 167 -13.30 -56.42 9.34
C PRO D 167 -14.55 -57.05 9.95
N ILE D 168 -15.58 -57.19 9.12
CA ILE D 168 -16.87 -57.70 9.57
C ILE D 168 -17.22 -58.98 8.83
N PRO D 169 -18.04 -59.86 9.40
CA PRO D 169 -18.44 -61.08 8.69
C PRO D 169 -19.56 -60.82 7.68
N GLU D 170 -19.64 -61.72 6.70
CA GLU D 170 -20.58 -61.54 5.60
C GLU D 170 -22.03 -61.47 6.10
N GLU D 171 -22.35 -62.21 7.16
CA GLU D 171 -23.69 -62.15 7.72
C GLU D 171 -24.04 -60.74 8.18
N THR D 172 -23.09 -60.07 8.84
CA THR D 172 -23.30 -58.68 9.22
C THR D 172 -23.47 -57.79 8.00
N PHE D 173 -22.65 -58.03 6.96
CA PHE D 173 -22.79 -57.26 5.72
C PHE D 173 -24.13 -57.53 5.06
N LEU D 174 -24.59 -58.78 5.06
CA LEU D 174 -25.88 -59.11 4.46
C LEU D 174 -27.03 -58.47 5.22
N GLU D 175 -26.98 -58.48 6.55
CA GLU D 175 -28.03 -57.82 7.33
C GLU D 175 -28.03 -56.32 7.09
N LEU D 176 -26.84 -55.71 7.07
CA LEU D 176 -26.77 -54.27 6.84
C LEU D 176 -27.15 -53.91 5.41
N LYS D 177 -26.77 -54.75 4.44
CA LYS D 177 -27.21 -54.53 3.06
C LYS D 177 -28.72 -54.66 2.93
N SER D 178 -29.30 -55.68 3.58
CA SER D 178 -30.74 -55.87 3.54
C SER D 178 -31.47 -54.70 4.17
N PHE D 179 -30.98 -54.22 5.32
CA PHE D 179 -31.63 -53.11 6.00
C PHE D 179 -31.59 -51.84 5.16
N SER D 180 -30.49 -51.61 4.44
CA SER D 180 -30.39 -50.44 3.57
C SER D 180 -31.39 -50.52 2.41
N GLN D 181 -31.57 -51.72 1.84
CA GLN D 181 -32.52 -51.88 0.74
C GLN D 181 -33.93 -51.49 1.18
N SER D 182 -34.31 -51.83 2.41
CA SER D 182 -35.61 -51.43 2.94
C SER D 182 -35.69 -49.92 3.14
N GLU D 183 -34.59 -49.30 3.60
CA GLU D 183 -34.61 -47.87 3.90
C GLU D 183 -34.84 -47.05 2.63
N PHE D 184 -34.34 -47.52 1.49
CA PHE D 184 -34.46 -46.81 0.21
C PHE D 184 -35.19 -47.70 -0.78
N PRO D 185 -36.50 -47.89 -0.60
CA PRO D 185 -37.24 -48.83 -1.48
C PRO D 185 -37.22 -48.44 -2.94
N ASP D 186 -37.16 -47.15 -3.26
CA ASP D 186 -37.30 -46.73 -4.65
C ASP D 186 -36.07 -47.06 -5.47
N ILE D 187 -34.87 -46.95 -4.88
CA ILE D 187 -33.65 -46.99 -5.66
C ILE D 187 -33.48 -48.35 -6.33
N CYS D 188 -33.10 -48.31 -7.61
CA CYS D 188 -32.85 -49.52 -8.40
C CYS D 188 -31.37 -49.79 -8.59
N LYS D 189 -30.65 -48.83 -9.18
CA LYS D 189 -29.23 -48.94 -9.43
C LYS D 189 -28.54 -47.70 -8.89
N ILE D 190 -27.43 -47.88 -8.19
CA ILE D 190 -26.59 -46.79 -7.75
C ILE D 190 -25.27 -46.88 -8.51
N ASP D 191 -24.94 -45.81 -9.24
CA ASP D 191 -23.72 -45.75 -10.04
C ASP D 191 -23.62 -46.92 -11.01
N GLY D 192 -24.77 -47.34 -11.55
CA GLY D 192 -24.80 -48.45 -12.48
C GLY D 192 -24.67 -49.82 -11.85
N ILE D 193 -24.88 -49.94 -10.55
CA ILE D 193 -24.78 -51.21 -9.83
C ILE D 193 -26.14 -51.53 -9.24
N VAL D 194 -26.59 -52.79 -9.44
CA VAL D 194 -27.91 -53.18 -8.99
C VAL D 194 -28.01 -53.01 -7.47
N PHE D 195 -29.03 -52.28 -7.03
CA PHE D 195 -29.34 -52.08 -5.62
C PHE D 195 -30.65 -52.74 -5.22
N ASN D 196 -31.60 -52.84 -6.14
CA ASN D 196 -32.83 -53.60 -5.99
C ASN D 196 -33.25 -54.10 -7.38
N GLN D 197 -33.84 -55.29 -7.43
CA GLN D 197 -34.42 -55.77 -8.67
C GLN D 197 -35.61 -54.89 -9.04
N CYS D 198 -35.56 -54.26 -10.20
CA CYS D 198 -36.59 -53.29 -10.59
C CYS D 198 -37.34 -53.62 -11.86
N GLU D 199 -36.64 -53.79 -12.99
CA GLU D 199 -37.16 -53.94 -14.34
C GLU D 199 -37.72 -52.62 -14.90
N GLY D 200 -37.93 -51.62 -14.05
CA GLY D 200 -38.42 -50.34 -14.52
C GLY D 200 -37.89 -49.18 -13.70
N GLU D 201 -37.22 -48.23 -14.34
CA GLU D 201 -36.43 -47.25 -13.61
C GLU D 201 -36.27 -45.98 -14.43
N SER D 202 -35.86 -44.91 -13.75
CA SER D 202 -35.66 -43.60 -14.35
C SER D 202 -34.24 -43.43 -14.84
N LEU D 203 -33.94 -42.26 -15.41
CA LEU D 203 -32.59 -41.94 -15.80
C LEU D 203 -31.79 -41.44 -14.60
N PRO D 204 -30.46 -41.55 -14.63
CA PRO D 204 -29.65 -41.25 -13.43
C PRO D 204 -29.89 -39.84 -12.92
N GLN D 205 -29.91 -39.71 -11.60
CA GLN D 205 -30.21 -38.46 -10.92
C GLN D 205 -29.25 -38.29 -9.74
N PRO D 206 -28.91 -37.05 -9.39
CA PRO D 206 -28.05 -36.83 -8.21
C PRO D 206 -28.64 -37.42 -6.95
N PHE D 207 -27.77 -37.98 -6.12
CA PHE D 207 -28.16 -38.62 -4.87
C PHE D 207 -27.16 -38.25 -3.79
N ASP D 208 -27.62 -37.52 -2.77
CA ASP D 208 -26.79 -37.13 -1.64
C ASP D 208 -27.13 -38.04 -0.46
N VAL D 209 -26.22 -38.96 -0.13
CA VAL D 209 -26.47 -39.98 0.87
C VAL D 209 -25.28 -40.10 1.83
N ALA D 210 -25.56 -40.64 3.01
CA ALA D 210 -24.54 -41.04 3.96
C ALA D 210 -24.28 -42.54 3.81
N TRP D 211 -23.00 -42.91 3.75
CA TRP D 211 -22.62 -44.28 3.43
C TRP D 211 -21.46 -44.70 4.32
N MET D 212 -21.06 -45.96 4.17
CA MET D 212 -19.86 -46.45 4.84
C MET D 212 -19.34 -47.63 4.03
N ASP D 213 -18.03 -47.74 3.94
CA ASP D 213 -17.37 -48.91 3.36
C ASP D 213 -17.06 -49.88 4.50
N VAL D 214 -17.63 -51.07 4.44
CA VAL D 214 -17.36 -52.11 5.43
C VAL D 214 -16.55 -53.25 4.83
N GLY D 215 -15.90 -53.02 3.69
CA GLY D 215 -14.93 -53.95 3.15
C GLY D 215 -15.50 -55.06 2.29
N HIS D 216 -16.75 -54.98 1.88
CA HIS D 216 -17.37 -56.01 1.07
C HIS D 216 -17.66 -55.47 -0.33
N SER D 217 -18.38 -56.27 -1.12
CA SER D 217 -18.64 -56.00 -2.53
C SER D 217 -19.04 -54.57 -2.83
N HIS D 218 -19.82 -53.95 -1.93
CA HIS D 218 -20.30 -52.60 -2.15
C HIS D 218 -20.53 -51.90 -0.82
N LYS D 219 -20.81 -50.60 -0.90
CA LYS D 219 -21.00 -49.76 0.27
C LYS D 219 -22.39 -49.93 0.85
N ILE D 220 -22.58 -49.35 2.03
CA ILE D 220 -23.81 -49.52 2.80
C ILE D 220 -24.36 -48.12 3.06
N ILE D 221 -25.34 -47.71 2.26
CA ILE D 221 -25.93 -46.39 2.38
C ILE D 221 -26.95 -46.39 3.51
N MET D 222 -27.07 -45.26 4.20
CA MET D 222 -27.82 -45.19 5.43
C MET D 222 -28.71 -43.96 5.45
N ARG D 223 -29.78 -44.04 6.23
CA ARG D 223 -30.69 -42.92 6.42
C ARG D 223 -30.67 -42.41 7.86
N GLU D 224 -30.97 -43.27 8.83
CA GLU D 224 -30.83 -42.95 10.24
C GLU D 224 -29.66 -43.73 10.80
N HIS D 225 -28.77 -43.03 11.49
CA HIS D 225 -27.55 -43.64 12.00
C HIS D 225 -26.94 -42.73 13.04
N LYS D 226 -26.23 -43.33 14.00
CA LYS D 226 -25.44 -42.60 14.96
C LYS D 226 -23.96 -42.83 14.66
N THR D 227 -23.15 -41.83 15.01
CA THR D 227 -21.70 -41.95 14.94
C THR D 227 -21.11 -41.47 16.25
N LYS D 228 -20.18 -42.25 16.80
CA LYS D 228 -19.34 -41.82 17.90
C LYS D 228 -17.90 -41.75 17.40
N TRP D 229 -17.15 -40.78 17.94
CA TRP D 229 -15.72 -40.70 17.69
C TRP D 229 -15.02 -41.29 18.91
N VAL D 230 -14.37 -42.43 18.72
CA VAL D 230 -13.71 -43.15 19.81
C VAL D 230 -12.21 -42.88 19.74
N GLN D 231 -11.58 -42.80 20.90
CA GLN D 231 -10.15 -42.54 21.02
C GLN D 231 -9.49 -43.85 21.45
N GLU D 232 -8.95 -44.58 20.49
CA GLU D 232 -8.27 -45.85 20.75
C GLU D 232 -6.82 -45.72 20.29
N SER D 233 -5.90 -45.59 21.25
CA SER D 233 -4.51 -45.28 20.92
C SER D 233 -3.88 -46.39 20.09
N SER D 234 -3.15 -45.97 19.05
CA SER D 234 -2.44 -46.88 18.16
C SER D 234 -1.22 -46.14 17.65
N SER D 235 -0.19 -46.90 17.25
CA SER D 235 1.02 -46.27 16.74
C SER D 235 0.70 -45.38 15.54
N LYS D 236 -0.29 -45.77 14.73
CA LYS D 236 -0.69 -44.98 13.58
C LYS D 236 -1.27 -43.62 13.98
N ASP D 237 -1.66 -43.46 15.24
CA ASP D 237 -2.13 -42.16 15.71
C ASP D 237 -1.01 -41.14 15.84
N PHE D 238 0.24 -41.53 15.56
CA PHE D 238 1.39 -40.68 15.79
C PHE D 238 2.27 -40.62 14.55
N VAL D 239 2.89 -39.46 14.35
CA VAL D 239 3.87 -39.23 13.29
C VAL D 239 5.16 -38.75 13.95
N CYS D 240 6.29 -39.12 13.35
CA CYS D 240 7.61 -38.81 13.91
C CYS D 240 8.40 -37.98 12.90
N TYR D 241 9.00 -36.89 13.38
CA TYR D 241 9.62 -35.90 12.53
C TYR D 241 10.93 -35.42 13.15
N LYS D 242 11.75 -34.76 12.35
CA LYS D 242 12.90 -34.02 12.82
C LYS D 242 12.63 -32.54 12.57
N GLU D 243 12.91 -31.71 13.57
CA GLU D 243 12.90 -30.27 13.35
C GLU D 243 14.05 -29.93 12.41
N GLY D 244 13.71 -29.38 11.25
CA GLY D 244 14.68 -29.19 10.18
C GLY D 244 14.68 -30.28 9.13
N THR D 245 15.06 -31.50 9.50
CA THR D 245 15.21 -32.56 8.51
C THR D 245 13.88 -33.00 7.92
N GLY D 246 12.86 -33.18 8.75
CA GLY D 246 11.58 -33.64 8.29
C GLY D 246 11.24 -35.03 8.81
N PRO D 247 10.45 -35.77 8.04
CA PRO D 247 9.92 -37.05 8.55
C PRO D 247 11.03 -38.05 8.88
N CYS D 248 10.82 -38.77 9.97
CA CYS D 248 11.76 -39.81 10.38
C CYS D 248 11.71 -40.99 9.40
N SER D 249 12.82 -41.72 9.32
CA SER D 249 12.89 -42.89 8.46
C SER D 249 12.06 -44.04 9.06
N GLU D 250 11.91 -45.11 8.27
CA GLU D 250 11.18 -46.27 8.75
C GLU D 250 11.87 -46.90 9.96
N SER D 251 13.19 -47.03 9.91
CA SER D 251 13.92 -47.64 11.02
C SER D 251 13.81 -46.79 12.28
N GLU D 252 13.98 -45.47 12.16
CA GLU D 252 13.87 -44.60 13.32
C GLU D 252 12.45 -44.59 13.87
N GLU D 253 11.45 -44.55 12.99
CA GLU D 253 10.06 -44.54 13.45
C GLU D 253 9.71 -45.85 14.15
N LYS D 254 10.17 -46.98 13.60
CA LYS D 254 9.93 -48.26 14.26
C LYS D 254 10.60 -48.31 15.63
N ALA D 255 11.77 -47.70 15.76
CA ALA D 255 12.45 -47.68 17.05
C ALA D 255 11.69 -46.85 18.07
N CYS D 256 11.21 -45.67 17.66
CA CYS D 256 10.50 -44.80 18.59
C CYS D 256 9.20 -45.44 19.09
N LYS D 257 8.53 -46.20 18.24
CA LYS D 257 7.23 -46.76 18.55
C LYS D 257 7.29 -48.19 19.09
N THR D 258 8.48 -48.76 19.24
CA THR D 258 8.62 -50.07 19.85
C THR D 258 9.54 -50.11 21.06
N SER D 259 10.40 -49.09 21.24
CA SER D 259 11.40 -49.12 22.30
C SER D 259 11.39 -47.89 23.22
N GLY D 260 10.50 -46.94 22.99
CA GLY D 260 10.32 -45.80 23.89
C GLY D 260 11.57 -44.99 24.16
N SER D 261 12.21 -44.46 23.13
CA SER D 261 13.49 -43.78 23.29
C SER D 261 13.54 -42.48 22.49
N CYS D 262 12.44 -41.73 22.48
CA CYS D 262 12.35 -40.51 21.68
C CYS D 262 11.50 -39.48 22.41
N ARG D 263 11.78 -38.21 22.15
CA ARG D 263 10.98 -37.14 22.71
C ARG D 263 9.64 -37.06 21.98
N GLY D 264 8.66 -36.41 22.60
CA GLY D 264 7.36 -36.29 21.99
C GLY D 264 6.37 -35.57 22.88
N ASP D 265 5.14 -35.50 22.39
CA ASP D 265 4.10 -34.74 23.06
C ASP D 265 3.52 -35.54 24.23
N MET D 266 2.62 -34.90 24.96
CA MET D 266 2.06 -35.49 26.18
C MET D 266 1.47 -36.87 25.92
N GLN D 267 0.68 -37.02 24.85
CA GLN D 267 -0.02 -38.27 24.61
C GLN D 267 0.93 -39.38 24.17
N PHE D 268 1.95 -39.04 23.36
CA PHE D 268 2.86 -40.07 22.88
C PHE D 268 3.75 -40.60 24.01
N CYS D 269 4.22 -39.70 24.88
CA CYS D 269 5.02 -40.14 26.01
C CYS D 269 4.26 -41.10 26.89
N LYS D 270 2.99 -40.80 27.15
CA LYS D 270 2.14 -41.72 27.91
C LYS D 270 2.03 -43.07 27.22
N VAL D 271 1.89 -43.06 25.90
CA VAL D 271 1.62 -44.30 25.15
C VAL D 271 2.90 -45.13 25.00
N ALA D 272 3.91 -44.58 24.33
CA ALA D 272 5.09 -45.36 23.95
C ALA D 272 6.30 -45.12 24.83
N GLY D 273 6.43 -43.94 25.43
CA GLY D 273 7.57 -43.67 26.30
C GLY D 273 8.55 -42.67 25.73
N CYS D 274 8.96 -41.71 26.55
CA CYS D 274 9.88 -40.66 26.11
C CYS D 274 11.14 -40.65 26.94
N LYS D 284 16.87 -35.30 17.44
CA LYS D 284 16.36 -36.66 17.43
C LYS D 284 14.85 -36.68 17.19
N CYS D 285 14.32 -37.86 16.88
CA CYS D 285 12.94 -37.98 16.42
C CYS D 285 11.94 -37.59 17.50
N ARG D 286 11.05 -36.65 17.16
CA ARG D 286 9.89 -36.34 17.98
C ARG D 286 8.66 -36.93 17.33
N CYS D 287 7.87 -37.66 18.12
CA CYS D 287 6.61 -38.24 17.66
C CYS D 287 5.46 -37.53 18.37
N SER D 288 4.47 -37.09 17.59
CA SER D 288 3.36 -36.30 18.10
C SER D 288 2.04 -36.88 17.61
N LEU D 289 0.98 -36.59 18.36
CA LEU D 289 -0.35 -37.08 18.04
C LEU D 289 -0.88 -36.42 16.77
N VAL D 290 -1.49 -37.23 15.91
CA VAL D 290 -2.15 -36.72 14.71
C VAL D 290 -3.48 -36.10 15.11
N HIS D 291 -3.86 -35.02 14.42
CA HIS D 291 -5.01 -34.19 14.79
C HIS D 291 -6.26 -34.76 14.14
N LYS D 292 -6.97 -35.60 14.90
CA LYS D 292 -8.21 -36.21 14.45
C LYS D 292 -9.16 -36.34 15.64
N PRO D 293 -10.48 -36.38 15.39
CA PRO D 293 -11.42 -36.58 16.50
C PRO D 293 -11.40 -37.98 17.07
N GLY D 294 -10.71 -38.91 16.40
CA GLY D 294 -10.65 -40.29 16.84
C GLY D 294 -10.92 -41.21 15.67
N GLU D 295 -11.39 -42.41 15.97
CA GLU D 295 -11.86 -43.33 14.95
C GLU D 295 -13.37 -43.37 15.01
N VAL D 296 -14.02 -43.27 13.85
CA VAL D 296 -15.47 -43.17 13.79
C VAL D 296 -16.06 -44.57 13.84
N VAL D 297 -16.97 -44.77 14.78
CA VAL D 297 -17.78 -45.98 14.87
C VAL D 297 -19.23 -45.57 14.63
N VAL D 298 -20.01 -46.49 14.10
CA VAL D 298 -21.28 -46.15 13.49
C VAL D 298 -22.28 -47.24 13.82
N SER D 299 -23.45 -46.83 14.29
CA SER D 299 -24.49 -47.76 14.69
C SER D 299 -25.62 -47.71 13.67
N TYR D 300 -25.99 -48.87 13.14
CA TYR D 300 -26.92 -48.89 12.01
C TYR D 300 -27.62 -50.25 11.98
N GLY D 301 -28.95 -50.22 12.01
CA GLY D 301 -29.71 -51.46 11.95
C GLY D 301 -29.49 -52.36 13.14
N GLY D 302 -29.25 -51.79 14.32
CA GLY D 302 -28.97 -52.59 15.49
C GLY D 302 -27.57 -53.15 15.55
N MET D 303 -26.64 -52.64 14.74
CA MET D 303 -25.27 -53.09 14.74
C MET D 303 -24.34 -51.92 15.02
N ARG D 304 -23.04 -52.20 15.07
CA ARG D 304 -22.05 -51.16 15.32
C ARG D 304 -20.73 -51.62 14.71
N VAL D 305 -20.25 -50.90 13.71
CA VAL D 305 -19.08 -51.33 12.96
C VAL D 305 -18.05 -50.23 12.94
N ARG D 306 -16.79 -50.64 12.75
CA ARG D 306 -15.67 -49.75 12.51
C ARG D 306 -15.37 -49.80 11.01
N PRO D 307 -15.86 -48.86 10.22
CA PRO D 307 -15.76 -48.99 8.76
C PRO D 307 -14.41 -48.54 8.23
N LYS D 308 -14.15 -48.93 6.98
CA LYS D 308 -12.94 -48.48 6.29
C LYS D 308 -13.05 -47.00 5.93
N CYS D 309 -14.19 -46.58 5.37
CA CYS D 309 -14.44 -45.18 5.08
C CYS D 309 -15.86 -44.85 5.52
N TYR D 310 -16.12 -43.56 5.68
CA TYR D 310 -17.44 -43.09 6.08
C TYR D 310 -17.60 -41.64 5.64
N GLY D 311 -18.79 -41.31 5.17
CA GLY D 311 -19.03 -39.93 4.80
C GLY D 311 -20.38 -39.72 4.14
N PHE D 312 -20.59 -38.48 3.72
CA PHE D 312 -21.81 -38.01 3.05
C PHE D 312 -21.37 -37.42 1.72
N SER D 313 -21.55 -38.17 0.64
CA SER D 313 -21.11 -37.75 -0.68
C SER D 313 -22.29 -37.80 -1.65
N ARG D 314 -22.00 -37.57 -2.93
CA ARG D 314 -23.01 -37.56 -3.98
C ARG D 314 -22.74 -38.69 -4.96
N MET D 315 -23.70 -39.58 -5.10
CA MET D 315 -23.68 -40.64 -6.10
C MET D 315 -24.89 -40.47 -7.04
N MET D 316 -25.05 -41.41 -7.95
CA MET D 316 -26.13 -41.38 -8.92
C MET D 316 -26.99 -42.62 -8.76
N ALA D 317 -28.29 -42.42 -8.58
CA ALA D 317 -29.21 -43.51 -8.28
C ALA D 317 -30.41 -43.47 -9.23
N THR D 318 -30.80 -44.64 -9.71
CA THR D 318 -32.05 -44.83 -10.45
C THR D 318 -33.12 -45.32 -9.49
N LEU D 319 -34.36 -44.91 -9.74
CA LEU D 319 -35.45 -45.13 -8.79
C LEU D 319 -36.58 -45.95 -9.40
N HIS D 320 -37.23 -46.74 -8.54
CA HIS D 320 -38.37 -47.57 -8.94
C HIS D 320 -39.41 -46.73 -9.65
N HIS D 321 -39.94 -47.26 -10.75
CA HIS D 321 -41.03 -46.62 -11.47
C HIS D 321 -42.35 -47.23 -10.99
N HIS D 322 -43.21 -46.39 -10.42
CA HIS D 322 -44.47 -46.85 -9.85
C HIS D 322 -45.60 -46.81 -10.87
N GLU E 1 15.55 -18.40 -26.71
CA GLU E 1 14.12 -18.39 -27.14
C GLU E 1 13.30 -17.50 -26.22
N VAL E 2 13.33 -17.77 -24.92
CA VAL E 2 12.61 -16.90 -24.01
C VAL E 2 13.19 -15.49 -24.10
N GLN E 3 12.31 -14.50 -24.30
CA GLN E 3 12.72 -13.11 -24.34
C GLN E 3 11.75 -12.26 -23.55
N LEU E 4 12.30 -11.36 -22.74
CA LEU E 4 11.52 -10.40 -21.96
C LEU E 4 12.00 -8.99 -22.28
N LEU E 5 11.08 -8.11 -22.66
CA LEU E 5 11.40 -6.80 -23.22
C LEU E 5 10.65 -5.72 -22.45
N GLU E 6 11.37 -4.95 -21.64
CA GLU E 6 10.76 -3.89 -20.86
C GLU E 6 10.75 -2.57 -21.62
N SER E 7 9.78 -1.73 -21.27
CA SER E 7 9.70 -0.37 -21.76
C SER E 7 8.81 0.42 -20.81
N GLY E 8 8.84 1.74 -20.95
CA GLY E 8 8.06 2.60 -20.10
C GLY E 8 8.83 3.27 -18.99
N GLY E 9 10.14 3.17 -18.98
CA GLY E 9 10.94 3.89 -18.01
C GLY E 9 11.43 5.24 -18.51
N GLY E 10 11.68 6.14 -17.58
CA GLY E 10 12.17 7.45 -17.93
C GLY E 10 12.07 8.39 -16.74
N LEU E 11 12.22 9.68 -17.04
CA LEU E 11 12.09 10.71 -16.02
C LEU E 11 10.65 10.77 -15.53
N VAL E 12 10.50 10.95 -14.21
CA VAL E 12 9.22 11.24 -13.59
C VAL E 12 9.50 12.04 -12.32
N GLN E 13 8.64 13.00 -12.01
CA GLN E 13 8.95 13.79 -10.83
C GLN E 13 8.31 13.18 -9.59
N PRO E 14 8.82 13.53 -8.40
CA PRO E 14 8.27 12.95 -7.17
C PRO E 14 6.76 13.17 -7.07
N GLY E 15 6.06 12.12 -6.64
CA GLY E 15 4.62 12.12 -6.62
C GLY E 15 3.97 11.78 -7.94
N GLY E 16 4.76 11.60 -9.00
CA GLY E 16 4.22 11.23 -10.28
C GLY E 16 3.98 9.72 -10.38
N SER E 17 3.53 9.31 -11.56
CA SER E 17 3.21 7.90 -11.81
C SER E 17 3.77 7.47 -13.15
N LEU E 18 4.12 6.19 -13.23
CA LEU E 18 4.64 5.56 -14.44
C LEU E 18 4.11 4.14 -14.52
N ARG E 19 3.91 3.65 -15.75
CA ARG E 19 3.45 2.30 -15.99
C ARG E 19 4.50 1.55 -16.81
N LEU E 20 5.17 0.61 -16.16
CA LEU E 20 6.14 -0.23 -16.85
C LEU E 20 5.43 -1.36 -17.58
N SER E 21 6.04 -1.80 -18.68
CA SER E 21 5.53 -2.94 -19.45
C SER E 21 6.67 -3.91 -19.71
N CYS E 22 6.32 -5.19 -19.80
CA CYS E 22 7.29 -6.26 -20.02
C CYS E 22 6.68 -7.23 -21.03
N ALA E 23 7.14 -7.18 -22.27
CA ALA E 23 6.60 -8.00 -23.35
C ALA E 23 7.34 -9.32 -23.41
N ALA E 24 6.58 -10.42 -23.38
CA ALA E 24 7.13 -11.76 -23.30
C ALA E 24 6.94 -12.50 -24.61
N SER E 25 7.95 -13.28 -25.00
CA SER E 25 7.89 -14.12 -26.17
C SER E 25 8.72 -15.36 -25.93
N GLY E 26 8.43 -16.42 -26.69
CA GLY E 26 9.19 -17.65 -26.61
C GLY E 26 8.73 -18.64 -25.58
N PHE E 27 7.57 -18.45 -24.97
CA PHE E 27 7.03 -19.40 -24.01
C PHE E 27 5.55 -19.08 -23.79
N ILE E 28 4.85 -20.00 -23.13
CA ILE E 28 3.42 -19.85 -22.86
C ILE E 28 3.28 -18.92 -21.67
N PHE E 29 2.99 -17.65 -21.94
CA PHE E 29 3.00 -16.61 -20.91
C PHE E 29 2.02 -16.93 -19.79
N SER E 30 0.78 -17.27 -20.13
CA SER E 30 -0.28 -17.43 -19.14
C SER E 30 -0.06 -18.63 -18.22
N SER E 31 0.97 -19.43 -18.43
CA SER E 31 1.26 -20.60 -17.62
C SER E 31 2.32 -20.35 -16.56
N TYR E 32 2.87 -19.14 -16.48
CA TYR E 32 4.01 -18.90 -15.61
C TYR E 32 3.83 -17.61 -14.82
N ALA E 33 4.14 -17.67 -13.54
CA ALA E 33 4.18 -16.49 -12.69
C ALA E 33 5.35 -15.60 -13.12
N MET E 34 5.23 -14.32 -12.78
CA MET E 34 6.23 -13.32 -13.15
C MET E 34 6.49 -12.43 -11.95
N SER E 35 7.69 -11.88 -11.88
CA SER E 35 8.11 -11.02 -10.78
C SER E 35 8.78 -9.76 -11.32
N TRP E 36 8.73 -8.70 -10.52
CA TRP E 36 9.48 -7.48 -10.76
C TRP E 36 10.57 -7.36 -9.70
N VAL E 37 11.81 -7.18 -10.15
CA VAL E 37 12.95 -6.99 -9.28
C VAL E 37 13.67 -5.72 -9.73
N ARG E 38 13.94 -4.83 -8.79
CA ARG E 38 14.55 -3.55 -9.11
C ARG E 38 15.92 -3.45 -8.47
N GLN E 39 16.74 -2.53 -9.00
CA GLN E 39 18.10 -2.34 -8.54
C GLN E 39 18.42 -0.86 -8.53
N ALA E 40 18.48 -0.27 -7.35
CA ALA E 40 18.89 1.12 -7.23
C ALA E 40 20.34 1.26 -7.71
N PRO E 41 20.70 2.41 -8.28
CA PRO E 41 22.05 2.56 -8.83
C PRO E 41 23.14 2.30 -7.79
N GLY E 42 24.03 1.37 -8.12
CA GLY E 42 25.11 0.97 -7.25
C GLY E 42 24.73 0.03 -6.13
N LYS E 43 23.46 -0.34 -6.02
CA LYS E 43 22.94 -1.10 -4.90
C LYS E 43 22.65 -2.53 -5.33
N GLY E 44 22.08 -3.30 -4.39
CA GLY E 44 21.76 -4.69 -4.63
C GLY E 44 20.38 -4.88 -5.23
N LEU E 45 19.95 -6.14 -5.26
CA LEU E 45 18.66 -6.51 -5.84
C LEU E 45 17.56 -6.47 -4.79
N GLU E 46 16.40 -5.96 -5.19
CA GLU E 46 15.22 -5.88 -4.32
C GLU E 46 14.01 -6.41 -5.09
N TRP E 47 13.43 -7.50 -4.60
CA TRP E 47 12.17 -7.99 -5.16
C TRP E 47 11.03 -7.07 -4.73
N VAL E 48 10.13 -6.77 -5.67
CA VAL E 48 9.12 -5.74 -5.49
C VAL E 48 7.70 -6.31 -5.61
N SER E 49 7.45 -7.12 -6.65
CA SER E 49 6.10 -7.63 -6.86
C SER E 49 6.15 -8.93 -7.63
N ALA E 50 5.07 -9.72 -7.49
CA ALA E 50 4.92 -10.97 -8.22
C ALA E 50 3.44 -11.17 -8.53
N ILE E 51 3.19 -11.99 -9.56
CA ILE E 51 1.82 -12.22 -10.04
C ILE E 51 1.73 -13.66 -10.53
N SER E 52 0.59 -14.30 -10.25
CA SER E 52 0.39 -15.69 -10.66
C SER E 52 0.15 -15.75 -12.18
N GLY E 53 -0.04 -16.97 -12.69
CA GLY E 53 -0.15 -17.16 -14.13
C GLY E 53 -1.35 -16.43 -14.72
N SER E 54 -2.49 -16.50 -14.05
CA SER E 54 -3.69 -15.82 -14.53
C SER E 54 -3.83 -14.40 -14.00
N GLY E 55 -3.14 -14.07 -12.91
CA GLY E 55 -3.29 -12.78 -12.27
C GLY E 55 -4.17 -12.77 -11.05
N GLY E 56 -4.76 -13.92 -10.69
CA GLY E 56 -5.61 -13.97 -9.51
C GLY E 56 -4.87 -13.78 -8.21
N SER E 57 -3.58 -14.07 -8.18
CA SER E 57 -2.76 -13.92 -6.98
C SER E 57 -1.69 -12.86 -7.23
N THR E 58 -1.75 -11.76 -6.46
CA THR E 58 -0.77 -10.69 -6.52
C THR E 58 0.03 -10.65 -5.22
N TYR E 59 1.26 -10.14 -5.32
CA TYR E 59 2.17 -10.04 -4.19
C TYR E 59 3.00 -8.77 -4.31
N TYR E 60 3.25 -8.13 -3.18
CA TYR E 60 4.05 -6.91 -3.14
C TYR E 60 4.91 -6.88 -1.89
N ALA E 61 6.08 -6.28 -2.00
CA ALA E 61 6.90 -5.99 -0.84
C ALA E 61 6.37 -4.76 -0.12
N ASP E 62 6.65 -4.69 1.19
CA ASP E 62 6.16 -3.57 1.99
C ASP E 62 6.69 -2.23 1.48
N SER E 63 7.83 -2.23 0.81
CA SER E 63 8.40 -0.99 0.31
C SER E 63 7.59 -0.38 -0.84
N VAL E 64 6.66 -1.13 -1.44
CA VAL E 64 5.91 -0.65 -2.59
C VAL E 64 4.41 -0.86 -2.43
N LYS E 65 4.01 -1.54 -1.34
CA LYS E 65 2.61 -1.90 -1.18
C LYS E 65 1.72 -0.66 -1.11
N GLY E 66 0.55 -0.75 -1.74
CA GLY E 66 -0.37 0.37 -1.82
C GLY E 66 -0.03 1.40 -2.87
N ARG E 67 1.23 1.46 -3.32
CA ARG E 67 1.62 2.39 -4.38
C ARG E 67 1.81 1.71 -5.72
N PHE E 68 2.20 0.44 -5.73
CA PHE E 68 2.45 -0.30 -6.97
C PHE E 68 1.31 -1.30 -7.20
N THR E 69 0.99 -1.50 -8.48
CA THR E 69 0.01 -2.51 -8.89
C THR E 69 0.60 -3.31 -10.04
N ILE E 70 0.78 -4.61 -9.81
CA ILE E 70 1.21 -5.54 -10.85
C ILE E 70 -0.01 -6.11 -11.55
N SER E 71 0.08 -6.27 -12.86
CA SER E 71 -1.02 -6.86 -13.63
C SER E 71 -0.43 -7.43 -14.92
N ARG E 72 -1.27 -8.16 -15.64
CA ARG E 72 -0.83 -8.80 -16.87
C ARG E 72 -1.99 -8.89 -17.85
N ASP E 73 -1.67 -8.92 -19.13
CA ASP E 73 -2.63 -9.16 -20.21
C ASP E 73 -2.12 -10.38 -20.98
N ASN E 74 -2.63 -11.55 -20.64
CA ASN E 74 -2.21 -12.77 -21.31
C ASN E 74 -2.60 -12.79 -22.78
N SER E 75 -3.62 -12.01 -23.18
CA SER E 75 -3.95 -11.90 -24.60
C SER E 75 -2.82 -11.25 -25.38
N LYS E 76 -2.16 -10.25 -24.79
CA LYS E 76 -1.05 -9.54 -25.43
C LYS E 76 0.32 -10.00 -24.95
N ASN E 77 0.38 -10.97 -24.03
CA ASN E 77 1.65 -11.53 -23.55
C ASN E 77 2.55 -10.47 -22.93
N THR E 78 1.97 -9.57 -22.14
CA THR E 78 2.74 -8.49 -21.53
C THR E 78 2.48 -8.40 -20.04
N LEU E 79 3.55 -8.17 -19.29
CA LEU E 79 3.51 -7.92 -17.85
C LEU E 79 3.56 -6.42 -17.61
N TYR E 80 2.75 -5.95 -16.66
CA TYR E 80 2.67 -4.52 -16.36
C TYR E 80 3.06 -4.27 -14.92
N LEU E 81 3.54 -3.05 -14.66
CA LEU E 81 3.77 -2.57 -13.30
C LEU E 81 3.37 -1.10 -13.23
N GLN E 82 2.22 -0.82 -12.61
CA GLN E 82 1.76 0.55 -12.41
C GLN E 82 2.36 1.07 -11.12
N MET E 83 3.08 2.19 -11.20
CA MET E 83 3.78 2.78 -10.07
C MET E 83 3.23 4.17 -9.80
N ASN E 84 2.75 4.39 -8.58
CA ASN E 84 2.18 5.67 -8.19
C ASN E 84 2.92 6.25 -7.00
N SER E 85 2.77 7.56 -6.82
CA SER E 85 3.32 8.29 -5.67
C SER E 85 4.82 8.05 -5.55
N LEU E 86 5.53 8.20 -6.67
CA LEU E 86 6.93 7.82 -6.75
C LEU E 86 7.82 8.75 -5.94
N ARG E 87 8.81 8.17 -5.27
CA ARG E 87 9.78 8.88 -4.46
C ARG E 87 11.18 8.61 -4.96
N ASP E 88 12.14 9.35 -4.40
CA ASP E 88 13.54 9.18 -4.78
C ASP E 88 14.01 7.75 -4.52
N GLU E 89 13.43 7.08 -3.53
CA GLU E 89 13.79 5.70 -3.22
C GLU E 89 13.43 4.73 -4.34
N ASP E 90 12.51 5.10 -5.23
CA ASP E 90 12.10 4.22 -6.31
C ASP E 90 12.97 4.34 -7.55
N THR E 91 13.86 5.32 -7.61
CA THR E 91 14.80 5.44 -8.72
C THR E 91 15.65 4.17 -8.78
N ALA E 92 15.50 3.39 -9.84
CA ALA E 92 16.18 2.12 -9.97
C ALA E 92 16.00 1.61 -11.40
N VAL E 93 16.73 0.55 -11.72
CA VAL E 93 16.49 -0.23 -12.93
C VAL E 93 15.53 -1.34 -12.57
N TYR E 94 14.46 -1.48 -13.36
CA TYR E 94 13.40 -2.42 -13.06
C TYR E 94 13.48 -3.60 -14.02
N TYR E 95 13.58 -4.80 -13.46
CA TYR E 95 13.61 -6.04 -14.21
C TYR E 95 12.32 -6.81 -14.01
N CYS E 96 11.81 -7.41 -15.09
CA CYS E 96 10.82 -8.47 -14.99
C CYS E 96 11.53 -9.80 -15.16
N ALA E 97 10.99 -10.83 -14.52
CA ALA E 97 11.64 -12.15 -14.51
C ALA E 97 10.58 -13.24 -14.62
N LYS E 98 10.95 -14.32 -15.30
CA LYS E 98 10.06 -15.46 -15.52
C LYS E 98 10.24 -16.50 -14.41
N ASP E 99 9.15 -16.90 -13.78
CA ASP E 99 9.22 -17.93 -12.75
C ASP E 99 8.99 -19.31 -13.38
N ARG E 100 9.05 -20.35 -12.56
CA ARG E 100 9.03 -21.73 -13.02
C ARG E 100 7.67 -22.40 -12.84
N SER E 101 6.70 -21.71 -12.24
CA SER E 101 5.40 -22.30 -11.95
C SER E 101 4.31 -21.28 -12.22
N TYR E 102 3.07 -21.78 -12.35
CA TYR E 102 1.91 -20.90 -12.34
C TYR E 102 1.86 -20.13 -11.03
N VAL E 103 2.23 -20.79 -9.93
CA VAL E 103 2.32 -20.17 -8.61
C VAL E 103 3.64 -19.41 -8.51
N SER E 104 3.60 -18.24 -7.89
CA SER E 104 4.84 -17.55 -7.55
C SER E 104 5.69 -18.46 -6.68
N SER E 105 6.87 -18.82 -7.17
CA SER E 105 7.74 -19.77 -6.47
C SER E 105 9.12 -19.21 -6.16
N GLY E 106 9.64 -18.28 -6.95
CA GLY E 106 10.93 -17.67 -6.67
C GLY E 106 12.10 -18.14 -7.49
N PHE E 107 11.87 -18.82 -8.61
CA PHE E 107 12.93 -19.21 -9.54
C PHE E 107 12.94 -18.20 -10.68
N PHE E 108 13.80 -17.19 -10.58
CA PHE E 108 13.90 -16.16 -11.62
C PHE E 108 14.79 -16.71 -12.74
N ASP E 109 14.18 -17.51 -13.60
CA ASP E 109 14.92 -18.26 -14.61
C ASP E 109 15.35 -17.42 -15.79
N ASP E 110 14.56 -16.43 -16.18
CA ASP E 110 14.87 -15.54 -17.30
C ASP E 110 14.55 -14.11 -16.90
N TRP E 111 15.40 -13.18 -17.32
CA TRP E 111 15.26 -11.78 -16.96
C TRP E 111 15.20 -10.92 -18.23
N GLY E 112 14.54 -9.78 -18.10
CA GLY E 112 14.64 -8.75 -19.12
C GLY E 112 15.93 -7.98 -19.02
N GLN E 113 16.13 -7.07 -19.97
CA GLN E 113 17.34 -6.25 -19.95
C GLN E 113 17.25 -5.12 -18.93
N GLY E 114 16.06 -4.82 -18.43
CA GLY E 114 15.86 -3.77 -17.45
C GLY E 114 15.45 -2.46 -18.12
N THR E 115 14.69 -1.66 -17.36
CA THR E 115 14.37 -0.30 -17.76
C THR E 115 14.60 0.62 -16.57
N LEU E 116 15.02 1.85 -16.86
CA LEU E 116 15.48 2.79 -15.85
C LEU E 116 14.39 3.78 -15.50
N VAL E 117 14.08 3.89 -14.22
CA VAL E 117 13.15 4.88 -13.70
C VAL E 117 13.95 5.89 -12.89
N THR E 118 13.94 7.14 -13.33
CA THR E 118 14.59 8.24 -12.61
C THR E 118 13.51 9.14 -12.04
N VAL E 119 13.49 9.27 -10.71
CA VAL E 119 12.50 10.09 -10.01
C VAL E 119 13.21 11.35 -9.54
N SER E 120 13.05 12.44 -10.29
CA SER E 120 13.58 13.73 -9.86
C SER E 120 12.76 14.83 -10.51
N SER E 121 12.79 16.00 -9.87
CA SER E 121 12.08 17.16 -10.39
C SER E 121 12.82 17.86 -11.52
N ALA E 122 14.06 17.46 -11.79
CA ALA E 122 14.88 18.12 -12.81
C ALA E 122 14.30 17.86 -14.20
N SER E 123 14.93 18.49 -15.19
CA SER E 123 14.40 18.55 -16.55
C SER E 123 15.34 17.85 -17.52
N THR E 124 14.77 17.34 -18.60
CA THR E 124 15.51 16.53 -19.57
C THR E 124 16.23 17.42 -20.59
N LYS E 125 17.51 17.13 -20.80
CA LYS E 125 18.37 17.90 -21.71
C LYS E 125 19.19 16.95 -22.57
N GLY E 126 19.37 17.31 -23.84
CA GLY E 126 20.18 16.54 -24.75
C GLY E 126 21.65 16.91 -24.68
N PRO E 127 22.52 15.97 -25.02
CA PRO E 127 23.95 16.16 -24.82
C PRO E 127 24.63 16.87 -25.98
N SER E 128 25.80 17.43 -25.68
CA SER E 128 26.74 17.87 -26.69
C SER E 128 27.76 16.76 -26.93
N VAL E 129 28.19 16.63 -28.18
CA VAL E 129 29.11 15.56 -28.59
C VAL E 129 30.34 16.21 -29.20
N PHE E 130 31.50 16.03 -28.56
CA PHE E 130 32.75 16.54 -29.06
C PHE E 130 33.73 15.40 -29.31
N PRO E 131 34.58 15.51 -30.31
CA PRO E 131 35.56 14.45 -30.60
C PRO E 131 36.79 14.58 -29.71
N LEU E 132 37.60 13.52 -29.74
CA LEU E 132 38.87 13.47 -29.02
C LEU E 132 39.95 12.98 -29.98
N ALA E 133 41.02 13.76 -30.12
CA ALA E 133 42.08 13.52 -31.12
C ALA E 133 42.58 12.07 -31.17
N THR E 143 49.83 1.97 -32.09
CA THR E 143 48.43 2.04 -31.68
C THR E 143 48.10 3.38 -31.03
N ALA E 144 47.04 4.02 -31.51
CA ALA E 144 46.61 5.33 -31.04
C ALA E 144 45.16 5.28 -30.60
N ALA E 145 44.80 6.17 -29.69
CA ALA E 145 43.47 6.21 -29.08
C ALA E 145 42.74 7.48 -29.47
N LEU E 146 41.44 7.35 -29.74
CA LEU E 146 40.55 8.46 -30.01
C LEU E 146 39.24 8.21 -29.26
N GLY E 147 38.32 9.17 -29.32
CA GLY E 147 37.03 8.97 -28.69
C GLY E 147 36.14 10.18 -28.83
N CYS E 148 34.99 10.11 -28.14
CA CYS E 148 33.98 11.16 -28.17
C CYS E 148 33.60 11.55 -26.75
N LEU E 149 33.34 12.85 -26.56
CA LEU E 149 32.90 13.39 -25.28
C LEU E 149 31.41 13.71 -25.36
N VAL E 150 30.63 13.12 -24.46
CA VAL E 150 29.18 13.28 -24.42
C VAL E 150 28.87 14.06 -23.14
N LYS E 151 28.58 15.35 -23.27
CA LYS E 151 28.60 16.29 -22.16
C LYS E 151 27.23 16.90 -21.89
N ASP E 152 26.98 17.15 -20.60
CA ASP E 152 25.85 17.96 -20.12
C ASP E 152 24.51 17.42 -20.63
N TYR E 153 24.18 16.22 -20.17
CA TYR E 153 22.91 15.60 -20.49
C TYR E 153 22.22 15.11 -19.21
N PHE E 154 20.89 14.97 -19.32
CA PHE E 154 20.08 14.46 -18.22
C PHE E 154 18.77 13.97 -18.82
N PRO E 155 18.25 12.83 -18.38
CA PRO E 155 18.80 11.92 -17.39
C PRO E 155 19.63 10.84 -18.06
N GLU E 156 20.09 9.84 -17.31
CA GLU E 156 20.62 8.63 -17.92
C GLU E 156 19.49 7.91 -18.66
N PRO E 157 19.82 7.05 -19.62
CA PRO E 157 21.15 6.66 -20.11
C PRO E 157 21.49 7.20 -21.50
N VAL E 158 22.77 7.15 -21.86
CA VAL E 158 23.20 7.31 -23.24
C VAL E 158 23.88 6.02 -23.68
N THR E 159 23.73 5.68 -24.96
CA THR E 159 24.41 4.55 -25.55
C THR E 159 25.32 5.06 -26.66
N VAL E 160 26.57 4.58 -26.67
CA VAL E 160 27.56 5.00 -27.64
C VAL E 160 28.00 3.78 -28.44
N SER E 161 27.91 3.88 -29.76
CA SER E 161 28.42 2.89 -30.70
C SER E 161 29.61 3.47 -31.44
N TRP E 162 30.35 2.59 -32.12
CA TRP E 162 31.44 2.99 -32.98
C TRP E 162 31.28 2.32 -34.33
N ASN E 163 31.18 3.13 -35.38
CA ASN E 163 31.01 2.65 -36.75
C ASN E 163 29.80 1.71 -36.88
N SER E 164 28.67 2.14 -36.29
CA SER E 164 27.41 1.43 -36.38
C SER E 164 27.52 0.00 -35.83
N GLY E 165 28.41 -0.21 -34.87
CA GLY E 165 28.64 -1.51 -34.30
C GLY E 165 29.70 -2.34 -34.98
N ALA E 166 30.30 -1.85 -36.07
CA ALA E 166 31.36 -2.59 -36.74
C ALA E 166 32.63 -2.65 -35.89
N LEU E 167 32.92 -1.59 -35.14
CA LEU E 167 34.15 -1.48 -34.35
C LEU E 167 33.80 -1.78 -32.89
N THR E 168 34.08 -3.01 -32.45
CA THR E 168 33.81 -3.45 -31.09
C THR E 168 35.08 -3.50 -30.23
N SER E 169 36.15 -4.09 -30.75
CA SER E 169 37.34 -4.31 -29.94
C SER E 169 37.99 -2.99 -29.54
N GLY E 170 38.48 -2.95 -28.31
CA GLY E 170 39.20 -1.79 -27.80
C GLY E 170 38.35 -0.66 -27.28
N VAL E 171 37.02 -0.78 -27.34
CA VAL E 171 36.14 0.29 -26.93
C VAL E 171 36.02 0.31 -25.41
N HIS E 172 36.04 1.51 -24.84
CA HIS E 172 35.84 1.69 -23.40
C HIS E 172 34.90 2.88 -23.21
N THR E 173 33.62 2.60 -22.99
CA THR E 173 32.62 3.63 -22.72
C THR E 173 32.48 3.77 -21.20
N PHE E 174 32.91 4.90 -20.67
CA PHE E 174 33.05 5.08 -19.24
C PHE E 174 31.71 5.31 -18.56
N PRO E 175 31.60 4.96 -17.28
CA PRO E 175 30.41 5.33 -16.52
C PRO E 175 30.26 6.85 -16.45
N ALA E 176 29.02 7.31 -16.55
CA ALA E 176 28.75 8.74 -16.48
C ALA E 176 28.99 9.27 -15.08
N VAL E 177 29.46 10.51 -14.99
CA VAL E 177 29.69 11.19 -13.73
C VAL E 177 28.72 12.35 -13.62
N LEU E 178 28.17 12.54 -12.42
CA LEU E 178 27.24 13.63 -12.15
C LEU E 178 28.03 14.89 -11.84
N GLN E 179 28.04 15.84 -12.78
CA GLN E 179 28.71 17.11 -12.55
C GLN E 179 27.98 17.92 -11.49
N SER E 180 28.71 18.88 -10.90
CA SER E 180 28.13 19.74 -9.88
C SER E 180 26.94 20.52 -10.42
N SER E 181 26.93 20.82 -11.72
CA SER E 181 25.83 21.54 -12.35
C SER E 181 24.53 20.75 -12.34
N GLY E 182 24.57 19.45 -12.05
CA GLY E 182 23.39 18.61 -12.08
C GLY E 182 23.18 17.82 -13.35
N LEU E 183 24.16 17.82 -14.26
CA LEU E 183 24.06 17.11 -15.53
C LEU E 183 25.14 16.04 -15.60
N TYR E 184 24.90 15.06 -16.47
CA TYR E 184 25.80 13.93 -16.64
C TYR E 184 26.76 14.16 -17.79
N SER E 185 27.95 13.58 -17.67
CA SER E 185 28.93 13.58 -18.73
C SER E 185 29.67 12.25 -18.74
N LEU E 186 29.94 11.73 -19.93
CA LEU E 186 30.78 10.55 -20.08
C LEU E 186 31.65 10.71 -21.30
N SER E 187 32.71 9.90 -21.36
CA SER E 187 33.56 9.79 -22.53
C SER E 187 33.56 8.34 -23.00
N SER E 188 33.57 8.16 -24.32
CA SER E 188 33.76 6.86 -24.93
C SER E 188 35.02 6.91 -25.78
N VAL E 189 35.87 5.90 -25.65
CA VAL E 189 37.17 5.86 -26.31
C VAL E 189 37.35 4.49 -26.95
N VAL E 190 38.35 4.41 -27.83
CA VAL E 190 38.71 3.15 -28.49
C VAL E 190 40.14 3.28 -28.98
N THR E 191 40.84 2.15 -29.01
CA THR E 191 42.21 2.08 -29.50
C THR E 191 42.23 1.51 -30.91
N VAL E 192 43.00 2.14 -31.78
CA VAL E 192 43.15 1.69 -33.17
C VAL E 192 44.61 1.79 -33.57
N PRO E 193 45.02 0.98 -34.55
CA PRO E 193 46.39 1.09 -35.04
C PRO E 193 46.67 2.49 -35.54
N SER E 194 47.90 2.97 -35.28
CA SER E 194 48.31 4.27 -35.77
C SER E 194 48.32 4.33 -37.29
N SER E 195 48.36 3.18 -37.96
CA SER E 195 48.17 3.10 -39.40
C SER E 195 46.69 2.95 -39.73
N SER E 196 45.88 3.83 -39.13
CA SER E 196 44.46 3.92 -39.43
C SER E 196 44.02 5.29 -39.89
N LEU E 197 44.83 6.32 -39.68
CA LEU E 197 44.56 7.64 -40.25
C LEU E 197 44.44 7.52 -41.77
N GLY E 198 43.36 8.08 -42.31
CA GLY E 198 43.10 7.95 -43.72
C GLY E 198 42.51 6.61 -44.11
N THR E 199 43.23 5.51 -43.86
CA THR E 199 42.74 4.20 -44.31
C THR E 199 41.40 3.83 -43.70
N GLN E 200 41.12 4.26 -42.47
CA GLN E 200 39.88 3.89 -41.81
C GLN E 200 39.18 5.11 -41.23
N THR E 201 37.85 5.10 -41.32
CA THR E 201 37.00 6.17 -40.81
C THR E 201 36.37 5.73 -39.49
N TYR E 202 36.46 6.59 -38.48
CA TYR E 202 35.95 6.27 -37.13
C TYR E 202 34.84 7.25 -36.77
N ILE E 203 33.65 6.73 -36.51
CA ILE E 203 32.48 7.53 -36.16
C ILE E 203 31.87 6.96 -34.88
N CYS E 204 31.58 7.84 -33.93
CA CYS E 204 30.87 7.45 -32.72
C CYS E 204 29.39 7.76 -32.87
N ASN E 205 28.55 6.80 -32.50
CA ASN E 205 27.10 6.89 -32.66
C ASN E 205 26.48 7.07 -31.27
N VAL E 206 26.29 8.34 -30.88
CA VAL E 206 25.70 8.68 -29.60
C VAL E 206 24.19 8.68 -29.73
N ASN E 207 23.51 8.20 -28.69
CA ASN E 207 22.05 8.16 -28.64
C ASN E 207 21.58 8.44 -27.22
N HIS E 208 20.79 9.49 -27.05
CA HIS E 208 20.15 9.83 -25.78
C HIS E 208 18.65 9.84 -26.03
N LYS E 209 18.02 8.67 -25.91
CA LYS E 209 16.60 8.55 -26.22
C LYS E 209 15.69 9.49 -25.43
N PRO E 210 15.87 9.69 -24.11
CA PRO E 210 14.93 10.57 -23.39
C PRO E 210 14.80 11.96 -24.00
N SER E 211 15.88 12.50 -24.54
CA SER E 211 15.85 13.78 -25.24
C SER E 211 15.87 13.60 -26.76
N ASN E 212 15.77 12.37 -27.25
CA ASN E 212 15.61 12.07 -28.67
C ASN E 212 16.84 12.41 -29.51
N THR E 213 18.01 12.56 -28.89
CA THR E 213 19.21 12.95 -29.62
C THR E 213 19.87 11.73 -30.26
N LYS E 214 20.39 11.91 -31.47
CA LYS E 214 21.19 10.89 -32.14
C LYS E 214 22.23 11.60 -33.00
N VAL E 215 23.50 11.50 -32.62
CA VAL E 215 24.58 12.23 -33.27
C VAL E 215 25.57 11.22 -33.87
N ASP E 216 26.25 11.64 -34.94
CA ASP E 216 27.14 10.80 -35.74
C ASP E 216 28.49 11.47 -35.92
N LYS E 217 29.09 11.90 -34.83
CA LYS E 217 30.33 12.67 -34.91
C LYS E 217 31.47 11.86 -35.51
N ARG E 218 32.29 12.52 -36.30
CA ARG E 218 33.50 11.95 -36.89
C ARG E 218 34.71 12.42 -36.09
N VAL E 219 35.73 11.55 -36.03
CA VAL E 219 36.99 11.85 -35.36
C VAL E 219 38.12 11.70 -36.36
N GLU E 220 38.92 12.74 -36.51
CA GLU E 220 39.97 12.84 -37.52
C GLU E 220 41.20 13.47 -36.89
N PRO E 221 42.38 13.32 -37.52
CA PRO E 221 43.63 13.64 -36.80
C PRO E 221 43.76 15.07 -36.30
N LYS E 222 43.57 16.08 -37.17
CA LYS E 222 43.87 17.51 -36.96
C LYS E 222 45.34 17.82 -37.22
N SER E 223 45.73 19.09 -37.09
CA SER E 223 47.10 19.52 -37.32
C SER E 223 47.79 19.91 -36.01
N ASP F 1 10.36 -10.27 6.20
CA ASP F 1 10.35 -11.32 7.21
C ASP F 1 11.73 -11.96 7.36
N ILE F 2 12.17 -12.67 6.32
CA ILE F 2 13.43 -13.40 6.34
C ILE F 2 14.54 -12.52 5.76
N GLN F 3 15.64 -12.40 6.50
CA GLN F 3 16.78 -11.57 6.12
C GLN F 3 17.98 -12.45 5.79
N MET F 4 18.59 -12.20 4.64
CA MET F 4 19.75 -12.96 4.18
C MET F 4 21.02 -12.14 4.42
N THR F 5 22.08 -12.83 4.83
CA THR F 5 23.37 -12.20 5.13
C THR F 5 24.46 -12.87 4.30
N GLN F 6 25.16 -12.09 3.49
CA GLN F 6 26.21 -12.60 2.61
C GLN F 6 27.58 -12.11 3.08
N SER F 7 28.57 -13.00 2.97
CA SER F 7 29.97 -12.66 3.23
C SER F 7 30.83 -13.45 2.26
N PRO F 8 31.96 -12.86 1.81
CA PRO F 8 32.42 -11.49 2.06
C PRO F 8 31.65 -10.50 1.20
N SER F 9 31.67 -9.21 1.53
CA SER F 9 31.05 -8.24 0.64
C SER F 9 31.90 -8.03 -0.61
N SER F 10 33.20 -8.26 -0.51
CA SER F 10 34.13 -8.08 -1.61
C SER F 10 35.21 -9.14 -1.52
N LEU F 11 35.76 -9.53 -2.67
CA LEU F 11 36.73 -10.61 -2.71
C LEU F 11 37.62 -10.46 -3.93
N SER F 12 38.94 -10.54 -3.71
CA SER F 12 39.96 -10.49 -4.75
C SER F 12 40.64 -11.86 -4.81
N ALA F 13 40.45 -12.57 -5.92
CA ALA F 13 41.02 -13.90 -6.05
C ALA F 13 41.66 -14.07 -7.43
N SER F 14 42.63 -14.97 -7.50
CA SER F 14 43.43 -15.17 -8.70
C SER F 14 42.81 -16.23 -9.59
N VAL F 15 43.24 -16.26 -10.85
CA VAL F 15 42.76 -17.26 -11.80
C VAL F 15 43.24 -18.63 -11.36
N GLY F 16 42.31 -19.58 -11.29
CA GLY F 16 42.60 -20.91 -10.80
C GLY F 16 42.33 -21.13 -9.32
N ASP F 17 42.11 -20.07 -8.56
CA ASP F 17 41.84 -20.21 -7.13
C ASP F 17 40.45 -20.82 -6.90
N ARG F 18 40.30 -21.48 -5.76
CA ARG F 18 38.99 -21.87 -5.27
C ARG F 18 38.37 -20.70 -4.50
N VAL F 19 37.08 -20.47 -4.77
CA VAL F 19 36.36 -19.33 -4.18
C VAL F 19 35.13 -19.87 -3.47
N THR F 20 34.89 -19.38 -2.25
CA THR F 20 33.72 -19.78 -1.45
C THR F 20 33.03 -18.54 -0.91
N ILE F 21 31.75 -18.37 -1.26
CA ILE F 21 30.89 -17.35 -0.68
C ILE F 21 29.93 -18.02 0.28
N THR F 22 29.63 -17.35 1.39
CA THR F 22 28.68 -17.86 2.37
C THR F 22 27.43 -16.98 2.40
N CYS F 23 26.31 -17.59 2.78
CA CYS F 23 25.04 -16.89 2.87
C CYS F 23 24.26 -17.52 4.01
N GLN F 24 23.75 -16.68 4.92
CA GLN F 24 23.03 -17.15 6.10
C GLN F 24 21.65 -16.52 6.15
N ALA F 25 20.66 -17.32 6.55
CA ALA F 25 19.28 -16.88 6.66
C ALA F 25 18.91 -16.72 8.13
N SER F 26 18.07 -15.71 8.42
CA SER F 26 17.67 -15.46 9.80
C SER F 26 16.78 -16.56 10.35
N GLN F 27 16.12 -17.34 9.50
CA GLN F 27 15.28 -18.47 9.91
C GLN F 27 15.68 -19.70 9.11
N ASP F 28 15.04 -20.82 9.43
CA ASP F 28 15.21 -22.05 8.68
C ASP F 28 14.46 -21.94 7.35
N ILE F 29 15.20 -22.00 6.25
CA ILE F 29 14.62 -21.99 4.92
C ILE F 29 14.82 -23.33 4.21
N SER F 30 15.04 -24.40 4.97
CA SER F 30 15.39 -25.71 4.43
C SER F 30 16.45 -25.56 3.35
N ASN F 31 16.14 -25.94 2.11
CA ASN F 31 17.07 -25.80 1.00
C ASN F 31 16.55 -24.85 -0.07
N TYR F 32 15.61 -23.97 0.29
CA TYR F 32 14.99 -23.06 -0.67
C TYR F 32 15.85 -21.80 -0.82
N LEU F 33 17.02 -21.97 -1.43
CA LEU F 33 17.93 -20.87 -1.69
C LEU F 33 18.46 -20.94 -3.12
N ASN F 34 18.46 -19.80 -3.81
CA ASN F 34 18.97 -19.68 -5.17
C ASN F 34 20.20 -18.78 -5.18
N TRP F 35 21.06 -18.99 -6.19
CA TRP F 35 22.26 -18.18 -6.38
C TRP F 35 22.24 -17.56 -7.77
N TYR F 36 22.52 -16.27 -7.84
CA TYR F 36 22.49 -15.52 -9.10
C TYR F 36 23.83 -14.85 -9.34
N GLN F 37 24.23 -14.79 -10.61
CA GLN F 37 25.41 -14.08 -11.05
C GLN F 37 25.00 -12.88 -11.89
N GLN F 38 25.62 -11.73 -11.62
CA GLN F 38 25.32 -10.50 -12.36
C GLN F 38 26.62 -9.91 -12.90
N ARG F 39 26.85 -10.11 -14.20
CA ARG F 39 28.02 -9.54 -14.85
C ARG F 39 27.84 -8.03 -15.02
N PRO F 40 28.94 -7.28 -15.10
CA PRO F 40 28.83 -5.82 -15.28
C PRO F 40 28.02 -5.48 -16.52
N GLY F 41 26.96 -4.71 -16.32
CA GLY F 41 26.13 -4.22 -17.41
C GLY F 41 24.97 -5.11 -17.78
N LYS F 42 24.97 -6.36 -17.36
CA LYS F 42 23.95 -7.33 -17.73
C LYS F 42 23.01 -7.61 -16.55
N ALA F 43 21.93 -8.31 -16.87
CA ALA F 43 20.94 -8.70 -15.87
C ALA F 43 21.41 -9.95 -15.11
N PRO F 44 20.93 -10.14 -13.87
CA PRO F 44 21.27 -11.36 -13.12
C PRO F 44 20.96 -12.64 -13.88
N LYS F 45 21.67 -13.71 -13.53
CA LYS F 45 21.53 -15.00 -14.20
C LYS F 45 21.54 -16.09 -13.15
N LEU F 46 20.50 -16.92 -13.16
CA LEU F 46 20.41 -18.01 -12.20
C LEU F 46 21.44 -19.07 -12.51
N LEU F 47 22.27 -19.40 -11.52
CA LEU F 47 23.30 -20.42 -11.65
C LEU F 47 22.97 -21.69 -10.88
N ILE F 48 22.57 -21.56 -9.62
CA ILE F 48 22.26 -22.71 -8.78
C ILE F 48 20.90 -22.48 -8.12
N PHE F 49 20.06 -23.51 -8.12
CA PHE F 49 18.76 -23.47 -7.47
C PHE F 49 18.62 -24.66 -6.52
N GLU F 50 17.68 -24.52 -5.58
CA GLU F 50 17.52 -25.47 -4.47
C GLU F 50 18.84 -25.73 -3.77
N ALA F 51 19.69 -24.70 -3.76
CA ALA F 51 20.93 -24.60 -3.01
C ALA F 51 22.05 -25.47 -3.54
N SER F 52 21.73 -26.44 -4.42
CA SER F 52 22.77 -27.31 -4.95
C SER F 52 22.62 -27.69 -6.42
N ASN F 53 21.48 -27.46 -7.05
CA ASN F 53 21.24 -27.91 -8.42
C ASN F 53 21.78 -26.90 -9.42
N LEU F 54 22.58 -27.38 -10.37
CA LEU F 54 23.06 -26.53 -11.45
C LEU F 54 21.94 -26.25 -12.43
N GLU F 55 21.78 -24.98 -12.80
CA GLU F 55 20.88 -24.64 -13.89
C GLU F 55 21.43 -25.19 -15.21
N THR F 56 20.52 -25.41 -16.16
CA THR F 56 20.91 -25.97 -17.45
C THR F 56 22.00 -25.13 -18.10
N GLY F 57 23.07 -25.79 -18.52
CA GLY F 57 24.14 -25.15 -19.27
C GLY F 57 25.18 -24.43 -18.43
N VAL F 58 25.03 -24.38 -17.12
CA VAL F 58 26.00 -23.69 -16.27
C VAL F 58 27.24 -24.56 -16.13
N PRO F 59 28.45 -23.99 -16.20
CA PRO F 59 29.66 -24.81 -16.08
C PRO F 59 29.73 -25.55 -14.74
N SER F 60 30.40 -26.69 -14.76
CA SER F 60 30.47 -27.56 -13.59
C SER F 60 31.41 -27.04 -12.51
N ARG F 61 32.18 -25.98 -12.78
CA ARG F 61 33.02 -25.41 -11.74
C ARG F 61 32.21 -24.63 -10.69
N PHE F 62 30.91 -24.45 -10.93
CA PHE F 62 30.03 -23.80 -9.97
C PHE F 62 29.29 -24.85 -9.15
N SER F 63 29.16 -24.61 -7.86
CA SER F 63 28.48 -25.54 -6.97
C SER F 63 27.95 -24.78 -5.76
N GLY F 64 27.05 -25.42 -5.04
CA GLY F 64 26.54 -24.88 -3.79
C GLY F 64 26.07 -25.99 -2.88
N SER F 65 26.05 -25.69 -1.58
CA SER F 65 25.53 -26.63 -0.60
C SER F 65 25.02 -25.87 0.60
N GLY F 66 24.22 -26.55 1.41
CA GLY F 66 23.65 -26.00 2.62
C GLY F 66 22.20 -26.40 2.77
N SER F 67 21.74 -26.45 4.02
CA SER F 67 20.35 -26.69 4.33
C SER F 67 20.07 -26.12 5.72
N GLY F 68 18.93 -25.46 5.86
CA GLY F 68 18.62 -24.79 7.11
C GLY F 68 18.86 -23.30 7.01
N THR F 69 19.98 -22.85 7.58
CA THR F 69 20.35 -21.44 7.58
C THR F 69 21.69 -21.15 6.91
N ASP F 70 22.65 -22.07 6.98
CA ASP F 70 24.00 -21.83 6.51
C ASP F 70 24.18 -22.45 5.11
N PHE F 71 24.47 -21.60 4.13
CA PHE F 71 24.61 -22.03 2.75
C PHE F 71 25.96 -21.56 2.21
N THR F 72 26.45 -22.27 1.21
CA THR F 72 27.75 -21.97 0.62
C THR F 72 27.65 -22.01 -0.90
N PHE F 73 28.39 -21.12 -1.55
CA PHE F 73 28.52 -21.08 -3.00
C PHE F 73 30.01 -21.17 -3.35
N THR F 74 30.34 -22.00 -4.33
CA THR F 74 31.74 -22.34 -4.57
C THR F 74 32.07 -22.31 -6.06
N ILE F 75 33.18 -21.64 -6.40
CA ILE F 75 33.78 -21.74 -7.72
C ILE F 75 35.09 -22.50 -7.57
N SER F 76 35.16 -23.68 -8.19
CA SER F 76 36.30 -24.56 -7.93
C SER F 76 37.59 -24.00 -8.51
N SER F 77 37.56 -23.55 -9.76
CA SER F 77 38.71 -22.94 -10.40
C SER F 77 38.25 -21.63 -11.05
N LEU F 78 38.77 -20.51 -10.56
CA LEU F 78 38.31 -19.20 -10.99
C LEU F 78 38.78 -18.90 -12.41
N GLN F 79 37.86 -18.38 -13.23
CA GLN F 79 38.14 -17.95 -14.59
C GLN F 79 37.87 -16.45 -14.74
N PRO F 80 38.54 -15.79 -15.68
CA PRO F 80 38.39 -14.32 -15.80
C PRO F 80 36.97 -13.85 -16.07
N GLU F 81 36.16 -14.65 -16.77
CA GLU F 81 34.79 -14.22 -17.09
C GLU F 81 33.83 -14.37 -15.92
N ASP F 82 34.27 -14.98 -14.82
CA ASP F 82 33.44 -15.08 -13.61
C ASP F 82 33.35 -13.75 -12.87
N ILE F 83 34.03 -12.71 -13.35
CA ILE F 83 33.92 -11.37 -12.76
C ILE F 83 32.46 -10.96 -12.71
N ALA F 84 31.94 -10.76 -11.50
CA ALA F 84 30.54 -10.44 -11.31
C ALA F 84 30.28 -10.18 -9.83
N THR F 85 29.06 -9.75 -9.54
CA THR F 85 28.52 -9.72 -8.18
C THR F 85 27.55 -10.88 -8.04
N TYR F 86 27.68 -11.65 -6.96
CA TYR F 86 26.90 -12.85 -6.75
C TYR F 86 25.93 -12.66 -5.60
N TYR F 87 24.67 -13.05 -5.80
CA TYR F 87 23.61 -12.87 -4.82
C TYR F 87 22.97 -14.21 -4.48
N CYS F 88 22.65 -14.40 -3.20
CA CYS F 88 21.79 -15.49 -2.78
C CYS F 88 20.37 -14.97 -2.62
N GLN F 89 19.41 -15.89 -2.72
CA GLN F 89 18.01 -15.51 -2.70
C GLN F 89 17.22 -16.66 -2.09
N GLN F 90 16.45 -16.38 -1.04
CA GLN F 90 15.59 -17.37 -0.44
C GLN F 90 14.21 -17.33 -1.06
N TYR F 91 13.55 -18.49 -1.12
CA TYR F 91 12.17 -18.55 -1.61
C TYR F 91 11.32 -19.44 -0.72
N GLU F 92 11.69 -19.58 0.55
CA GLU F 92 10.84 -20.30 1.49
C GLU F 92 9.51 -19.60 1.70
N ASN F 93 9.53 -18.28 1.84
CA ASN F 93 8.29 -17.50 1.87
C ASN F 93 8.07 -16.83 0.52
N LEU F 94 6.87 -16.30 0.34
CA LEU F 94 6.52 -15.70 -0.94
C LEU F 94 7.13 -14.30 -1.12
N LEU F 95 7.50 -13.64 -0.04
CA LEU F 95 8.08 -12.30 -0.13
C LEU F 95 9.60 -12.46 -0.21
N TYR F 96 10.10 -12.62 -1.44
CA TYR F 96 11.48 -13.02 -1.66
C TYR F 96 12.45 -11.92 -1.26
N THR F 97 13.60 -12.34 -0.74
CA THR F 97 14.65 -11.43 -0.29
C THR F 97 16.00 -11.92 -0.78
N PHE F 98 16.87 -10.98 -1.13
CA PHE F 98 18.22 -11.27 -1.57
C PHE F 98 19.22 -10.92 -0.46
N GLY F 99 20.39 -11.56 -0.54
CA GLY F 99 21.53 -11.09 0.22
C GLY F 99 22.11 -9.83 -0.39
N GLN F 100 23.00 -9.18 0.35
CA GLN F 100 23.58 -7.93 -0.12
C GLN F 100 24.55 -8.12 -1.27
N GLY F 101 25.00 -9.34 -1.54
CA GLY F 101 25.82 -9.61 -2.69
C GLY F 101 27.31 -9.64 -2.35
N THR F 102 28.06 -10.29 -3.23
CA THR F 102 29.51 -10.36 -3.13
C THR F 102 30.09 -10.00 -4.49
N LYS F 103 30.86 -8.92 -4.55
CA LYS F 103 31.53 -8.56 -5.79
C LYS F 103 32.87 -9.28 -5.85
N LEU F 104 33.12 -9.93 -6.98
CA LEU F 104 34.29 -10.78 -7.16
C LEU F 104 35.19 -10.11 -8.19
N GLU F 105 36.43 -9.84 -7.77
CA GLU F 105 37.45 -9.26 -8.64
C GLU F 105 38.53 -10.29 -8.93
N ILE F 106 39.12 -10.21 -10.11
CA ILE F 106 40.21 -11.09 -10.50
C ILE F 106 41.53 -10.43 -10.14
N LYS F 107 42.32 -11.10 -9.32
CA LYS F 107 43.72 -10.71 -9.09
C LYS F 107 44.56 -11.20 -10.26
N ARG F 108 45.38 -10.31 -10.80
CA ARG F 108 46.15 -10.67 -11.99
C ARG F 108 47.48 -9.92 -11.99
N THR F 109 48.26 -10.17 -13.04
CA THR F 109 49.52 -9.49 -13.26
C THR F 109 49.32 -7.97 -13.23
N VAL F 110 50.24 -7.28 -12.57
CA VAL F 110 50.23 -5.82 -12.61
C VAL F 110 50.44 -5.37 -14.05
N ALA F 111 49.58 -4.47 -14.52
CA ALA F 111 49.58 -4.00 -15.89
C ALA F 111 49.78 -2.49 -15.92
N ALA F 112 50.77 -2.04 -16.70
CA ALA F 112 51.01 -0.61 -16.87
C ALA F 112 49.94 0.01 -17.76
N PRO F 113 49.43 1.19 -17.41
CA PRO F 113 48.40 1.84 -18.23
C PRO F 113 49.00 2.58 -19.42
N SER F 114 48.46 2.30 -20.60
CA SER F 114 48.70 3.14 -21.77
C SER F 114 48.01 4.48 -21.54
N VAL F 115 48.79 5.56 -21.45
CA VAL F 115 48.28 6.87 -21.07
C VAL F 115 48.14 7.73 -22.33
N PHE F 116 47.02 8.43 -22.43
CA PHE F 116 46.75 9.35 -23.52
C PHE F 116 46.18 10.63 -22.96
N ILE F 117 46.35 11.72 -23.70
CA ILE F 117 45.82 13.02 -23.33
C ILE F 117 45.16 13.65 -24.55
N PHE F 118 44.00 14.26 -24.34
CA PHE F 118 43.19 14.79 -25.43
C PHE F 118 42.95 16.28 -25.21
N PRO F 119 43.29 17.13 -26.17
CA PRO F 119 43.05 18.56 -26.00
C PRO F 119 41.57 18.86 -26.09
N PRO F 120 41.10 19.93 -25.44
CA PRO F 120 39.70 20.35 -25.63
C PRO F 120 39.45 20.70 -27.09
N SER F 121 38.41 20.08 -27.64
CA SER F 121 38.13 20.23 -29.08
C SER F 121 37.82 21.68 -29.41
N ASP F 122 38.20 22.09 -30.62
CA ASP F 122 37.94 23.45 -31.07
C ASP F 122 36.43 23.75 -31.05
N GLU F 123 35.60 22.74 -31.23
CA GLU F 123 34.16 22.92 -31.17
C GLU F 123 33.66 23.12 -29.75
N GLN F 124 34.15 22.32 -28.80
CA GLN F 124 33.83 22.60 -27.40
C GLN F 124 34.40 23.94 -26.96
N LEU F 125 35.46 24.41 -27.62
CA LEU F 125 35.98 25.74 -27.33
C LEU F 125 35.18 26.83 -28.02
N LYS F 126 33.85 26.72 -27.99
CA LYS F 126 32.94 27.86 -28.06
C LYS F 126 31.74 27.51 -27.17
N SER F 127 31.93 27.54 -25.85
CA SER F 127 30.80 27.43 -24.93
C SER F 127 31.05 28.22 -23.66
N GLY F 128 32.31 28.56 -23.40
CA GLY F 128 32.73 29.04 -22.10
C GLY F 128 33.35 27.99 -21.21
N THR F 129 33.51 26.75 -21.68
CA THR F 129 34.14 25.69 -20.90
C THR F 129 35.10 24.90 -21.77
N ALA F 130 36.24 24.52 -21.19
CA ALA F 130 37.17 23.59 -21.80
C ALA F 130 37.20 22.29 -21.00
N SER F 131 37.31 21.17 -21.70
CA SER F 131 37.44 19.87 -21.07
C SER F 131 38.66 19.16 -21.65
N VAL F 132 39.69 18.99 -20.83
CA VAL F 132 40.79 18.10 -21.15
C VAL F 132 40.48 16.73 -20.60
N VAL F 133 40.72 15.69 -21.40
CA VAL F 133 40.47 14.31 -20.99
C VAL F 133 41.79 13.57 -20.97
N CYS F 134 42.06 12.88 -19.85
CA CYS F 134 43.22 12.03 -19.69
C CYS F 134 42.73 10.58 -19.59
N LEU F 135 43.16 9.75 -20.53
CA LEU F 135 42.78 8.35 -20.56
C LEU F 135 43.89 7.47 -19.99
N LEU F 136 43.53 6.60 -19.05
CA LEU F 136 44.37 5.50 -18.61
C LEU F 136 43.74 4.22 -19.12
N ASN F 137 44.48 3.46 -19.91
CA ASN F 137 43.93 2.29 -20.59
C ASN F 137 44.55 1.01 -20.05
N ASN F 138 43.69 0.07 -19.66
CA ASN F 138 44.05 -1.35 -19.49
C ASN F 138 45.20 -1.53 -18.49
N PHE F 139 44.90 -1.21 -17.23
CA PHE F 139 45.89 -1.34 -16.16
C PHE F 139 45.32 -2.13 -15.00
N TYR F 140 46.22 -2.69 -14.19
CA TYR F 140 45.95 -3.38 -12.94
C TYR F 140 47.17 -3.14 -12.05
N PRO F 141 46.99 -2.90 -10.75
CA PRO F 141 45.74 -2.83 -9.99
C PRO F 141 44.96 -1.54 -10.22
N ARG F 142 43.75 -1.47 -9.66
CA ARG F 142 42.91 -0.29 -9.76
C ARG F 142 43.42 0.87 -8.91
N GLU F 143 44.20 0.60 -7.87
CA GLU F 143 44.63 1.63 -6.92
C GLU F 143 45.67 2.51 -7.62
N ALA F 144 45.16 3.43 -8.44
CA ALA F 144 45.97 4.36 -9.23
C ALA F 144 45.67 5.80 -8.80
N LYS F 145 46.37 6.75 -9.42
CA LYS F 145 46.31 8.14 -9.01
C LYS F 145 46.66 9.06 -10.18
N VAL F 146 45.88 10.14 -10.33
CA VAL F 146 46.02 11.08 -11.45
C VAL F 146 45.99 12.50 -10.91
N GLN F 147 46.89 13.34 -11.43
CA GLN F 147 46.96 14.76 -11.06
C GLN F 147 47.14 15.61 -12.31
N TRP F 148 46.42 16.73 -12.35
CA TRP F 148 46.47 17.70 -13.43
C TRP F 148 47.41 18.85 -13.10
N LYS F 149 48.04 19.39 -14.15
CA LYS F 149 49.09 20.40 -14.12
C LYS F 149 48.68 21.49 -15.08
N VAL F 150 48.23 22.64 -14.59
CA VAL F 150 47.92 23.77 -15.47
C VAL F 150 48.98 24.84 -15.25
N ASP F 151 49.87 25.02 -16.23
CA ASP F 151 51.03 25.90 -16.07
C ASP F 151 51.79 25.57 -14.78
N ASN F 152 51.88 24.27 -14.50
CA ASN F 152 52.56 23.71 -13.32
C ASN F 152 51.90 24.14 -12.01
N ALA F 153 50.67 24.66 -12.07
CA ALA F 153 50.04 25.10 -10.83
C ALA F 153 49.52 23.95 -9.97
N LEU F 154 49.20 22.77 -10.56
CA LEU F 154 48.50 21.71 -9.81
C LEU F 154 47.06 22.06 -9.40
N GLN F 155 46.10 21.35 -9.96
CA GLN F 155 44.71 21.72 -9.72
C GLN F 155 44.06 20.86 -8.64
N SER F 156 42.97 21.39 -8.08
CA SER F 156 42.21 20.72 -7.04
C SER F 156 40.76 21.20 -7.10
N GLY F 157 39.82 20.26 -7.06
CA GLY F 157 38.41 20.59 -7.03
C GLY F 157 37.77 20.82 -8.37
N ASN F 158 38.48 20.61 -9.47
CA ASN F 158 37.95 20.91 -10.79
C ASN F 158 38.13 19.74 -11.76
N SER F 159 38.32 18.54 -11.23
CA SER F 159 38.45 17.32 -12.02
C SER F 159 37.46 16.29 -11.52
N GLN F 160 37.11 15.35 -12.40
CA GLN F 160 36.23 14.25 -12.05
C GLN F 160 36.70 12.99 -12.76
N GLU F 161 36.66 11.86 -12.07
CA GLU F 161 37.16 10.60 -12.58
C GLU F 161 36.02 9.62 -12.82
N SER F 162 36.26 8.71 -13.77
CA SER F 162 35.35 7.60 -14.02
C SER F 162 36.19 6.37 -14.34
N VAL F 163 35.84 5.23 -13.73
CA VAL F 163 36.58 3.98 -13.90
C VAL F 163 35.64 2.92 -14.43
N THR F 164 36.08 2.19 -15.45
CA THR F 164 35.31 1.08 -15.98
C THR F 164 35.36 -0.12 -15.03
N GLU F 165 34.40 -1.01 -15.21
CA GLU F 165 34.46 -2.30 -14.53
C GLU F 165 35.59 -3.14 -15.12
N GLN F 166 36.03 -4.13 -14.35
CA GLN F 166 37.12 -4.98 -14.82
C GLN F 166 36.71 -5.71 -16.10
N ASP F 167 37.64 -5.78 -17.04
CA ASP F 167 37.37 -6.46 -18.30
C ASP F 167 37.26 -7.97 -18.09
N SER F 168 36.29 -8.58 -18.78
CA SER F 168 36.04 -10.01 -18.64
C SER F 168 37.13 -10.88 -19.25
N LYS F 169 38.01 -10.30 -20.07
CA LYS F 169 39.13 -11.03 -20.66
C LYS F 169 40.48 -10.50 -20.19
N ASP F 170 40.69 -9.19 -20.25
CA ASP F 170 41.93 -8.58 -19.77
C ASP F 170 42.07 -8.70 -18.26
N SER F 171 40.95 -8.65 -17.53
CA SER F 171 40.94 -8.42 -16.08
C SER F 171 41.58 -7.09 -15.72
N THR F 172 41.45 -6.08 -16.59
CA THR F 172 42.04 -4.77 -16.37
C THR F 172 40.94 -3.71 -16.26
N TYR F 173 41.34 -2.54 -15.79
CA TYR F 173 40.48 -1.37 -15.69
C TYR F 173 40.95 -0.28 -16.64
N SER F 174 40.09 0.70 -16.86
CA SER F 174 40.44 1.93 -17.55
C SER F 174 39.83 3.10 -16.80
N LEU F 175 40.56 4.22 -16.75
CA LEU F 175 40.14 5.41 -16.02
C LEU F 175 40.12 6.61 -16.95
N SER F 176 39.17 7.52 -16.70
CA SER F 176 39.07 8.78 -17.42
C SER F 176 38.99 9.91 -16.41
N SER F 177 39.84 10.92 -16.58
CA SER F 177 39.82 12.11 -15.75
C SER F 177 39.52 13.32 -16.64
N THR F 178 38.49 14.08 -16.27
CA THR F 178 38.08 15.23 -17.07
C THR F 178 38.33 16.51 -16.28
N LEU F 179 39.13 17.39 -16.87
CA LEU F 179 39.48 18.68 -16.29
C LEU F 179 38.55 19.73 -16.88
N THR F 180 37.63 20.26 -16.07
CA THR F 180 36.67 21.25 -16.55
C THR F 180 37.12 22.64 -16.13
N LEU F 181 37.42 23.48 -17.11
CA LEU F 181 37.93 24.83 -16.89
C LEU F 181 37.06 25.83 -17.64
N SER F 182 36.89 27.00 -17.04
CA SER F 182 36.33 28.13 -17.76
C SER F 182 37.18 28.40 -19.00
N LYS F 183 36.52 28.63 -20.14
CA LYS F 183 37.26 28.88 -21.37
C LYS F 183 38.20 30.07 -21.21
N ALA F 184 37.74 31.11 -20.52
CA ALA F 184 38.62 32.22 -20.18
C ALA F 184 39.83 31.73 -19.39
N ASP F 185 39.58 30.96 -18.32
CA ASP F 185 40.68 30.39 -17.54
C ASP F 185 41.55 29.48 -18.39
N TYR F 186 40.93 28.73 -19.31
CA TYR F 186 41.71 27.89 -20.21
C TYR F 186 42.57 28.73 -21.15
N GLU F 187 42.10 29.90 -21.54
CA GLU F 187 42.90 30.78 -22.39
C GLU F 187 43.94 31.58 -21.61
N LYS F 188 43.89 31.55 -20.27
CA LYS F 188 44.90 32.24 -19.45
C LYS F 188 46.17 31.42 -19.25
N HIS F 189 46.20 30.16 -19.71
CA HIS F 189 47.31 29.27 -19.42
C HIS F 189 47.61 28.41 -20.64
N LYS F 190 48.88 28.05 -20.82
CA LYS F 190 49.31 27.26 -21.97
C LYS F 190 49.67 25.82 -21.63
N VAL F 191 50.29 25.57 -20.48
CA VAL F 191 50.78 24.24 -20.14
C VAL F 191 49.68 23.46 -19.45
N TYR F 192 49.24 22.38 -20.09
CA TYR F 192 48.19 21.50 -19.59
C TYR F 192 48.76 20.09 -19.55
N ALA F 193 48.97 19.57 -18.35
CA ALA F 193 49.66 18.30 -18.16
C ALA F 193 48.84 17.36 -17.29
N CYS F 194 48.88 16.08 -17.64
CA CYS F 194 48.27 15.00 -16.85
C CYS F 194 49.39 14.08 -16.39
N GLU F 195 49.51 13.91 -15.07
CA GLU F 195 50.57 13.09 -14.49
C GLU F 195 49.96 11.88 -13.80
N VAL F 196 50.42 10.69 -14.17
CA VAL F 196 49.87 9.43 -13.70
C VAL F 196 50.87 8.72 -12.81
N THR F 197 50.39 8.20 -11.68
CA THR F 197 51.21 7.39 -10.78
C THR F 197 50.48 6.07 -10.55
N HIS F 198 51.16 4.96 -10.82
CA HIS F 198 50.57 3.63 -10.72
C HIS F 198 51.68 2.63 -10.43
N GLN F 199 51.30 1.50 -9.82
CA GLN F 199 52.29 0.51 -9.39
C GLN F 199 53.10 -0.01 -10.57
N GLY F 200 52.47 -0.14 -11.74
CA GLY F 200 53.18 -0.55 -12.93
C GLY F 200 54.06 0.51 -13.56
N LEU F 201 54.15 1.68 -12.94
CA LEU F 201 55.02 2.76 -13.39
C LEU F 201 56.17 2.88 -12.41
N SER F 202 57.39 2.61 -12.90
CA SER F 202 58.57 2.77 -12.05
C SER F 202 58.75 4.22 -11.64
N SER F 203 58.51 5.15 -12.56
CA SER F 203 58.47 6.57 -12.29
C SER F 203 57.17 7.15 -12.81
N PRO F 204 56.67 8.22 -12.19
CA PRO F 204 55.41 8.82 -12.65
C PRO F 204 55.51 9.25 -14.12
N VAL F 205 54.41 9.04 -14.85
CA VAL F 205 54.32 9.30 -16.28
C VAL F 205 53.46 10.53 -16.49
N THR F 206 53.91 11.43 -17.38
CA THR F 206 53.22 12.69 -17.61
C THR F 206 52.98 12.89 -19.10
N LYS F 207 51.74 13.20 -19.46
CA LYS F 207 51.35 13.58 -20.81
C LYS F 207 50.84 15.02 -20.79
N SER F 208 51.18 15.78 -21.83
CA SER F 208 50.85 17.19 -21.85
C SER F 208 50.78 17.72 -23.28
N PHE F 209 50.09 18.86 -23.41
CA PHE F 209 50.02 19.64 -24.64
C PHE F 209 50.13 21.12 -24.26
N ASN F 210 50.32 21.97 -25.28
CA ASN F 210 50.34 23.41 -25.11
C ASN F 210 49.14 24.01 -25.84
N ARG F 211 48.49 24.99 -25.21
CA ARG F 211 47.38 25.68 -25.84
C ARG F 211 47.90 26.66 -26.89
#